data_8CFC
#
_entry.id   8CFC
#
_cell.length_a   175.220
_cell.length_b   104.320
_cell.length_c   107.580
_cell.angle_alpha   90.00
_cell.angle_beta   100.55
_cell.angle_gamma   90.00
#
_symmetry.space_group_name_H-M   'C 1 2 1'
#
loop_
_entity.id
_entity.type
_entity.pdbx_description
1 polymer Adenosylhomocysteinase
2 non-polymer NICOTINAMIDE-ADENINE-DINUCLEOTIDE
3 non-polymer ADENINE
4 non-polymer 'POTASSIUM ION'
5 non-polymer 'PHOSPHATE ION'
6 non-polymer [(2R)-oxan-2-yl]methanamine
7 non-polymer 'DIMETHYL SULFOXIDE'
8 water water
#
_entity_poly.entity_id   1
_entity_poly.type   'polypeptide(L)'
_entity_poly.pdbx_seq_one_letter_code
;SNAMSAVMTPAGFTDYKVADITLAAWGRRELIIAESEMPALMGLRRKYAGQQPLKGAKILGCIHMTIQTGVLIETLVALG
AEVRWSSCNIFSTQDQAAAAIAAAGIPVFAWKGETEEEYEWCIEQTILKDGQPWDANMVLDDGGDLTEILHKKYPQMLER
IHGITEETTTGVHRLLDMLKNGTLKVPAINVNDSVTKSKNDNKYGCRHSLNDAIKRGTDHLLSGKQALVIGYGDVGKGSS
QSLRQEGMIVKVAEVDPICAMQACMDGFEVVSPYKNGINDGTEASIDAALLGKIDLIVTTTGNVNVCDANMLKALKKRAV
VCNIGHFDNEIDTAFMRKNWAWEEVKPQVHKIHRTGKDGFDAHNDDYLILLAEGRLVNLGNATGHPSRIMDGSFANQVLA
QIHLFEQKYADLPAAEKAKRLSVEVLPKKLDEEVALEMVKGFGGVVTQLTPKQAEYIGVSVEGPFKPDTYRY
;
_entity_poly.pdbx_strand_id   A,B,C,D
#
loop_
_chem_comp.id
_chem_comp.type
_chem_comp.name
_chem_comp.formula
ADE non-polymer ADENINE 'C5 H5 N5'
DMS non-polymer 'DIMETHYL SULFOXIDE' 'C2 H6 O S'
K non-polymer 'POTASSIUM ION' 'K 1'
NAD non-polymer NICOTINAMIDE-ADENINE-DINUCLEOTIDE 'C21 H27 N7 O14 P2'
PO4 non-polymer 'PHOSPHATE ION' 'O4 P -3'
UHR non-polymer [(2R)-oxan-2-yl]methanamine 'C6 H13 N O'
#
# COMPACT_ATOMS: atom_id res chain seq x y z
N ALA A 11 -2.64 -22.96 -48.06
CA ALA A 11 -3.15 -23.79 -49.15
C ALA A 11 -3.39 -25.24 -48.69
N GLY A 12 -4.63 -25.53 -48.31
CA GLY A 12 -5.01 -26.87 -47.93
C GLY A 12 -4.45 -27.35 -46.61
N PHE A 13 -4.08 -26.45 -45.70
CA PHE A 13 -3.59 -26.85 -44.39
C PHE A 13 -4.74 -27.32 -43.53
N THR A 14 -4.68 -28.57 -43.09
CA THR A 14 -5.73 -29.15 -42.25
C THR A 14 -5.22 -29.78 -40.96
N ASP A 15 -3.93 -29.63 -40.65
CA ASP A 15 -3.28 -30.37 -39.57
C ASP A 15 -3.38 -29.57 -38.27
N TYR A 16 -4.61 -29.45 -37.78
CA TYR A 16 -4.92 -28.66 -36.59
C TYR A 16 -6.36 -28.96 -36.17
N LYS A 17 -6.69 -28.55 -34.93
CA LYS A 17 -8.07 -28.57 -34.49
C LYS A 17 -8.26 -27.45 -33.46
N VAL A 18 -9.14 -26.50 -33.79
CA VAL A 18 -9.42 -25.34 -32.94
C VAL A 18 -10.91 -25.11 -32.91
N ALA A 19 -11.34 -24.22 -32.00
CA ALA A 19 -12.76 -23.94 -31.84
C ALA A 19 -13.35 -23.29 -33.08
N ASP A 20 -12.66 -22.29 -33.64
CA ASP A 20 -13.28 -21.47 -34.70
C ASP A 20 -12.15 -20.74 -35.46
N ILE A 21 -11.83 -21.24 -36.66
CA ILE A 21 -10.73 -20.70 -37.42
C ILE A 21 -10.96 -19.24 -37.82
N THR A 22 -12.22 -18.80 -37.89
CA THR A 22 -12.50 -17.44 -38.32
C THR A 22 -12.12 -16.39 -37.26
N LEU A 23 -11.69 -16.82 -36.08
CA LEU A 23 -11.19 -15.91 -35.05
C LEU A 23 -9.74 -15.50 -35.30
N ALA A 24 -9.15 -15.94 -36.41
CA ALA A 24 -7.72 -15.80 -36.62
C ALA A 24 -7.32 -14.33 -36.77
N ALA A 25 -8.11 -13.56 -37.53
CA ALA A 25 -7.76 -12.15 -37.72
C ALA A 25 -7.73 -11.41 -36.40
N TRP A 26 -8.72 -11.68 -35.54
CA TRP A 26 -8.73 -11.10 -34.20
C TRP A 26 -7.49 -11.53 -33.42
N GLY A 27 -7.18 -12.83 -33.44
CA GLY A 27 -5.96 -13.30 -32.77
C GLY A 27 -4.70 -12.62 -33.27
N ARG A 28 -4.62 -12.39 -34.59
CA ARG A 28 -3.43 -11.75 -35.15
C ARG A 28 -3.31 -10.30 -34.68
N ARG A 29 -4.44 -9.59 -34.59
CA ARG A 29 -4.39 -8.24 -34.04
C ARG A 29 -3.84 -8.24 -32.62
N GLU A 30 -4.23 -9.22 -31.81
CA GLU A 30 -3.76 -9.26 -30.44
C GLU A 30 -2.31 -9.73 -30.36
N LEU A 31 -1.86 -10.58 -31.30
CA LEU A 31 -0.45 -10.95 -31.32
C LEU A 31 0.43 -9.76 -31.64
N ILE A 32 -0.01 -8.93 -32.59
CA ILE A 32 0.77 -7.76 -32.97
C ILE A 32 0.90 -6.80 -31.79
N ILE A 33 -0.16 -6.65 -30.98
CA ILE A 33 -0.06 -5.87 -29.75
C ILE A 33 0.87 -6.55 -28.75
N ALA A 34 0.72 -7.86 -28.56
CA ALA A 34 1.55 -8.55 -27.58
C ALA A 34 3.03 -8.47 -27.93
N GLU A 35 3.36 -8.53 -29.22
CA GLU A 35 4.76 -8.40 -29.61
C GLU A 35 5.36 -7.10 -29.08
N SER A 36 4.59 -6.00 -29.10
CA SER A 36 5.12 -4.74 -28.58
C SER A 36 5.27 -4.75 -27.06
N GLU A 37 4.65 -5.72 -26.38
CA GLU A 37 4.72 -5.86 -24.93
C GLU A 37 5.77 -6.86 -24.48
N MET A 38 6.49 -7.49 -25.41
CA MET A 38 7.39 -8.60 -25.09
C MET A 38 8.77 -8.34 -25.67
N PRO A 39 9.48 -7.32 -25.16
CA PRO A 39 10.76 -6.94 -25.78
C PRO A 39 11.86 -7.97 -25.63
N ALA A 40 11.90 -8.72 -24.52
CA ALA A 40 12.98 -9.70 -24.40
C ALA A 40 12.81 -10.80 -25.45
N LEU A 41 11.58 -11.28 -25.60
CA LEU A 41 11.32 -12.34 -26.58
C LEU A 41 11.53 -11.85 -28.00
N MET A 42 10.97 -10.67 -28.33
N MET A 42 11.01 -10.66 -28.34
CA MET A 42 11.21 -10.06 -29.64
CA MET A 42 11.22 -10.14 -29.69
C MET A 42 12.69 -9.84 -29.88
C MET A 42 12.68 -9.76 -29.92
N GLY A 43 13.42 -9.41 -28.86
CA GLY A 43 14.85 -9.20 -29.02
C GLY A 43 15.58 -10.47 -29.36
N LEU A 44 15.13 -11.61 -28.79
CA LEU A 44 15.70 -12.89 -29.18
C LEU A 44 15.36 -13.23 -30.62
N ARG A 45 14.12 -12.96 -31.02
CA ARG A 45 13.71 -13.19 -32.40
C ARG A 45 14.60 -12.41 -33.36
N ARG A 46 14.88 -11.14 -33.03
CA ARG A 46 15.72 -10.29 -33.88
C ARG A 46 17.19 -10.72 -33.82
N LYS A 47 17.66 -11.12 -32.65
CA LYS A 47 19.07 -11.46 -32.49
C LYS A 47 19.44 -12.76 -33.22
N TYR A 48 18.55 -13.76 -33.20
CA TYR A 48 18.91 -15.10 -33.65
C TYR A 48 18.30 -15.52 -34.97
N ALA A 49 17.46 -14.69 -35.59
CA ALA A 49 16.72 -15.13 -36.77
C ALA A 49 17.65 -15.49 -37.93
N GLY A 50 18.69 -14.67 -38.16
CA GLY A 50 19.61 -14.96 -39.24
C GLY A 50 20.47 -16.17 -38.99
N GLN A 51 20.79 -16.45 -37.72
CA GLN A 51 21.59 -17.60 -37.36
CA GLN A 51 21.60 -17.61 -37.40
C GLN A 51 20.79 -18.91 -37.43
N GLN A 52 19.47 -18.85 -37.31
CA GLN A 52 18.61 -20.03 -37.34
C GLN A 52 19.10 -21.13 -36.38
N PRO A 53 19.24 -20.81 -35.09
CA PRO A 53 19.80 -21.81 -34.16
C PRO A 53 18.89 -22.99 -33.92
N LEU A 54 17.60 -22.90 -34.25
CA LEU A 54 16.68 -24.01 -34.09
C LEU A 54 16.36 -24.70 -35.40
N LYS A 55 17.15 -24.47 -36.44
CA LYS A 55 16.97 -25.22 -37.68
C LYS A 55 17.21 -26.70 -37.44
N GLY A 56 16.24 -27.52 -37.84
CA GLY A 56 16.27 -28.94 -37.56
C GLY A 56 15.58 -29.35 -36.28
N ALA A 57 15.20 -28.39 -35.43
CA ALA A 57 14.48 -28.71 -34.19
C ALA A 57 13.04 -29.04 -34.52
N LYS A 58 12.52 -30.08 -33.87
CA LYS A 58 11.13 -30.48 -34.02
C LYS A 58 10.57 -30.58 -32.60
N ILE A 59 9.82 -29.56 -32.19
CA ILE A 59 9.48 -29.33 -30.79
C ILE A 59 8.04 -29.77 -30.56
N LEU A 60 7.84 -30.72 -29.64
CA LEU A 60 6.53 -30.97 -29.06
C LEU A 60 6.29 -29.95 -27.97
N GLY A 61 5.24 -29.13 -28.10
CA GLY A 61 4.97 -28.13 -27.07
C GLY A 61 3.63 -28.33 -26.40
N CYS A 62 3.60 -28.26 -25.07
CA CYS A 62 2.36 -28.42 -24.30
C CYS A 62 2.32 -27.31 -23.25
N ILE A 63 1.59 -26.23 -23.55
CA ILE A 63 1.46 -25.10 -22.64
C ILE A 63 0.27 -24.27 -23.08
N HIS A 64 -0.46 -23.73 -22.10
CA HIS A 64 -1.65 -22.88 -22.28
C HIS A 64 -1.62 -22.12 -23.59
N MET A 65 -2.59 -22.38 -24.48
CA MET A 65 -2.57 -21.80 -25.81
C MET A 65 -3.17 -20.39 -25.78
N THR A 66 -2.40 -19.47 -25.22
CA THR A 66 -2.75 -18.06 -25.07
C THR A 66 -2.09 -17.24 -26.17
N ILE A 67 -2.47 -15.96 -26.22
CA ILE A 67 -1.77 -15.02 -27.08
C ILE A 67 -0.29 -14.99 -26.75
N GLN A 68 0.06 -15.04 -25.46
CA GLN A 68 1.47 -14.98 -25.07
C GLN A 68 2.21 -16.20 -25.62
N THR A 69 1.60 -17.38 -25.49
CA THR A 69 2.20 -18.57 -26.07
C THR A 69 2.31 -18.48 -27.58
N GLY A 70 1.37 -17.78 -28.23
CA GLY A 70 1.49 -17.56 -29.66
C GLY A 70 2.78 -16.84 -30.04
N VAL A 71 3.15 -15.81 -29.27
CA VAL A 71 4.39 -15.10 -29.55
C VAL A 71 5.59 -16.01 -29.32
N LEU A 72 5.53 -16.84 -28.28
CA LEU A 72 6.57 -17.85 -28.06
C LEU A 72 6.68 -18.80 -29.25
N ILE A 73 5.54 -19.38 -29.66
CA ILE A 73 5.52 -20.32 -30.78
C ILE A 73 6.14 -19.69 -32.02
N GLU A 74 5.71 -18.48 -32.37
CA GLU A 74 6.22 -17.90 -33.60
C GLU A 74 7.67 -17.45 -33.49
N THR A 75 8.17 -17.23 -32.27
CA THR A 75 9.60 -16.99 -32.08
C THR A 75 10.39 -18.27 -32.36
N LEU A 76 9.92 -19.40 -31.81
CA LEU A 76 10.62 -20.67 -32.08
C LEU A 76 10.66 -20.98 -33.56
N VAL A 77 9.53 -20.80 -34.25
CA VAL A 77 9.46 -21.01 -35.69
C VAL A 77 10.39 -20.04 -36.43
N ALA A 78 10.36 -18.75 -36.03
CA ALA A 78 11.23 -17.76 -36.67
C ALA A 78 12.71 -18.12 -36.53
N LEU A 79 13.08 -18.83 -35.47
CA LEU A 79 14.45 -19.29 -35.30
C LEU A 79 14.72 -20.61 -35.99
N GLY A 80 13.75 -21.17 -36.72
CA GLY A 80 13.98 -22.33 -37.56
C GLY A 80 13.27 -23.60 -37.13
N ALA A 81 12.66 -23.64 -35.96
CA ALA A 81 12.00 -24.84 -35.46
C ALA A 81 10.71 -25.15 -36.22
N GLU A 82 10.39 -26.43 -36.28
CA GLU A 82 9.03 -26.92 -36.51
C GLU A 82 8.42 -27.28 -35.16
N VAL A 83 7.12 -27.04 -34.98
CA VAL A 83 6.47 -27.38 -33.73
C VAL A 83 5.14 -28.08 -33.99
N ARG A 84 4.67 -28.81 -32.96
CA ARG A 84 3.30 -29.31 -32.88
C ARG A 84 2.81 -29.04 -31.46
N TRP A 85 1.66 -28.36 -31.33
CA TRP A 85 1.31 -27.71 -30.07
C TRP A 85 -0.04 -28.16 -29.52
N SER A 86 -0.13 -28.22 -28.19
CA SER A 86 -1.39 -28.41 -27.47
C SER A 86 -1.35 -27.54 -26.22
N SER A 87 -2.52 -27.37 -25.59
CA SER A 87 -2.58 -26.67 -24.32
C SER A 87 -2.37 -27.66 -23.17
N CYS A 88 -1.89 -27.15 -22.04
CA CYS A 88 -1.70 -27.98 -20.87
C CYS A 88 -2.84 -27.85 -19.87
N ASN A 89 -3.94 -27.20 -20.26
CA ASN A 89 -5.12 -27.15 -19.40
C ASN A 89 -6.37 -27.06 -20.27
N ILE A 90 -7.45 -27.68 -19.81
CA ILE A 90 -8.69 -27.74 -20.58
C ILE A 90 -9.39 -26.39 -20.68
N PHE A 91 -9.07 -25.41 -19.83
CA PHE A 91 -9.75 -24.12 -19.86
C PHE A 91 -8.86 -22.92 -20.20
N SER A 92 -7.58 -23.13 -20.48
CA SER A 92 -6.66 -22.00 -20.55
C SER A 92 -6.47 -21.46 -21.96
N THR A 93 -6.89 -22.17 -22.99
CA THR A 93 -6.73 -21.68 -24.36
C THR A 93 -7.53 -20.40 -24.58
N GLN A 94 -6.94 -19.44 -25.27
CA GLN A 94 -7.68 -18.34 -25.89
C GLN A 94 -7.94 -18.72 -27.35
N ASP A 95 -9.22 -18.89 -27.69
CA ASP A 95 -9.55 -19.46 -29.00
C ASP A 95 -9.05 -18.60 -30.15
N GLN A 96 -8.95 -17.28 -29.97
CA GLN A 96 -8.44 -16.45 -31.06
C GLN A 96 -6.93 -16.63 -31.22
N ALA A 97 -6.22 -16.98 -30.15
CA ALA A 97 -4.79 -17.27 -30.26
C ALA A 97 -4.57 -18.58 -31.00
N ALA A 98 -5.33 -19.62 -30.63
CA ALA A 98 -5.23 -20.89 -31.32
C ALA A 98 -5.55 -20.74 -32.81
N ALA A 99 -6.59 -19.97 -33.13
CA ALA A 99 -6.97 -19.81 -34.54
C ALA A 99 -5.89 -19.10 -35.34
N ALA A 100 -5.27 -18.07 -34.74
CA ALA A 100 -4.20 -17.36 -35.45
C ALA A 100 -3.02 -18.27 -35.71
N ILE A 101 -2.66 -19.12 -34.75
CA ILE A 101 -1.54 -20.03 -34.93
C ILE A 101 -1.85 -21.07 -36.02
N ALA A 102 -3.06 -21.64 -35.99
CA ALA A 102 -3.45 -22.58 -37.05
C ALA A 102 -3.48 -21.91 -38.41
N ALA A 103 -4.02 -20.69 -38.49
CA ALA A 103 -4.06 -19.99 -39.76
C ALA A 103 -2.66 -19.71 -40.30
N ALA A 104 -1.65 -19.67 -39.43
CA ALA A 104 -0.27 -19.52 -39.85
C ALA A 104 0.34 -20.83 -40.35
N GLY A 105 -0.44 -21.91 -40.42
CA GLY A 105 0.07 -23.17 -40.89
C GLY A 105 0.87 -23.95 -39.87
N ILE A 106 0.61 -23.73 -38.60
CA ILE A 106 1.33 -24.38 -37.50
C ILE A 106 0.36 -25.37 -36.83
N PRO A 107 0.74 -26.63 -36.69
CA PRO A 107 -0.16 -27.60 -36.04
C PRO A 107 -0.42 -27.25 -34.58
N VAL A 108 -1.69 -27.04 -34.25
CA VAL A 108 -2.12 -26.73 -32.89
C VAL A 108 -3.46 -27.42 -32.66
N PHE A 109 -3.60 -28.02 -31.48
CA PHE A 109 -4.80 -28.79 -31.11
C PHE A 109 -5.20 -28.29 -29.72
N ALA A 110 -6.16 -27.35 -29.69
CA ALA A 110 -6.45 -26.64 -28.44
C ALA A 110 -7.69 -25.79 -28.59
N TRP A 111 -8.53 -25.82 -27.57
CA TRP A 111 -9.68 -24.93 -27.48
C TRP A 111 -10.08 -24.79 -26.02
N LYS A 112 -10.79 -23.70 -25.73
CA LYS A 112 -11.27 -23.47 -24.37
C LYS A 112 -12.47 -24.36 -24.09
N GLY A 113 -12.44 -25.06 -22.96
CA GLY A 113 -13.51 -25.97 -22.61
C GLY A 113 -13.38 -27.37 -23.15
N GLU A 114 -12.17 -27.90 -23.27
CA GLU A 114 -11.97 -29.30 -23.61
C GLU A 114 -12.52 -30.21 -22.51
N THR A 115 -13.01 -31.38 -22.92
CA THR A 115 -13.21 -32.49 -22.00
C THR A 115 -11.86 -33.15 -21.71
N GLU A 116 -11.82 -33.98 -20.66
CA GLU A 116 -10.54 -34.65 -20.35
C GLU A 116 -10.11 -35.55 -21.49
N GLU A 117 -11.07 -36.21 -22.15
CA GLU A 117 -10.71 -37.07 -23.27
C GLU A 117 -10.17 -36.24 -24.43
N GLU A 118 -10.78 -35.09 -24.70
CA GLU A 118 -10.29 -34.22 -25.75
C GLU A 118 -8.90 -33.70 -25.42
N TYR A 119 -8.65 -33.39 -24.14
CA TYR A 119 -7.34 -32.93 -23.71
C TYR A 119 -6.26 -33.95 -24.04
N GLU A 120 -6.49 -35.23 -23.71
CA GLU A 120 -5.53 -36.28 -24.05
C GLU A 120 -5.40 -36.46 -25.55
N TRP A 121 -6.52 -36.41 -26.26
CA TRP A 121 -6.49 -36.51 -27.72
C TRP A 121 -5.61 -35.41 -28.33
N CYS A 122 -5.75 -34.16 -27.83
CA CYS A 122 -4.93 -33.06 -28.36
C CYS A 122 -3.45 -33.32 -28.17
N ILE A 123 -3.04 -33.81 -27.00
CA ILE A 123 -1.62 -34.07 -26.80
C ILE A 123 -1.15 -35.14 -27.77
N GLU A 124 -1.95 -36.20 -27.93
CA GLU A 124 -1.58 -37.27 -28.86
C GLU A 124 -1.51 -36.79 -30.30
N GLN A 125 -2.31 -35.78 -30.67
CA GLN A 125 -2.22 -35.24 -32.02
C GLN A 125 -0.89 -34.51 -32.27
N THR A 126 -0.26 -33.99 -31.21
CA THR A 126 1.07 -33.43 -31.41
C THR A 126 2.11 -34.54 -31.55
N ILE A 127 1.94 -35.63 -30.79
CA ILE A 127 2.89 -36.74 -30.79
C ILE A 127 2.85 -37.51 -32.09
N LEU A 128 1.64 -37.77 -32.61
CA LEU A 128 1.45 -38.52 -33.85
C LEU A 128 1.23 -37.56 -35.01
N LYS A 129 1.90 -37.82 -36.14
CA LYS A 129 1.63 -37.14 -37.39
C LYS A 129 1.28 -38.19 -38.42
N ASP A 130 0.07 -38.11 -38.97
CA ASP A 130 -0.44 -39.09 -39.92
C ASP A 130 -0.43 -40.49 -39.31
N GLY A 131 -0.87 -40.58 -38.06
CA GLY A 131 -1.01 -41.86 -37.41
C GLY A 131 0.26 -42.52 -36.97
N GLN A 132 1.40 -41.82 -37.03
CA GLN A 132 2.68 -42.40 -36.66
C GLN A 132 3.46 -41.38 -35.85
N PRO A 133 4.37 -41.84 -34.99
CA PRO A 133 5.15 -40.89 -34.18
C PRO A 133 5.88 -39.89 -35.07
N TRP A 134 5.66 -38.61 -34.76
CA TRP A 134 6.47 -37.55 -35.35
C TRP A 134 7.92 -37.70 -34.92
N ASP A 135 8.85 -37.33 -35.79
CA ASP A 135 10.27 -37.40 -35.45
C ASP A 135 10.68 -36.20 -34.59
N ALA A 136 10.05 -36.10 -33.42
CA ALA A 136 10.34 -35.01 -32.50
C ALA A 136 11.76 -35.15 -31.95
N ASN A 137 12.40 -34.02 -31.69
CA ASN A 137 13.68 -34.07 -30.99
C ASN A 137 13.80 -33.07 -29.84
N MET A 138 12.74 -32.31 -29.52
CA MET A 138 12.74 -31.40 -28.39
C MET A 138 11.35 -31.39 -27.75
N VAL A 139 11.29 -31.08 -26.45
CA VAL A 139 10.03 -31.00 -25.71
C VAL A 139 9.99 -29.70 -24.94
N LEU A 140 8.89 -28.95 -25.08
CA LEU A 140 8.57 -27.81 -24.21
C LEU A 140 7.28 -28.14 -23.48
N ASP A 141 7.31 -28.11 -22.14
CA ASP A 141 6.22 -28.58 -21.32
C ASP A 141 5.94 -27.60 -20.19
N ASP A 142 4.69 -27.64 -19.71
CA ASP A 142 4.23 -26.80 -18.60
C ASP A 142 3.38 -27.73 -17.74
N GLY A 143 3.98 -28.30 -16.69
CA GLY A 143 3.29 -29.15 -15.74
C GLY A 143 3.62 -30.64 -15.86
N GLY A 144 4.24 -31.07 -16.94
CA GLY A 144 4.74 -32.44 -17.03
C GLY A 144 3.81 -33.47 -17.67
N ASP A 145 2.62 -33.08 -18.13
CA ASP A 145 1.69 -34.05 -18.69
C ASP A 145 2.23 -34.65 -19.99
N LEU A 146 2.77 -33.81 -20.87
CA LEU A 146 3.37 -34.32 -22.11
C LEU A 146 4.59 -35.17 -21.79
N THR A 147 5.41 -34.72 -20.85
CA THR A 147 6.60 -35.46 -20.46
C THR A 147 6.22 -36.84 -19.93
N GLU A 148 5.13 -36.91 -19.17
CA GLU A 148 4.69 -38.19 -18.60
C GLU A 148 4.18 -39.13 -19.69
N ILE A 149 3.37 -38.62 -20.61
CA ILE A 149 2.86 -39.44 -21.71
C ILE A 149 4.00 -39.98 -22.57
N LEU A 150 5.00 -39.14 -22.85
CA LEU A 150 6.15 -39.63 -23.62
C LEU A 150 6.87 -40.76 -22.89
N HIS A 151 7.17 -40.58 -21.60
CA HIS A 151 7.89 -41.63 -20.88
C HIS A 151 7.06 -42.89 -20.71
N LYS A 152 5.75 -42.74 -20.48
CA LYS A 152 4.93 -43.92 -20.22
C LYS A 152 4.53 -44.65 -21.50
N LYS A 153 4.17 -43.90 -22.54
CA LYS A 153 3.50 -44.47 -23.70
C LYS A 153 4.33 -44.42 -24.97
N TYR A 154 5.27 -43.48 -25.09
CA TYR A 154 6.11 -43.39 -26.30
C TYR A 154 7.61 -43.34 -25.95
N PRO A 155 8.11 -44.29 -25.15
CA PRO A 155 9.52 -44.21 -24.75
C PRO A 155 10.48 -44.23 -25.93
N GLN A 156 10.12 -44.89 -27.02
CA GLN A 156 11.01 -44.94 -28.19
C GLN A 156 11.22 -43.54 -28.79
N MET A 157 10.23 -42.66 -28.67
CA MET A 157 10.43 -41.30 -29.16
C MET A 157 11.47 -40.54 -28.35
N LEU A 158 11.58 -40.82 -27.04
CA LEU A 158 12.56 -40.09 -26.24
C LEU A 158 14.00 -40.41 -26.63
N GLU A 159 14.25 -41.55 -27.26
CA GLU A 159 15.61 -41.86 -27.69
C GLU A 159 16.16 -40.79 -28.64
N ARG A 160 15.28 -40.11 -29.37
CA ARG A 160 15.69 -39.10 -30.35
C ARG A 160 15.56 -37.68 -29.82
N ILE A 161 15.14 -37.49 -28.58
CA ILE A 161 14.85 -36.15 -28.05
C ILE A 161 16.06 -35.65 -27.26
N HIS A 162 16.48 -34.42 -27.56
CA HIS A 162 17.68 -33.86 -26.93
C HIS A 162 17.40 -33.27 -25.54
N GLY A 163 16.15 -32.91 -25.22
CA GLY A 163 15.93 -32.26 -23.93
C GLY A 163 14.48 -31.84 -23.77
N ILE A 164 14.14 -31.54 -22.53
CA ILE A 164 12.84 -30.99 -22.12
C ILE A 164 13.10 -29.64 -21.48
N THR A 165 12.30 -28.64 -21.84
CA THR A 165 12.36 -27.35 -21.15
C THR A 165 11.03 -27.17 -20.43
N GLU A 166 11.07 -27.22 -19.08
CA GLU A 166 9.86 -27.30 -18.26
C GLU A 166 9.59 -25.96 -17.61
N GLU A 167 8.34 -25.52 -17.72
CA GLU A 167 7.94 -24.17 -17.38
C GLU A 167 7.67 -23.96 -15.89
N THR A 168 7.11 -24.93 -15.19
CA THR A 168 6.45 -24.58 -13.93
C THR A 168 6.86 -25.50 -12.78
N THR A 169 6.66 -24.99 -11.56
CA THR A 169 7.14 -25.65 -10.34
C THR A 169 6.70 -27.11 -10.27
N THR A 170 5.42 -27.35 -10.52
CA THR A 170 4.89 -28.71 -10.45
C THR A 170 5.58 -29.63 -11.45
N GLY A 171 5.82 -29.14 -12.67
CA GLY A 171 6.52 -29.96 -13.66
C GLY A 171 7.95 -30.25 -13.25
N VAL A 172 8.63 -29.27 -12.65
CA VAL A 172 10.00 -29.51 -12.20
C VAL A 172 10.02 -30.56 -11.09
N HIS A 173 9.06 -30.50 -10.16
CA HIS A 173 9.00 -31.53 -9.13
C HIS A 173 8.87 -32.92 -9.76
N ARG A 174 8.03 -33.04 -10.78
CA ARG A 174 7.88 -34.34 -11.43
C ARG A 174 9.16 -34.79 -12.13
N LEU A 175 9.90 -33.84 -12.73
CA LEU A 175 11.18 -34.20 -13.34
C LEU A 175 12.16 -34.71 -12.30
N LEU A 176 12.26 -33.99 -11.18
CA LEU A 176 13.21 -34.39 -10.14
C LEU A 176 12.86 -35.73 -9.53
N ASP A 177 11.57 -36.04 -9.41
CA ASP A 177 11.16 -37.37 -8.97
C ASP A 177 11.67 -38.43 -9.93
N MET A 178 11.48 -38.22 -11.23
CA MET A 178 11.98 -39.19 -12.20
C MET A 178 13.49 -39.32 -12.12
N LEU A 179 14.18 -38.19 -11.98
CA LEU A 179 15.64 -38.24 -11.91
C LEU A 179 16.10 -39.07 -10.73
N LYS A 180 15.50 -38.87 -9.55
CA LYS A 180 15.94 -39.65 -8.39
C LYS A 180 15.56 -41.13 -8.53
N ASN A 181 14.44 -41.43 -9.21
CA ASN A 181 14.03 -42.81 -9.44
C ASN A 181 14.75 -43.47 -10.60
N GLY A 182 15.58 -42.75 -11.35
CA GLY A 182 16.25 -43.34 -12.50
C GLY A 182 15.37 -43.59 -13.71
N THR A 183 14.24 -42.89 -13.82
CA THR A 183 13.32 -43.06 -14.94
C THR A 183 13.31 -41.89 -15.91
N LEU A 184 14.05 -40.81 -15.64
CA LEU A 184 14.13 -39.70 -16.58
C LEU A 184 15.05 -40.08 -17.74
N LYS A 185 14.57 -39.91 -18.98
CA LYS A 185 15.29 -40.42 -20.14
C LYS A 185 16.11 -39.38 -20.86
N VAL A 186 15.81 -38.10 -20.68
CA VAL A 186 16.51 -37.01 -21.36
C VAL A 186 16.72 -35.88 -20.37
N PRO A 187 17.74 -35.06 -20.59
CA PRO A 187 18.00 -33.96 -19.65
C PRO A 187 16.94 -32.88 -19.77
N ALA A 188 16.86 -32.04 -18.75
CA ALA A 188 15.87 -30.96 -18.73
C ALA A 188 16.52 -29.67 -18.27
N ILE A 189 15.93 -28.54 -18.70
CA ILE A 189 16.23 -27.26 -18.09
C ILE A 189 15.01 -26.86 -17.29
N ASN A 190 15.23 -26.61 -16.00
CA ASN A 190 14.25 -26.02 -15.11
C ASN A 190 14.13 -24.53 -15.45
N VAL A 191 13.18 -24.19 -16.34
CA VAL A 191 12.96 -22.79 -16.72
C VAL A 191 12.36 -22.02 -15.56
N ASN A 192 11.58 -22.71 -14.73
CA ASN A 192 10.88 -22.06 -13.62
C ASN A 192 11.82 -21.27 -12.72
N ASP A 193 13.00 -21.81 -12.43
CA ASP A 193 13.85 -21.20 -11.43
C ASP A 193 14.86 -20.17 -11.97
N SER A 194 14.71 -19.70 -13.20
CA SER A 194 15.31 -18.40 -13.51
C SER A 194 14.61 -17.34 -12.66
N VAL A 195 15.37 -16.34 -12.21
CA VAL A 195 14.73 -15.30 -11.40
C VAL A 195 13.72 -14.53 -12.25
N THR A 196 14.02 -14.32 -13.54
CA THR A 196 13.10 -13.67 -14.47
C THR A 196 11.91 -14.55 -14.84
N LYS A 197 11.80 -15.74 -14.26
CA LYS A 197 10.60 -16.55 -14.35
C LYS A 197 9.96 -16.63 -12.96
N SER A 198 10.56 -17.39 -12.04
CA SER A 198 9.95 -17.66 -10.74
C SER A 198 9.54 -16.39 -9.99
N LYS A 199 10.41 -15.39 -9.94
CA LYS A 199 10.14 -14.21 -9.15
C LYS A 199 9.55 -13.09 -9.98
N ASN A 200 9.00 -13.42 -11.14
CA ASN A 200 8.35 -12.50 -12.05
C ASN A 200 6.97 -13.08 -12.37
N ASP A 201 6.98 -14.17 -13.15
CA ASP A 201 5.77 -14.88 -13.53
C ASP A 201 5.00 -15.40 -12.32
N ASN A 202 5.64 -16.26 -11.51
CA ASN A 202 4.90 -16.96 -10.46
C ASN A 202 4.29 -15.98 -9.46
N LYS A 203 5.01 -14.92 -9.15
CA LYS A 203 4.58 -13.96 -8.13
C LYS A 203 3.79 -12.82 -8.76
N TYR A 204 4.45 -11.98 -9.56
CA TYR A 204 3.76 -10.79 -10.06
C TYR A 204 2.67 -11.16 -11.08
N GLY A 205 2.84 -12.26 -11.79
CA GLY A 205 1.81 -12.68 -12.72
C GLY A 205 0.49 -12.98 -12.01
N CYS A 206 0.57 -13.69 -10.90
CA CYS A 206 -0.65 -13.96 -10.15
C CYS A 206 -1.17 -12.72 -9.46
N ARG A 207 -0.28 -11.79 -9.09
CA ARG A 207 -0.75 -10.52 -8.56
CA ARG A 207 -0.75 -10.52 -8.56
C ARG A 207 -1.65 -9.81 -9.56
N HIS A 208 -1.25 -9.80 -10.84
CA HIS A 208 -2.06 -9.19 -11.90
C HIS A 208 -3.36 -9.97 -12.12
N SER A 209 -3.28 -11.30 -12.21
CA SER A 209 -4.37 -12.05 -12.84
C SER A 209 -5.33 -12.74 -11.87
N LEU A 210 -4.98 -12.88 -10.59
CA LEU A 210 -5.93 -13.51 -9.67
C LEU A 210 -7.17 -12.65 -9.45
N ASN A 211 -6.98 -11.41 -8.98
CA ASN A 211 -8.16 -10.56 -8.80
CA ASN A 211 -8.15 -10.55 -8.80
C ASN A 211 -8.87 -10.30 -10.13
N ASP A 212 -8.11 -10.26 -11.23
CA ASP A 212 -8.69 -10.15 -12.56
C ASP A 212 -9.71 -11.26 -12.81
N ALA A 213 -9.32 -12.51 -12.60
CA ALA A 213 -10.22 -13.63 -12.84
C ALA A 213 -11.40 -13.65 -11.88
N ILE A 214 -11.20 -13.29 -10.61
CA ILE A 214 -12.31 -13.26 -9.68
C ILE A 214 -13.34 -12.21 -10.11
N LYS A 215 -12.86 -11.03 -10.53
CA LYS A 215 -13.78 -10.00 -10.98
C LYS A 215 -14.54 -10.45 -12.22
N ARG A 216 -13.86 -11.05 -13.21
CA ARG A 216 -14.55 -11.47 -14.42
C ARG A 216 -15.58 -12.56 -14.13
N GLY A 217 -15.27 -13.46 -13.20
CA GLY A 217 -16.19 -14.55 -12.93
C GLY A 217 -17.39 -14.15 -12.10
N THR A 218 -17.19 -13.26 -11.10
CA THR A 218 -18.23 -12.94 -10.14
C THR A 218 -18.61 -11.47 -10.08
N ASP A 219 -17.73 -10.57 -10.53
CA ASP A 219 -17.88 -9.12 -10.32
C ASP A 219 -18.14 -8.76 -8.85
N HIS A 220 -17.64 -9.59 -7.93
CA HIS A 220 -17.76 -9.29 -6.51
C HIS A 220 -16.82 -8.17 -6.09
N LEU A 221 -17.35 -7.24 -5.29
CA LEU A 221 -16.47 -6.38 -4.48
C LEU A 221 -15.55 -7.26 -3.62
N LEU A 222 -14.27 -6.93 -3.62
CA LEU A 222 -13.32 -7.60 -2.74
C LEU A 222 -12.95 -6.78 -1.50
N SER A 223 -12.92 -5.45 -1.62
CA SER A 223 -12.59 -4.58 -0.50
C SER A 223 -13.48 -4.87 0.70
N GLY A 224 -12.87 -4.98 1.88
CA GLY A 224 -13.60 -5.15 3.13
C GLY A 224 -13.95 -6.57 3.47
N LYS A 225 -13.79 -7.51 2.54
CA LYS A 225 -14.13 -8.91 2.74
C LYS A 225 -12.91 -9.71 3.17
N GLN A 226 -13.18 -10.93 3.65
CA GLN A 226 -12.17 -11.78 4.27
C GLN A 226 -11.71 -12.86 3.29
N ALA A 227 -10.38 -12.98 3.11
CA ALA A 227 -9.81 -14.02 2.25
C ALA A 227 -8.91 -14.93 3.06
N LEU A 228 -8.85 -16.19 2.64
CA LEU A 228 -7.88 -17.17 3.13
C LEU A 228 -7.09 -17.67 1.94
N VAL A 229 -5.77 -17.42 1.95
CA VAL A 229 -4.86 -17.92 0.91
C VAL A 229 -4.11 -19.09 1.50
N ILE A 230 -4.24 -20.26 0.87
CA ILE A 230 -3.52 -21.47 1.30
C ILE A 230 -2.20 -21.51 0.53
N GLY A 231 -1.10 -21.29 1.23
CA GLY A 231 0.22 -21.26 0.61
C GLY A 231 0.79 -19.85 0.55
N TYR A 232 2.11 -19.74 0.72
CA TYR A 232 2.82 -18.47 0.62
C TYR A 232 4.19 -18.68 -0.01
N GLY A 233 4.24 -19.53 -1.05
CA GLY A 233 5.38 -19.59 -1.94
C GLY A 233 5.28 -18.47 -2.96
N ASP A 234 5.85 -18.63 -4.15
CA ASP A 234 5.81 -17.49 -5.08
C ASP A 234 4.39 -17.18 -5.52
N VAL A 235 3.60 -18.21 -5.83
CA VAL A 235 2.20 -17.98 -6.22
C VAL A 235 1.40 -17.43 -5.04
N GLY A 236 1.58 -18.00 -3.85
CA GLY A 236 0.84 -17.51 -2.69
C GLY A 236 1.18 -16.08 -2.33
N LYS A 237 2.45 -15.69 -2.49
CA LYS A 237 2.84 -14.31 -2.26
C LYS A 237 2.13 -13.38 -3.23
N GLY A 238 2.18 -13.71 -4.52
CA GLY A 238 1.54 -12.84 -5.51
C GLY A 238 0.03 -12.83 -5.36
N SER A 239 -0.55 -13.98 -5.02
CA SER A 239 -2.00 -14.06 -4.83
C SER A 239 -2.43 -13.22 -3.62
N SER A 240 -1.71 -13.35 -2.52
CA SER A 240 -2.07 -12.59 -1.32
C SER A 240 -2.03 -11.10 -1.59
N GLN A 241 -1.06 -10.66 -2.39
CA GLN A 241 -0.95 -9.25 -2.74
C GLN A 241 -2.08 -8.84 -3.69
N SER A 242 -2.45 -9.72 -4.63
CA SER A 242 -3.56 -9.43 -5.54
C SER A 242 -4.82 -9.08 -4.76
N LEU A 243 -5.05 -9.77 -3.65
CA LEU A 243 -6.24 -9.56 -2.83
C LEU A 243 -6.06 -8.41 -1.84
N ARG A 244 -4.90 -8.30 -1.19
CA ARG A 244 -4.69 -7.23 -0.21
C ARG A 244 -4.71 -5.86 -0.87
N GLN A 245 -4.17 -5.76 -2.09
CA GLN A 245 -4.12 -4.46 -2.74
C GLN A 245 -5.52 -3.97 -3.15
N GLU A 246 -6.49 -4.88 -3.22
CA GLU A 246 -7.89 -4.56 -3.43
C GLU A 246 -8.62 -4.23 -2.14
N GLY A 247 -7.95 -4.32 -1.00
CA GLY A 247 -8.57 -4.03 0.28
C GLY A 247 -9.16 -5.24 0.97
N MET A 248 -8.84 -6.46 0.52
CA MET A 248 -9.29 -7.62 1.28
C MET A 248 -8.52 -7.72 2.59
N ILE A 249 -9.18 -8.30 3.60
CA ILE A 249 -8.52 -8.71 4.84
C ILE A 249 -8.04 -10.14 4.59
N VAL A 250 -6.73 -10.32 4.40
CA VAL A 250 -6.16 -11.58 3.91
C VAL A 250 -5.49 -12.31 5.07
N LYS A 251 -5.86 -13.58 5.27
CA LYS A 251 -5.16 -14.47 6.19
C LYS A 251 -4.45 -15.53 5.34
N VAL A 252 -3.30 -16.00 5.82
CA VAL A 252 -2.43 -16.90 5.06
C VAL A 252 -2.21 -18.17 5.86
N ALA A 253 -2.30 -19.32 5.20
CA ALA A 253 -1.91 -20.61 5.76
C ALA A 253 -0.63 -21.11 5.11
N GLU A 254 0.20 -21.80 5.90
CA GLU A 254 1.45 -22.35 5.38
C GLU A 254 1.86 -23.56 6.21
N VAL A 255 2.55 -24.50 5.56
CA VAL A 255 3.25 -25.57 6.26
C VAL A 255 4.73 -25.24 6.44
N ASP A 256 5.28 -24.29 5.68
CA ASP A 256 6.69 -23.93 5.74
C ASP A 256 6.87 -22.75 6.68
N PRO A 257 7.57 -22.91 7.81
CA PRO A 257 7.69 -21.79 8.77
C PRO A 257 8.44 -20.58 8.22
N ILE A 258 9.37 -20.77 7.28
CA ILE A 258 10.05 -19.62 6.71
C ILE A 258 9.09 -18.79 5.86
N CYS A 259 8.29 -19.46 5.02
CA CYS A 259 7.30 -18.73 4.24
C CYS A 259 6.26 -18.09 5.14
N ALA A 260 5.89 -18.78 6.24
CA ALA A 260 4.97 -18.19 7.21
C ALA A 260 5.58 -16.96 7.88
N MET A 261 6.88 -16.99 8.16
N MET A 261 6.89 -16.99 8.15
CA MET A 261 7.53 -15.81 8.72
CA MET A 261 7.53 -15.81 8.72
C MET A 261 7.41 -14.62 7.78
C MET A 261 7.41 -14.63 7.77
N GLN A 262 7.63 -14.87 6.48
CA GLN A 262 7.51 -13.80 5.50
C GLN A 262 6.09 -13.23 5.48
N ALA A 263 5.07 -14.10 5.55
CA ALA A 263 3.69 -13.61 5.56
C ALA A 263 3.44 -12.68 6.74
N CYS A 264 3.91 -13.06 7.93
CA CYS A 264 3.78 -12.20 9.10
C CYS A 264 4.43 -10.85 8.86
N MET A 265 5.69 -10.85 8.41
CA MET A 265 6.42 -9.61 8.22
C MET A 265 5.82 -8.76 7.12
N ASP A 266 5.15 -9.41 6.16
CA ASP A 266 4.43 -8.72 5.08
C ASP A 266 3.09 -8.18 5.54
N GLY A 267 2.67 -8.45 6.77
CA GLY A 267 1.49 -7.84 7.32
C GLY A 267 0.24 -8.69 7.27
N PHE A 268 0.37 -10.01 7.17
CA PHE A 268 -0.76 -10.93 7.16
C PHE A 268 -0.80 -11.72 8.45
N GLU A 269 -2.02 -12.04 8.89
CA GLU A 269 -2.23 -12.97 9.98
C GLU A 269 -2.07 -14.40 9.43
N VAL A 270 -1.31 -15.22 10.12
CA VAL A 270 -1.06 -16.59 9.67
C VAL A 270 -1.94 -17.53 10.49
N VAL A 271 -2.83 -18.28 9.80
CA VAL A 271 -3.81 -19.13 10.46
C VAL A 271 -3.80 -20.50 9.79
N SER A 272 -4.37 -21.46 10.48
CA SER A 272 -4.57 -22.77 9.88
C SER A 272 -6.05 -23.11 9.80
N PRO A 273 -6.50 -23.79 8.75
CA PRO A 273 -7.90 -24.27 8.71
C PRO A 273 -8.22 -25.23 9.84
N TYR A 274 -7.19 -25.81 10.44
CA TYR A 274 -7.34 -26.84 11.45
C TYR A 274 -6.91 -26.28 12.80
N LYS A 275 -7.65 -26.68 13.84
CA LYS A 275 -7.31 -26.28 15.19
C LYS A 275 -5.90 -26.72 15.52
N ASN A 276 -5.07 -25.77 15.96
CA ASN A 276 -3.65 -25.99 16.26
C ASN A 276 -2.88 -26.54 15.08
N GLY A 277 -3.40 -26.38 13.86
CA GLY A 277 -2.71 -26.85 12.68
C GLY A 277 -2.76 -28.35 12.45
N ILE A 278 -3.56 -29.08 13.20
CA ILE A 278 -3.53 -30.54 13.16
C ILE A 278 -4.74 -31.05 12.38
N ASN A 279 -4.45 -31.69 11.26
CA ASN A 279 -5.43 -32.15 10.26
C ASN A 279 -5.59 -33.66 10.46
N ASP A 280 -6.52 -34.05 11.32
CA ASP A 280 -6.70 -35.46 11.65
C ASP A 280 -7.77 -36.13 10.79
N GLY A 281 -8.32 -35.43 9.80
CA GLY A 281 -9.32 -35.98 8.91
C GLY A 281 -10.74 -35.91 9.40
N THR A 282 -10.99 -35.40 10.60
CA THR A 282 -12.33 -35.30 11.16
C THR A 282 -12.89 -33.89 11.01
N GLU A 283 -14.22 -33.80 11.01
CA GLU A 283 -14.87 -32.50 11.04
C GLU A 283 -14.48 -31.71 12.28
N ALA A 284 -14.23 -32.40 13.39
CA ALA A 284 -13.94 -31.73 14.65
C ALA A 284 -12.65 -30.92 14.60
N SER A 285 -11.69 -31.32 13.77
CA SER A 285 -10.44 -30.57 13.69
C SER A 285 -10.55 -29.26 12.93
N ILE A 286 -11.65 -29.02 12.20
CA ILE A 286 -11.82 -27.80 11.43
C ILE A 286 -12.10 -26.63 12.38
N ASP A 287 -11.37 -25.53 12.18
CA ASP A 287 -11.69 -24.28 12.86
C ASP A 287 -12.94 -23.69 12.21
N ALA A 288 -14.11 -24.09 12.73
CA ALA A 288 -15.37 -23.68 12.13
C ALA A 288 -15.58 -22.17 12.26
N ALA A 289 -15.19 -21.58 13.39
CA ALA A 289 -15.34 -20.14 13.55
C ALA A 289 -14.56 -19.37 12.49
N LEU A 290 -13.31 -19.79 12.23
CA LEU A 290 -12.50 -19.15 11.20
C LEU A 290 -13.12 -19.31 9.81
N LEU A 291 -13.44 -20.54 9.43
CA LEU A 291 -13.89 -20.76 8.06
C LEU A 291 -15.27 -20.15 7.83
N GLY A 292 -16.07 -20.05 8.88
CA GLY A 292 -17.38 -19.41 8.80
C GLY A 292 -17.32 -17.91 8.56
N LYS A 293 -16.13 -17.30 8.61
CA LYS A 293 -15.94 -15.88 8.33
C LYS A 293 -15.35 -15.62 6.95
N ILE A 294 -14.93 -16.65 6.23
CA ILE A 294 -14.12 -16.49 5.03
C ILE A 294 -15.02 -16.34 3.81
N ASP A 295 -14.82 -15.26 3.04
CA ASP A 295 -15.61 -14.98 1.84
C ASP A 295 -14.97 -15.52 0.58
N LEU A 296 -13.67 -15.81 0.62
CA LEU A 296 -12.93 -16.23 -0.57
C LEU A 296 -11.78 -17.08 -0.08
N ILE A 297 -11.63 -18.29 -0.63
CA ILE A 297 -10.46 -19.12 -0.38
C ILE A 297 -9.74 -19.39 -1.70
N VAL A 298 -8.41 -19.27 -1.69
CA VAL A 298 -7.58 -19.48 -2.87
C VAL A 298 -6.47 -20.46 -2.52
N THR A 299 -6.32 -21.52 -3.32
CA THR A 299 -5.24 -22.49 -3.10
C THR A 299 -4.08 -22.21 -4.05
N THR A 300 -2.84 -22.28 -3.50
CA THR A 300 -1.66 -21.90 -4.27
C THR A 300 -0.50 -22.87 -4.08
N THR A 301 -0.75 -24.12 -3.69
CA THR A 301 0.29 -24.95 -3.09
C THR A 301 1.04 -25.88 -4.02
N GLY A 302 0.44 -26.39 -5.10
CA GLY A 302 1.04 -27.53 -5.77
C GLY A 302 0.87 -28.84 -5.04
N ASN A 303 0.13 -28.85 -3.93
CA ASN A 303 -0.08 -30.01 -3.07
C ASN A 303 -1.50 -30.54 -3.28
N VAL A 304 -1.85 -31.60 -2.55
CA VAL A 304 -3.11 -32.31 -2.75
C VAL A 304 -4.04 -32.06 -1.57
N ASN A 305 -5.29 -31.72 -1.87
CA ASN A 305 -6.37 -31.69 -0.88
C ASN A 305 -6.07 -30.69 0.25
N VAL A 306 -5.68 -29.48 -0.14
CA VAL A 306 -5.42 -28.43 0.83
C VAL A 306 -6.66 -27.58 1.09
N CYS A 307 -7.70 -27.73 0.27
CA CYS A 307 -9.04 -27.22 0.57
C CYS A 307 -9.95 -28.45 0.53
N ASP A 308 -10.11 -29.10 1.69
CA ASP A 308 -10.70 -30.44 1.70
C ASP A 308 -12.20 -30.40 1.96
N ALA A 309 -12.81 -31.59 2.00
CA ALA A 309 -14.27 -31.69 2.11
C ALA A 309 -14.79 -31.06 3.39
N ASN A 310 -14.08 -31.25 4.51
CA ASN A 310 -14.53 -30.67 5.77
C ASN A 310 -14.39 -29.15 5.79
N MET A 311 -13.35 -28.62 5.14
CA MET A 311 -13.23 -27.19 4.96
C MET A 311 -14.39 -26.65 4.13
N LEU A 312 -14.71 -27.34 3.02
CA LEU A 312 -15.78 -26.89 2.15
C LEU A 312 -17.14 -26.93 2.87
N LYS A 313 -17.34 -27.90 3.76
CA LYS A 313 -18.58 -27.94 4.54
C LYS A 313 -18.67 -26.79 5.53
N ALA A 314 -17.54 -26.28 6.02
CA ALA A 314 -17.53 -25.28 7.06
C ALA A 314 -17.48 -23.84 6.53
N LEU A 315 -17.24 -23.65 5.24
CA LEU A 315 -17.06 -22.31 4.72
C LEU A 315 -18.34 -21.50 4.88
N LYS A 316 -18.16 -20.19 5.09
CA LYS A 316 -19.27 -19.24 5.09
C LYS A 316 -20.15 -19.44 3.85
N LYS A 317 -21.47 -19.31 4.04
CA LYS A 317 -22.39 -19.33 2.90
C LYS A 317 -21.98 -18.31 1.84
N ARG A 318 -22.02 -18.74 0.58
CA ARG A 318 -21.76 -17.91 -0.61
C ARG A 318 -20.29 -17.50 -0.75
N ALA A 319 -19.39 -18.15 -0.03
CA ALA A 319 -17.97 -17.96 -0.27
C ALA A 319 -17.59 -18.40 -1.69
N VAL A 320 -16.57 -17.76 -2.23
CA VAL A 320 -15.97 -18.12 -3.51
C VAL A 320 -14.78 -19.04 -3.23
N VAL A 321 -14.66 -20.09 -4.03
CA VAL A 321 -13.61 -21.10 -3.92
C VAL A 321 -12.87 -21.17 -5.24
N CYS A 322 -11.54 -21.04 -5.23
CA CYS A 322 -10.79 -21.18 -6.47
C CYS A 322 -9.37 -21.66 -6.20
N ASN A 323 -8.72 -22.08 -7.27
CA ASN A 323 -7.40 -22.68 -7.23
C ASN A 323 -6.54 -21.99 -8.29
N ILE A 324 -5.33 -21.59 -7.90
CA ILE A 324 -4.39 -21.01 -8.86
C ILE A 324 -3.09 -21.81 -8.93
N GLY A 325 -3.04 -22.97 -8.22
CA GLY A 325 -1.99 -23.95 -8.46
C GLY A 325 -2.24 -24.73 -9.74
N HIS A 326 -1.26 -25.54 -10.14
CA HIS A 326 -1.32 -26.13 -11.49
C HIS A 326 -2.48 -27.12 -11.65
N PHE A 327 -2.82 -27.91 -10.63
CA PHE A 327 -3.77 -29.00 -10.80
C PHE A 327 -4.99 -28.78 -9.90
N ASP A 328 -6.16 -29.26 -10.36
CA ASP A 328 -7.39 -29.02 -9.61
C ASP A 328 -7.54 -29.89 -8.35
N ASN A 329 -6.65 -30.85 -8.12
CA ASN A 329 -6.79 -31.67 -6.92
C ASN A 329 -6.37 -30.94 -5.64
N GLU A 330 -6.01 -29.66 -5.73
CA GLU A 330 -5.83 -28.88 -4.50
C GLU A 330 -7.13 -28.75 -3.74
N ILE A 331 -8.26 -28.71 -4.45
CA ILE A 331 -9.59 -28.62 -3.88
C ILE A 331 -10.27 -29.95 -4.08
N ASP A 332 -10.98 -30.43 -3.06
CA ASP A 332 -11.69 -31.71 -3.18
C ASP A 332 -13.00 -31.47 -3.95
N THR A 333 -12.86 -31.20 -5.25
CA THR A 333 -14.05 -31.03 -6.07
C THR A 333 -14.79 -32.34 -6.27
N ALA A 334 -14.07 -33.48 -6.21
CA ALA A 334 -14.77 -34.75 -6.36
C ALA A 334 -15.82 -34.93 -5.27
N PHE A 335 -15.50 -34.53 -4.04
CA PHE A 335 -16.50 -34.57 -2.97
C PHE A 335 -17.71 -33.73 -3.34
N MET A 336 -17.48 -32.57 -3.96
CA MET A 336 -18.60 -31.70 -4.31
C MET A 336 -19.42 -32.29 -5.46
N ARG A 337 -18.77 -32.95 -6.41
CA ARG A 337 -19.52 -33.62 -7.47
C ARG A 337 -20.36 -34.76 -6.90
N LYS A 338 -19.84 -35.49 -5.91
CA LYS A 338 -20.55 -36.66 -5.39
C LYS A 338 -21.75 -36.26 -4.54
N ASN A 339 -21.67 -35.14 -3.82
CA ASN A 339 -22.64 -34.85 -2.76
C ASN A 339 -23.53 -33.64 -2.99
N TRP A 340 -23.15 -32.68 -3.83
CA TRP A 340 -23.86 -31.40 -3.92
C TRP A 340 -24.29 -31.09 -5.35
N ALA A 341 -25.31 -30.26 -5.47
CA ALA A 341 -25.93 -29.95 -6.76
C ALA A 341 -25.24 -28.74 -7.38
N TRP A 342 -24.83 -28.88 -8.65
CA TRP A 342 -24.13 -27.82 -9.36
C TRP A 342 -25.10 -27.05 -10.25
N GLU A 343 -25.08 -25.73 -10.13
CA GLU A 343 -25.88 -24.83 -10.97
C GLU A 343 -24.90 -23.94 -11.74
N GLU A 344 -24.89 -24.06 -13.07
CA GLU A 344 -24.01 -23.21 -13.85
C GLU A 344 -24.57 -21.79 -13.89
N VAL A 345 -23.76 -20.82 -13.48
CA VAL A 345 -24.13 -19.42 -13.67
C VAL A 345 -23.84 -18.99 -15.09
N LYS A 346 -22.61 -19.26 -15.52
CA LYS A 346 -22.11 -19.02 -16.86
C LYS A 346 -20.85 -19.86 -17.00
N PRO A 347 -20.27 -19.95 -18.20
CA PRO A 347 -19.09 -20.81 -18.35
C PRO A 347 -18.03 -20.54 -17.29
N GLN A 348 -17.53 -21.63 -16.68
CA GLN A 348 -16.50 -21.62 -15.65
C GLN A 348 -16.92 -20.91 -14.36
N VAL A 349 -18.23 -20.77 -14.10
CA VAL A 349 -18.72 -20.25 -12.83
C VAL A 349 -19.89 -21.12 -12.38
N HIS A 350 -19.74 -21.83 -11.26
CA HIS A 350 -20.79 -22.73 -10.79
C HIS A 350 -21.16 -22.39 -9.35
N LYS A 351 -22.46 -22.35 -9.08
CA LYS A 351 -22.97 -22.37 -7.73
C LYS A 351 -23.10 -23.82 -7.29
N ILE A 352 -22.53 -24.15 -6.12
CA ILE A 352 -22.58 -25.51 -5.61
C ILE A 352 -23.46 -25.51 -4.36
N HIS A 353 -24.64 -26.10 -4.48
CA HIS A 353 -25.66 -26.03 -3.45
C HIS A 353 -25.43 -27.14 -2.43
N ARG A 354 -25.14 -26.75 -1.19
CA ARG A 354 -24.82 -27.70 -0.15
C ARG A 354 -26.06 -28.32 0.48
N THR A 355 -27.23 -28.07 -0.10
CA THR A 355 -28.47 -28.63 0.39
C THR A 355 -28.70 -30.09 -0.03
N GLY A 356 -27.88 -30.63 -0.92
CA GLY A 356 -28.12 -31.98 -1.39
C GLY A 356 -27.70 -32.12 -2.84
N LYS A 357 -27.79 -33.36 -3.33
CA LYS A 357 -27.33 -33.69 -4.68
C LYS A 357 -28.43 -33.66 -5.72
N ASP A 358 -29.66 -34.00 -5.34
CA ASP A 358 -30.75 -34.17 -6.30
C ASP A 358 -31.48 -32.84 -6.45
N GLY A 359 -30.95 -31.98 -7.32
CA GLY A 359 -31.60 -30.72 -7.60
C GLY A 359 -31.39 -29.68 -6.52
N PHE A 360 -31.90 -28.48 -6.78
CA PHE A 360 -31.64 -27.36 -5.90
C PHE A 360 -32.78 -26.35 -6.01
N ASP A 361 -32.95 -25.59 -4.94
CA ASP A 361 -33.86 -24.45 -4.95
C ASP A 361 -33.12 -23.29 -5.61
N ALA A 362 -33.72 -22.72 -6.66
CA ALA A 362 -33.07 -21.63 -7.37
C ALA A 362 -32.76 -20.45 -6.45
N HIS A 363 -33.53 -20.30 -5.35
CA HIS A 363 -33.33 -19.22 -4.40
C HIS A 363 -32.64 -19.68 -3.11
N ASN A 364 -32.10 -20.91 -3.09
CA ASN A 364 -31.30 -21.37 -1.96
C ASN A 364 -30.17 -20.40 -1.64
N ASP A 365 -29.94 -20.16 -0.36
CA ASP A 365 -28.86 -19.27 0.08
C ASP A 365 -27.60 -20.01 0.47
N ASP A 366 -27.65 -21.33 0.58
CA ASP A 366 -26.51 -22.11 1.09
C ASP A 366 -25.78 -22.74 -0.09
N TYR A 367 -24.96 -21.93 -0.76
CA TYR A 367 -24.15 -22.42 -1.86
C TYR A 367 -22.75 -21.83 -1.77
N LEU A 368 -21.82 -22.46 -2.47
CA LEU A 368 -20.50 -21.90 -2.73
C LEU A 368 -20.39 -21.56 -4.21
N ILE A 369 -19.56 -20.58 -4.55
CA ILE A 369 -19.25 -20.29 -5.95
C ILE A 369 -17.87 -20.85 -6.24
N LEU A 370 -17.80 -21.83 -7.14
CA LEU A 370 -16.55 -22.43 -7.60
C LEU A 370 -16.19 -21.84 -8.95
N LEU A 371 -14.94 -21.39 -9.10
CA LEU A 371 -14.46 -20.87 -10.37
C LEU A 371 -13.65 -21.91 -11.12
N ALA A 372 -13.90 -21.99 -12.44
CA ALA A 372 -13.13 -22.81 -13.38
C ALA A 372 -13.10 -24.29 -12.96
N GLU A 373 -14.15 -24.71 -12.26
CA GLU A 373 -14.26 -26.09 -11.77
C GLU A 373 -13.01 -26.52 -11.03
N GLY A 374 -12.37 -25.55 -10.34
CA GLY A 374 -11.18 -25.80 -9.57
C GLY A 374 -9.88 -25.84 -10.37
N ARG A 375 -9.94 -25.67 -11.69
CA ARG A 375 -8.75 -25.55 -12.51
C ARG A 375 -8.14 -24.16 -12.38
N LEU A 376 -6.88 -24.02 -12.83
CA LEU A 376 -6.15 -22.74 -12.75
C LEU A 376 -7.03 -21.54 -13.02
N VAL A 377 -7.30 -20.72 -12.00
CA VAL A 377 -8.40 -19.76 -12.14
C VAL A 377 -7.99 -18.54 -12.96
N ASN A 378 -6.72 -18.14 -12.91
CA ASN A 378 -6.35 -16.95 -13.67
C ASN A 378 -6.45 -17.21 -15.17
N LEU A 379 -6.14 -18.42 -15.61
CA LEU A 379 -6.28 -18.78 -17.02
C LEU A 379 -7.69 -19.24 -17.37
N GLY A 380 -8.41 -19.85 -16.41
CA GLY A 380 -9.74 -20.35 -16.71
C GLY A 380 -10.79 -19.26 -16.78
N ASN A 381 -10.69 -18.25 -15.90
CA ASN A 381 -11.69 -17.20 -15.84
C ASN A 381 -11.22 -15.87 -16.37
N ALA A 382 -9.94 -15.74 -16.74
CA ALA A 382 -9.46 -14.51 -17.37
C ALA A 382 -8.46 -14.90 -18.45
N THR A 383 -7.32 -14.23 -18.56
CA THR A 383 -6.39 -14.54 -19.65
C THR A 383 -5.01 -14.91 -19.13
N GLY A 384 -4.90 -15.29 -17.85
CA GLY A 384 -3.58 -15.60 -17.30
C GLY A 384 -2.72 -14.35 -17.16
N HIS A 385 -1.40 -14.58 -17.12
CA HIS A 385 -0.46 -13.49 -16.93
C HIS A 385 -0.44 -12.57 -18.15
N PRO A 386 -0.13 -11.29 -17.97
CA PRO A 386 -0.05 -10.37 -19.11
C PRO A 386 1.23 -10.58 -19.91
N SER A 387 1.18 -10.13 -21.18
CA SER A 387 2.31 -10.31 -22.09
C SER A 387 3.64 -9.85 -21.49
N ARG A 388 3.67 -8.67 -20.86
CA ARG A 388 4.95 -8.12 -20.43
C ARG A 388 5.58 -8.93 -19.30
N ILE A 389 4.78 -9.70 -18.55
CA ILE A 389 5.33 -10.63 -17.56
C ILE A 389 5.77 -11.92 -18.24
N MET A 390 4.93 -12.45 -19.14
CA MET A 390 5.27 -13.70 -19.82
C MET A 390 6.48 -13.56 -20.73
N ASP A 391 6.80 -12.32 -21.12
CA ASP A 391 8.03 -12.02 -21.85
C ASP A 391 9.24 -12.65 -21.18
N GLY A 392 9.35 -12.48 -19.85
CA GLY A 392 10.49 -13.04 -19.15
C GLY A 392 10.50 -14.55 -19.19
N SER A 393 9.37 -15.18 -18.87
CA SER A 393 9.28 -16.64 -18.86
C SER A 393 9.64 -17.21 -20.23
N PHE A 394 9.12 -16.61 -21.29
CA PHE A 394 9.25 -17.22 -22.61
C PHE A 394 10.56 -16.87 -23.29
N ALA A 395 11.19 -15.74 -22.92
CA ALA A 395 12.58 -15.56 -23.34
C ALA A 395 13.47 -16.64 -22.74
N ASN A 396 13.22 -17.02 -21.47
CA ASN A 396 13.96 -18.14 -20.88
C ASN A 396 13.69 -19.45 -21.63
N GLN A 397 12.43 -19.70 -22.01
CA GLN A 397 12.12 -20.91 -22.77
C GLN A 397 12.92 -20.97 -24.07
N VAL A 398 13.01 -19.85 -24.80
CA VAL A 398 13.71 -19.89 -26.08
C VAL A 398 15.19 -20.16 -25.87
N LEU A 399 15.82 -19.48 -24.90
CA LEU A 399 17.22 -19.75 -24.59
C LEU A 399 17.44 -21.20 -24.16
N ALA A 400 16.52 -21.75 -23.35
CA ALA A 400 16.66 -23.14 -22.90
C ALA A 400 16.56 -24.11 -24.08
N GLN A 401 15.62 -23.86 -25.00
CA GLN A 401 15.49 -24.71 -26.18
C GLN A 401 16.76 -24.67 -27.01
N ILE A 402 17.29 -23.47 -27.25
CA ILE A 402 18.54 -23.32 -28.00
C ILE A 402 19.65 -24.12 -27.33
N HIS A 403 19.77 -24.00 -26.01
CA HIS A 403 20.89 -24.65 -25.32
C HIS A 403 20.80 -26.16 -25.42
N LEU A 404 19.64 -26.74 -25.10
CA LEU A 404 19.56 -28.20 -25.14
C LEU A 404 19.61 -28.71 -26.57
N PHE A 405 18.99 -27.99 -27.52
CA PHE A 405 19.06 -28.45 -28.90
C PHE A 405 20.50 -28.43 -29.40
N GLU A 406 21.26 -27.39 -29.07
CA GLU A 406 22.64 -27.34 -29.53
C GLU A 406 23.53 -28.38 -28.85
N GLN A 407 23.18 -28.84 -27.63
CA GLN A 407 24.01 -29.84 -26.96
C GLN A 407 23.85 -31.24 -27.50
N LYS A 408 22.71 -31.54 -28.15
CA LYS A 408 22.52 -32.78 -28.91
C LYS A 408 22.71 -34.04 -28.05
N TYR A 409 22.06 -34.06 -26.88
CA TYR A 409 22.15 -35.21 -25.99
C TYR A 409 21.82 -36.53 -26.68
N ALA A 410 20.80 -36.53 -27.56
CA ALA A 410 20.33 -37.79 -28.13
C ALA A 410 21.40 -38.47 -28.97
N ASP A 411 22.41 -37.72 -29.42
CA ASP A 411 23.45 -38.27 -30.29
C ASP A 411 24.65 -38.83 -29.52
N LEU A 412 24.64 -38.79 -28.19
CA LEU A 412 25.77 -39.23 -27.38
C LEU A 412 25.77 -40.73 -27.18
N PRO A 413 26.95 -41.34 -27.05
CA PRO A 413 27.02 -42.73 -26.58
C PRO A 413 26.39 -42.87 -25.21
N ALA A 414 25.93 -44.10 -24.90
CA ALA A 414 25.24 -44.34 -23.64
C ALA A 414 26.08 -43.90 -22.45
N ALA A 415 27.39 -44.15 -22.49
CA ALA A 415 28.24 -43.77 -21.36
C ALA A 415 28.24 -42.25 -21.15
N GLU A 416 28.20 -41.49 -22.24
CA GLU A 416 28.19 -40.03 -22.11
C GLU A 416 26.81 -39.49 -21.76
N LYS A 417 25.74 -40.12 -22.25
CA LYS A 417 24.41 -39.75 -21.81
C LYS A 417 24.32 -39.78 -20.29
N ALA A 418 24.86 -40.84 -19.68
CA ALA A 418 24.74 -41.00 -18.23
C ALA A 418 25.39 -39.85 -17.47
N LYS A 419 26.50 -39.32 -18.00
CA LYS A 419 27.17 -38.17 -17.38
C LYS A 419 26.44 -36.87 -17.62
N ARG A 420 25.59 -36.79 -18.65
CA ARG A 420 24.94 -35.56 -19.03
C ARG A 420 23.48 -35.49 -18.56
N LEU A 421 22.94 -36.56 -17.99
CA LEU A 421 21.53 -36.62 -17.64
C LEU A 421 21.30 -35.86 -16.33
N SER A 422 20.68 -34.69 -16.43
CA SER A 422 20.56 -33.80 -15.28
C SER A 422 19.37 -32.87 -15.51
N VAL A 423 18.96 -32.20 -14.42
CA VAL A 423 18.00 -31.10 -14.46
C VAL A 423 18.78 -29.86 -14.03
N GLU A 424 18.94 -28.90 -14.94
CA GLU A 424 19.78 -27.73 -14.73
CA GLU A 424 19.78 -27.73 -14.73
C GLU A 424 18.97 -26.45 -14.93
N VAL A 425 19.51 -25.35 -14.41
CA VAL A 425 18.97 -24.02 -14.68
C VAL A 425 19.87 -23.32 -15.69
N LEU A 426 19.34 -22.25 -16.29
CA LEU A 426 20.15 -21.40 -17.17
C LEU A 426 21.18 -20.63 -16.35
N PRO A 427 22.32 -20.27 -16.96
CA PRO A 427 23.34 -19.48 -16.25
C PRO A 427 22.82 -18.09 -15.88
N LYS A 428 23.34 -17.56 -14.76
CA LYS A 428 22.89 -16.25 -14.27
C LYS A 428 23.08 -15.14 -15.31
N LYS A 429 24.16 -15.21 -16.09
CA LYS A 429 24.39 -14.18 -17.11
C LYS A 429 23.22 -14.07 -18.08
N LEU A 430 22.62 -15.19 -18.48
CA LEU A 430 21.45 -15.12 -19.37
C LEU A 430 20.22 -14.61 -18.63
N ASP A 431 20.04 -15.02 -17.37
CA ASP A 431 18.96 -14.50 -16.54
C ASP A 431 19.06 -12.98 -16.47
N GLU A 432 20.27 -12.45 -16.24
CA GLU A 432 20.47 -11.01 -16.22
C GLU A 432 20.16 -10.36 -17.56
N GLU A 433 20.56 -11.02 -18.65
CA GLU A 433 20.32 -10.41 -19.97
C GLU A 433 18.84 -10.33 -20.29
N VAL A 434 18.06 -11.33 -19.86
CA VAL A 434 16.61 -11.26 -20.00
C VAL A 434 16.05 -10.10 -19.19
N ALA A 435 16.49 -9.99 -17.92
CA ALA A 435 16.04 -8.92 -17.04
C ALA A 435 16.34 -7.54 -17.62
N LEU A 436 17.51 -7.40 -18.23
CA LEU A 436 17.86 -6.08 -18.76
C LEU A 436 16.90 -5.66 -19.86
N GLU A 437 16.52 -6.59 -20.75
CA GLU A 437 15.54 -6.22 -21.78
C GLU A 437 14.18 -5.91 -21.16
N MET A 438 13.79 -6.64 -20.11
CA MET A 438 12.53 -6.30 -19.42
C MET A 438 12.59 -4.88 -18.85
N VAL A 439 13.71 -4.52 -18.20
CA VAL A 439 13.81 -3.19 -17.60
C VAL A 439 13.75 -2.11 -18.68
N LYS A 440 14.46 -2.31 -19.79
CA LYS A 440 14.38 -1.35 -20.88
C LYS A 440 12.94 -1.20 -21.38
N GLY A 441 12.16 -2.29 -21.36
CA GLY A 441 10.78 -2.21 -21.79
C GLY A 441 9.95 -1.26 -20.95
N PHE A 442 10.27 -1.11 -19.66
CA PHE A 442 9.61 -0.12 -18.82
C PHE A 442 10.20 1.28 -19.00
N GLY A 443 11.26 1.43 -19.78
CA GLY A 443 11.99 2.69 -19.84
C GLY A 443 12.98 2.88 -18.71
N GLY A 444 13.25 1.83 -17.92
CA GLY A 444 14.23 1.93 -16.86
C GLY A 444 15.66 2.02 -17.38
N VAL A 445 16.51 2.69 -16.61
CA VAL A 445 17.92 2.89 -16.99
C VAL A 445 18.79 2.24 -15.93
N VAL A 446 19.48 1.15 -16.31
CA VAL A 446 20.39 0.45 -15.41
C VAL A 446 21.73 1.17 -15.41
N THR A 447 22.28 1.43 -14.22
CA THR A 447 23.58 2.09 -14.07
C THR A 447 24.70 1.08 -14.35
N GLN A 448 25.80 1.57 -14.92
CA GLN A 448 26.97 0.73 -15.18
C GLN A 448 28.06 1.03 -14.15
N LEU A 449 28.63 -0.04 -13.57
CA LEU A 449 29.71 0.11 -12.61
C LEU A 449 30.92 0.77 -13.25
N THR A 450 31.63 1.58 -12.47
CA THR A 450 32.98 1.96 -12.88
C THR A 450 33.91 0.77 -12.68
N PRO A 451 35.06 0.76 -13.34
CA PRO A 451 36.03 -0.31 -13.05
C PRO A 451 36.39 -0.41 -11.58
N LYS A 452 36.57 0.72 -10.90
CA LYS A 452 36.93 0.67 -9.49
C LYS A 452 35.80 0.09 -8.64
N GLN A 453 34.56 0.46 -8.94
CA GLN A 453 33.43 -0.11 -8.21
C GLN A 453 33.30 -1.61 -8.47
N ALA A 454 33.49 -2.03 -9.71
CA ALA A 454 33.42 -3.46 -10.01
C ALA A 454 34.49 -4.23 -9.24
N GLU A 455 35.71 -3.69 -9.19
CA GLU A 455 36.77 -4.34 -8.40
C GLU A 455 36.43 -4.33 -6.92
N TYR A 456 35.82 -3.24 -6.43
CA TYR A 456 35.53 -3.13 -5.01
C TYR A 456 34.59 -4.23 -4.54
N ILE A 457 33.56 -4.56 -5.32
CA ILE A 457 32.63 -5.61 -4.93
C ILE A 457 32.93 -6.95 -5.58
N GLY A 458 33.98 -7.03 -6.39
CA GLY A 458 34.43 -8.33 -6.90
C GLY A 458 33.60 -8.91 -8.02
N VAL A 459 33.17 -8.08 -8.97
CA VAL A 459 32.42 -8.55 -10.13
C VAL A 459 33.03 -7.96 -11.39
N SER A 460 32.72 -8.57 -12.53
CA SER A 460 32.98 -7.95 -13.82
C SER A 460 31.99 -6.84 -14.08
N VAL A 461 32.43 -5.79 -14.78
CA VAL A 461 31.54 -4.66 -15.08
C VAL A 461 30.30 -5.14 -15.81
N GLU A 462 30.41 -6.18 -16.63
CA GLU A 462 29.25 -6.64 -17.38
C GLU A 462 28.44 -7.70 -16.65
N GLY A 463 28.82 -8.05 -15.41
CA GLY A 463 28.16 -9.12 -14.68
C GLY A 463 28.78 -10.48 -14.97
N PRO A 464 28.31 -11.53 -14.30
CA PRO A 464 27.18 -11.53 -13.35
C PRO A 464 27.46 -10.74 -12.08
N PHE A 465 26.40 -10.20 -11.49
CA PHE A 465 26.55 -9.27 -10.38
C PHE A 465 26.37 -9.92 -9.02
N LYS A 466 25.90 -11.16 -8.99
CA LYS A 466 25.59 -11.86 -7.74
C LYS A 466 26.17 -13.26 -7.77
N PRO A 467 26.55 -13.80 -6.62
CA PRO A 467 26.90 -15.22 -6.55
C PRO A 467 25.68 -16.10 -6.82
N ASP A 468 25.94 -17.37 -7.15
CA ASP A 468 24.83 -18.26 -7.47
C ASP A 468 23.97 -18.55 -6.25
N THR A 469 24.48 -18.32 -5.04
CA THR A 469 23.72 -18.49 -3.80
C THR A 469 22.67 -17.39 -3.58
N TYR A 470 22.72 -16.29 -4.33
CA TYR A 470 21.89 -15.13 -4.02
C TYR A 470 20.40 -15.42 -4.27
N ARG A 471 19.54 -14.93 -3.37
CA ARG A 471 18.13 -15.28 -3.45
C ARG A 471 17.24 -14.15 -3.96
N TYR A 472 17.76 -12.94 -4.10
CA TYR A 472 16.95 -11.77 -4.58
C TYR A 472 15.74 -11.59 -3.69
N GLY B 12 -48.24 -12.13 -23.42
CA GLY B 12 -48.14 -11.35 -24.63
C GLY B 12 -47.54 -9.97 -24.42
N PHE B 13 -46.48 -9.89 -23.62
CA PHE B 13 -45.83 -8.63 -23.31
C PHE B 13 -44.81 -8.30 -24.40
N THR B 14 -44.95 -7.12 -24.99
CA THR B 14 -44.06 -6.69 -26.08
C THR B 14 -43.54 -5.27 -25.91
N ASP B 15 -43.76 -4.64 -24.75
CA ASP B 15 -43.46 -3.22 -24.55
C ASP B 15 -42.02 -3.06 -24.03
N TYR B 16 -41.06 -3.38 -24.91
CA TYR B 16 -39.65 -3.32 -24.57
C TYR B 16 -38.83 -3.43 -25.85
N LYS B 17 -37.52 -3.21 -25.73
CA LYS B 17 -36.59 -3.57 -26.80
C LYS B 17 -35.23 -3.84 -26.20
N VAL B 18 -34.74 -5.07 -26.34
CA VAL B 18 -33.46 -5.49 -25.79
C VAL B 18 -32.69 -6.23 -26.90
N ALA B 19 -31.43 -6.53 -26.62
CA ALA B 19 -30.59 -7.18 -27.62
C ALA B 19 -31.06 -8.60 -27.89
N ASP B 20 -31.38 -9.36 -26.83
CA ASP B 20 -31.65 -10.79 -26.98
C ASP B 20 -32.39 -11.26 -25.72
N ILE B 21 -33.71 -11.44 -25.86
CA ILE B 21 -34.53 -11.82 -24.71
C ILE B 21 -34.13 -13.18 -24.13
N THR B 22 -33.50 -14.05 -24.92
CA THR B 22 -33.15 -15.39 -24.42
C THR B 22 -32.03 -15.35 -23.40
N LEU B 23 -31.40 -14.20 -23.16
CA LEU B 23 -30.42 -14.05 -22.11
C LEU B 23 -31.05 -13.87 -20.73
N ALA B 24 -32.38 -13.93 -20.64
CA ALA B 24 -33.06 -13.56 -19.40
C ALA B 24 -32.74 -14.52 -18.26
N ALA B 25 -32.70 -15.83 -18.54
CA ALA B 25 -32.43 -16.80 -17.48
C ALA B 25 -31.04 -16.57 -16.89
N TRP B 26 -30.05 -16.32 -17.74
CA TRP B 26 -28.72 -15.92 -17.26
C TRP B 26 -28.82 -14.65 -16.42
N GLY B 27 -29.52 -13.64 -16.95
CA GLY B 27 -29.69 -12.41 -16.19
C GLY B 27 -30.30 -12.66 -14.83
N ARG B 28 -31.30 -13.53 -14.76
CA ARG B 28 -31.96 -13.81 -13.49
C ARG B 28 -31.00 -14.49 -12.52
N ARG B 29 -30.18 -15.42 -13.01
CA ARG B 29 -29.20 -16.04 -12.13
C ARG B 29 -28.28 -14.99 -11.51
N GLU B 30 -27.82 -14.02 -12.32
CA GLU B 30 -26.95 -12.99 -11.78
C GLU B 30 -27.68 -12.01 -10.88
N LEU B 31 -28.97 -11.78 -11.14
CA LEU B 31 -29.75 -10.94 -10.23
C LEU B 31 -29.88 -11.60 -8.86
N ILE B 32 -30.14 -12.90 -8.83
CA ILE B 32 -30.27 -13.60 -7.56
C ILE B 32 -28.96 -13.52 -6.77
N ILE B 33 -27.81 -13.65 -7.44
CA ILE B 33 -26.54 -13.46 -6.76
C ILE B 33 -26.42 -12.02 -6.28
N ALA B 34 -26.76 -11.06 -7.14
CA ALA B 34 -26.60 -9.65 -6.78
C ALA B 34 -27.46 -9.26 -5.57
N GLU B 35 -28.66 -9.83 -5.44
CA GLU B 35 -29.45 -9.52 -4.25
C GLU B 35 -28.69 -9.90 -2.98
N SER B 36 -27.96 -11.01 -3.00
CA SER B 36 -27.22 -11.39 -1.79
C SER B 36 -26.06 -10.43 -1.51
N GLU B 37 -25.68 -9.63 -2.49
CA GLU B 37 -24.62 -8.64 -2.33
C GLU B 37 -25.14 -7.24 -2.05
N MET B 38 -26.46 -7.04 -1.92
CA MET B 38 -27.03 -5.71 -1.76
C MET B 38 -27.98 -5.68 -0.56
N PRO B 39 -27.43 -5.79 0.66
CA PRO B 39 -28.31 -5.90 1.84
C PRO B 39 -29.08 -4.64 2.15
N ALA B 40 -28.51 -3.47 1.91
CA ALA B 40 -29.23 -2.22 2.19
C ALA B 40 -30.47 -2.11 1.31
N LEU B 41 -30.31 -2.39 0.02
CA LEU B 41 -31.41 -2.34 -0.92
C LEU B 41 -32.45 -3.42 -0.62
N MET B 42 -32.01 -4.67 -0.45
CA MET B 42 -32.94 -5.73 -0.12
C MET B 42 -33.62 -5.46 1.23
N GLY B 43 -32.89 -4.85 2.17
CA GLY B 43 -33.50 -4.46 3.42
C GLY B 43 -34.65 -3.49 3.24
N LEU B 44 -34.54 -2.58 2.27
CA LEU B 44 -35.64 -1.65 2.00
C LEU B 44 -36.85 -2.38 1.45
N ARG B 45 -36.66 -3.45 0.67
CA ARG B 45 -37.80 -4.24 0.24
C ARG B 45 -38.58 -4.77 1.44
N ARG B 46 -37.89 -5.40 2.40
CA ARG B 46 -38.58 -5.98 3.54
C ARG B 46 -39.21 -4.90 4.42
N LYS B 47 -38.51 -3.77 4.59
CA LYS B 47 -38.99 -2.76 5.53
C LYS B 47 -40.23 -2.05 5.01
N TYR B 48 -40.31 -1.82 3.69
CA TYR B 48 -41.39 -1.01 3.12
C TYR B 48 -42.44 -1.81 2.36
N ALA B 49 -42.24 -3.11 2.12
CA ALA B 49 -43.16 -3.85 1.26
C ALA B 49 -44.60 -3.81 1.78
N GLY B 50 -44.79 -4.01 3.09
CA GLY B 50 -46.14 -3.97 3.62
C GLY B 50 -46.83 -2.64 3.42
N GLN B 51 -46.07 -1.54 3.39
CA GLN B 51 -46.68 -0.22 3.34
C GLN B 51 -46.85 0.31 1.93
N GLN B 52 -46.22 -0.32 0.94
CA GLN B 52 -46.30 0.08 -0.47
C GLN B 52 -46.15 1.60 -0.65
N PRO B 53 -45.02 2.18 -0.26
CA PRO B 53 -44.91 3.65 -0.29
C PRO B 53 -44.87 4.23 -1.69
N LEU B 54 -44.59 3.42 -2.70
CA LEU B 54 -44.54 3.90 -4.08
C LEU B 54 -45.77 3.47 -4.88
N LYS B 55 -46.84 3.04 -4.19
CA LYS B 55 -48.08 2.71 -4.88
C LYS B 55 -48.61 3.96 -5.59
N GLY B 56 -48.82 3.85 -6.90
CA GLY B 56 -49.23 4.99 -7.70
C GLY B 56 -48.10 5.79 -8.29
N ALA B 57 -46.86 5.51 -7.90
CA ALA B 57 -45.73 6.15 -8.56
C ALA B 57 -45.53 5.56 -9.94
N LYS B 58 -45.26 6.44 -10.91
CA LYS B 58 -44.92 6.05 -12.28
C LYS B 58 -43.59 6.71 -12.61
N ILE B 59 -42.51 5.92 -12.61
CA ILE B 59 -41.17 6.46 -12.63
C ILE B 59 -40.56 6.29 -14.01
N LEU B 60 -40.14 7.40 -14.62
CA LEU B 60 -39.24 7.36 -15.77
C LEU B 60 -37.82 7.21 -15.25
N GLY B 61 -37.15 6.12 -15.63
CA GLY B 61 -35.81 5.83 -15.18
C GLY B 61 -34.81 5.83 -16.33
N CYS B 62 -33.68 6.50 -16.11
CA CYS B 62 -32.63 6.56 -17.13
C CYS B 62 -31.28 6.40 -16.42
N ILE B 63 -30.77 5.18 -16.40
CA ILE B 63 -29.48 4.90 -15.79
C ILE B 63 -28.99 3.55 -16.31
N HIS B 64 -27.67 3.46 -16.53
CA HIS B 64 -26.97 2.24 -16.96
C HIS B 64 -27.73 0.96 -16.64
N MET B 65 -28.13 0.20 -17.66
CA MET B 65 -29.00 -0.98 -17.48
C MET B 65 -28.14 -2.20 -17.17
N THR B 66 -27.57 -2.18 -15.97
CA THR B 66 -26.72 -3.24 -15.45
C THR B 66 -27.52 -4.18 -14.56
N ILE B 67 -26.85 -5.23 -14.09
CA ILE B 67 -27.46 -6.13 -13.12
C ILE B 67 -27.85 -5.36 -11.86
N GLN B 68 -26.99 -4.45 -11.42
CA GLN B 68 -27.25 -3.69 -10.21
C GLN B 68 -28.48 -2.82 -10.38
N THR B 69 -28.63 -2.20 -11.55
CA THR B 69 -29.83 -1.43 -11.85
C THR B 69 -31.07 -2.33 -11.89
N GLY B 70 -30.92 -3.59 -12.31
CA GLY B 70 -32.05 -4.51 -12.24
C GLY B 70 -32.56 -4.69 -10.82
N VAL B 71 -31.64 -4.79 -9.84
CA VAL B 71 -32.10 -4.94 -8.46
C VAL B 71 -32.76 -3.65 -7.98
N LEU B 72 -32.26 -2.50 -8.42
CA LEU B 72 -32.93 -1.23 -8.13
C LEU B 72 -34.33 -1.19 -8.72
N ILE B 73 -34.46 -1.54 -10.00
CA ILE B 73 -35.77 -1.50 -10.66
C ILE B 73 -36.75 -2.38 -9.91
N GLU B 74 -36.37 -3.64 -9.64
CA GLU B 74 -37.32 -4.55 -9.00
C GLU B 74 -37.60 -4.17 -7.56
N THR B 75 -36.72 -3.39 -6.90
CA THR B 75 -37.05 -2.87 -5.58
C THR B 75 -38.14 -1.81 -5.68
N LEU B 76 -38.01 -0.89 -6.65
CA LEU B 76 -39.04 0.13 -6.84
C LEU B 76 -40.38 -0.52 -7.14
N VAL B 77 -40.38 -1.54 -8.00
CA VAL B 77 -41.61 -2.25 -8.33
C VAL B 77 -42.17 -2.97 -7.12
N ALA B 78 -41.30 -3.61 -6.32
CA ALA B 78 -41.77 -4.34 -5.15
C ALA B 78 -42.42 -3.42 -4.12
N LEU B 79 -42.10 -2.12 -4.15
CA LEU B 79 -42.67 -1.15 -3.23
C LEU B 79 -43.87 -0.41 -3.82
N GLY B 80 -44.31 -0.79 -5.02
CA GLY B 80 -45.56 -0.31 -5.57
C GLY B 80 -45.47 0.44 -6.88
N ALA B 81 -44.27 0.79 -7.34
CA ALA B 81 -44.12 1.64 -8.52
C ALA B 81 -44.30 0.88 -9.82
N GLU B 82 -44.72 1.59 -10.86
CA GLU B 82 -44.53 1.20 -12.24
C GLU B 82 -43.37 2.02 -12.80
N VAL B 83 -42.64 1.44 -13.75
CA VAL B 83 -41.48 2.11 -14.32
C VAL B 83 -41.44 1.88 -15.82
N ARG B 84 -40.70 2.76 -16.50
CA ARG B 84 -40.30 2.60 -17.89
C ARG B 84 -38.86 3.07 -17.95
N TRP B 85 -37.97 2.22 -18.46
CA TRP B 85 -36.54 2.33 -18.22
C TRP B 85 -35.72 2.41 -19.51
N SER B 86 -34.63 3.18 -19.45
CA SER B 86 -33.61 3.23 -20.49
C SER B 86 -32.25 3.40 -19.83
N SER B 87 -31.18 3.12 -20.58
CA SER B 87 -29.84 3.35 -20.08
C SER B 87 -29.41 4.79 -20.36
N CYS B 88 -28.49 5.30 -19.55
CA CYS B 88 -27.94 6.64 -19.78
C CYS B 88 -26.59 6.61 -20.50
N ASN B 89 -26.21 5.47 -21.08
CA ASN B 89 -25.00 5.40 -21.89
C ASN B 89 -25.16 4.31 -22.94
N ILE B 90 -24.60 4.56 -24.13
CA ILE B 90 -24.76 3.63 -25.25
C ILE B 90 -24.00 2.31 -25.04
N PHE B 91 -22.98 2.28 -24.16
CA PHE B 91 -22.18 1.07 -23.97
C PHE B 91 -22.35 0.42 -22.59
N SER B 92 -23.16 0.98 -21.69
CA SER B 92 -23.14 0.51 -20.31
C SER B 92 -24.12 -0.63 -20.00
N THR B 93 -25.09 -0.90 -20.87
CA THR B 93 -26.06 -1.96 -20.60
C THR B 93 -25.38 -3.32 -20.56
N GLN B 94 -25.80 -4.18 -19.63
CA GLN B 94 -25.51 -5.61 -19.66
C GLN B 94 -26.74 -6.28 -20.26
N ASP B 95 -26.56 -6.89 -21.43
CA ASP B 95 -27.73 -7.37 -22.17
C ASP B 95 -28.52 -8.42 -21.41
N GLN B 96 -27.84 -9.24 -20.58
CA GLN B 96 -28.59 -10.22 -19.81
C GLN B 96 -29.43 -9.54 -18.71
N ALA B 97 -28.97 -8.40 -18.18
CA ALA B 97 -29.80 -7.66 -17.23
C ALA B 97 -31.02 -7.07 -17.89
N ALA B 98 -30.84 -6.43 -19.05
CA ALA B 98 -31.98 -5.89 -19.78
C ALA B 98 -32.97 -6.98 -20.13
N ALA B 99 -32.48 -8.16 -20.49
CA ALA B 99 -33.38 -9.26 -20.85
C ALA B 99 -34.19 -9.74 -19.65
N ALA B 100 -33.55 -9.91 -18.48
CA ALA B 100 -34.26 -10.35 -17.28
C ALA B 100 -35.37 -9.36 -16.91
N ILE B 101 -35.10 -8.06 -17.02
CA ILE B 101 -36.10 -7.06 -16.68
C ILE B 101 -37.28 -7.11 -17.65
N ALA B 102 -37.00 -7.17 -18.97
CA ALA B 102 -38.08 -7.31 -19.94
C ALA B 102 -38.89 -8.57 -19.70
N ALA B 103 -38.22 -9.68 -19.39
CA ALA B 103 -38.94 -10.94 -19.20
C ALA B 103 -39.78 -10.92 -17.94
N ALA B 104 -39.53 -10.00 -17.02
CA ALA B 104 -40.38 -9.78 -15.87
C ALA B 104 -41.58 -8.89 -16.19
N GLY B 105 -41.74 -8.46 -17.43
CA GLY B 105 -42.88 -7.65 -17.81
C GLY B 105 -42.70 -6.18 -17.60
N ILE B 106 -41.46 -5.71 -17.55
CA ILE B 106 -41.14 -4.31 -17.24
C ILE B 106 -40.64 -3.63 -18.51
N PRO B 107 -41.19 -2.49 -18.89
CA PRO B 107 -40.72 -1.79 -20.10
C PRO B 107 -39.29 -1.31 -19.94
N VAL B 108 -38.42 -1.79 -20.82
CA VAL B 108 -37.01 -1.43 -20.80
C VAL B 108 -36.53 -1.36 -22.24
N PHE B 109 -35.75 -0.32 -22.55
CA PHE B 109 -35.27 -0.05 -23.91
C PHE B 109 -33.77 0.22 -23.80
N ALA B 110 -32.96 -0.81 -24.01
CA ALA B 110 -31.53 -0.69 -23.72
C ALA B 110 -30.80 -1.91 -24.26
N TRP B 111 -29.65 -1.66 -24.90
CA TRP B 111 -28.73 -2.73 -25.28
C TRP B 111 -27.32 -2.14 -25.30
N LYS B 112 -26.33 -3.03 -25.18
CA LYS B 112 -24.94 -2.60 -25.29
C LYS B 112 -24.58 -2.33 -26.73
N GLY B 113 -23.98 -1.16 -26.98
CA GLY B 113 -23.62 -0.79 -28.34
C GLY B 113 -24.71 -0.09 -29.15
N GLU B 114 -25.49 0.77 -28.50
CA GLU B 114 -26.44 1.61 -29.22
C GLU B 114 -25.72 2.67 -30.05
N THR B 115 -26.34 3.08 -31.16
CA THR B 115 -25.95 4.31 -31.82
C THR B 115 -26.54 5.50 -31.07
N GLU B 116 -26.08 6.71 -31.42
CA GLU B 116 -26.63 7.90 -30.76
CA GLU B 116 -26.63 7.90 -30.76
C GLU B 116 -28.12 8.03 -31.03
N GLU B 117 -28.53 7.72 -32.25
CA GLU B 117 -29.94 7.80 -32.61
C GLU B 117 -30.77 6.79 -31.81
N GLU B 118 -30.25 5.57 -31.67
CA GLU B 118 -30.94 4.55 -30.88
C GLU B 118 -31.02 4.97 -29.41
N TYR B 119 -29.96 5.61 -28.89
CA TYR B 119 -29.97 6.09 -27.52
C TYR B 119 -31.14 7.05 -27.27
N GLU B 120 -31.30 8.03 -28.16
CA GLU B 120 -32.39 9.00 -28.03
C GLU B 120 -33.74 8.32 -28.19
N TRP B 121 -33.85 7.39 -29.14
CA TRP B 121 -35.07 6.62 -29.33
C TRP B 121 -35.44 5.87 -28.05
N CYS B 122 -34.44 5.31 -27.35
CA CYS B 122 -34.75 4.52 -26.16
C CYS B 122 -35.33 5.39 -25.06
N ILE B 123 -34.77 6.59 -24.85
CA ILE B 123 -35.35 7.46 -23.84
C ILE B 123 -36.78 7.82 -24.21
N GLU B 124 -37.01 8.08 -25.50
CA GLU B 124 -38.34 8.46 -25.97
C GLU B 124 -39.36 7.34 -25.74
N GLN B 125 -38.94 6.08 -25.87
CA GLN B 125 -39.85 4.98 -25.62
C GLN B 125 -40.25 4.87 -24.15
N THR B 126 -39.43 5.38 -23.22
CA THR B 126 -39.89 5.47 -21.85
C THR B 126 -40.88 6.61 -21.68
N ILE B 127 -40.67 7.72 -22.38
CA ILE B 127 -41.52 8.90 -22.23
C ILE B 127 -42.89 8.66 -22.85
N LEU B 128 -42.93 8.00 -24.01
CA LEU B 128 -44.17 7.73 -24.74
C LEU B 128 -44.64 6.30 -24.47
N LYS B 129 -45.92 6.14 -24.18
CA LYS B 129 -46.56 4.84 -24.16
C LYS B 129 -47.70 4.86 -25.17
N ASP B 130 -47.67 3.92 -26.12
CA ASP B 130 -48.65 3.84 -27.20
C ASP B 130 -48.77 5.17 -27.93
N GLY B 131 -47.63 5.81 -28.16
CA GLY B 131 -47.58 7.01 -28.98
C GLY B 131 -47.95 8.30 -28.26
N GLN B 132 -48.33 8.24 -27.00
CA GLN B 132 -48.73 9.41 -26.23
C GLN B 132 -47.87 9.50 -24.98
N PRO B 133 -47.74 10.70 -24.41
CA PRO B 133 -46.97 10.82 -23.15
C PRO B 133 -47.55 9.92 -22.07
N TRP B 134 -46.68 9.14 -21.45
CA TRP B 134 -47.06 8.36 -20.28
C TRP B 134 -47.41 9.30 -19.14
N ASP B 135 -48.31 8.85 -18.27
CA ASP B 135 -48.70 9.65 -17.10
C ASP B 135 -47.67 9.50 -15.97
N ALA B 136 -46.42 9.84 -16.30
CA ALA B 136 -45.34 9.75 -15.33
C ALA B 136 -45.51 10.78 -14.23
N ASN B 137 -45.08 10.43 -13.01
CA ASN B 137 -45.08 11.38 -11.91
C ASN B 137 -43.79 11.38 -11.11
N MET B 138 -42.76 10.64 -11.54
CA MET B 138 -41.46 10.63 -10.89
C MET B 138 -40.39 10.41 -11.95
N VAL B 139 -39.18 10.90 -11.66
CA VAL B 139 -38.04 10.80 -12.57
C VAL B 139 -36.83 10.33 -11.77
N LEU B 140 -36.12 9.34 -12.30
CA LEU B 140 -34.85 8.88 -11.76
C LEU B 140 -33.83 8.97 -12.89
N ASP B 141 -32.76 9.73 -12.67
CA ASP B 141 -31.87 10.08 -13.76
C ASP B 141 -30.41 9.94 -13.33
N ASP B 142 -29.56 9.69 -14.33
CA ASP B 142 -28.12 9.57 -14.11
C ASP B 142 -27.46 10.34 -15.24
N GLY B 143 -27.09 11.59 -14.99
CA GLY B 143 -26.43 12.42 -15.96
C GLY B 143 -27.26 13.58 -16.48
N GLY B 144 -28.57 13.55 -16.26
CA GLY B 144 -29.45 14.64 -16.62
C GLY B 144 -30.02 14.62 -18.03
N ASP B 145 -29.73 13.59 -18.84
CA ASP B 145 -30.22 13.59 -20.23
C ASP B 145 -31.74 13.48 -20.28
N LEU B 146 -32.31 12.54 -19.52
CA LEU B 146 -33.77 12.42 -19.48
C LEU B 146 -34.40 13.70 -18.91
N THR B 147 -33.81 14.24 -17.85
CA THR B 147 -34.30 15.47 -17.25
C THR B 147 -34.32 16.61 -18.27
N GLU B 148 -33.27 16.72 -19.08
CA GLU B 148 -33.19 17.79 -20.05
C GLU B 148 -34.24 17.62 -21.16
N ILE B 149 -34.43 16.39 -21.63
CA ILE B 149 -35.41 16.14 -22.68
C ILE B 149 -36.81 16.50 -22.20
N LEU B 150 -37.13 16.17 -20.94
CA LEU B 150 -38.46 16.51 -20.40
C LEU B 150 -38.63 18.02 -20.30
N HIS B 151 -37.61 18.73 -19.83
CA HIS B 151 -37.72 20.17 -19.69
C HIS B 151 -37.82 20.86 -21.04
N LYS B 152 -37.12 20.35 -22.05
CA LYS B 152 -37.05 21.00 -23.35
C LYS B 152 -38.14 20.53 -24.31
N LYS B 153 -38.42 19.23 -24.35
CA LYS B 153 -39.29 18.70 -25.40
C LYS B 153 -40.68 18.34 -24.89
N TYR B 154 -40.82 17.99 -23.62
CA TYR B 154 -42.11 17.61 -23.05
C TYR B 154 -42.41 18.38 -21.76
N PRO B 155 -42.34 19.71 -21.78
CA PRO B 155 -42.51 20.46 -20.53
C PRO B 155 -43.86 20.22 -19.85
N GLN B 156 -44.91 19.92 -20.61
CA GLN B 156 -46.22 19.68 -20.00
C GLN B 156 -46.18 18.47 -19.07
N MET B 157 -45.32 17.48 -19.35
CA MET B 157 -45.30 16.32 -18.47
C MET B 157 -44.81 16.68 -17.07
N LEU B 158 -43.98 17.71 -16.94
CA LEU B 158 -43.46 18.08 -15.63
C LEU B 158 -44.53 18.69 -14.72
N GLU B 159 -45.67 19.08 -15.27
CA GLU B 159 -46.76 19.54 -14.42
C GLU B 159 -47.34 18.40 -13.59
N ARG B 160 -47.06 17.15 -13.95
CA ARG B 160 -47.53 15.99 -13.21
C ARG B 160 -46.46 15.33 -12.36
N ILE B 161 -45.21 15.77 -12.45
CA ILE B 161 -44.08 15.08 -11.83
C ILE B 161 -43.79 15.69 -10.48
N HIS B 162 -43.66 14.84 -9.45
CA HIS B 162 -43.40 15.29 -8.09
C HIS B 162 -41.92 15.54 -7.79
N GLY B 163 -41.01 15.02 -8.61
CA GLY B 163 -39.61 15.19 -8.29
C GLY B 163 -38.72 14.37 -9.19
N ILE B 164 -37.42 14.70 -9.09
CA ILE B 164 -36.35 14.04 -9.82
C ILE B 164 -35.32 13.59 -8.80
N THR B 165 -34.83 12.37 -8.95
CA THR B 165 -33.74 11.91 -8.08
C THR B 165 -32.53 11.64 -8.97
N GLU B 166 -31.48 12.46 -8.83
CA GLU B 166 -30.35 12.48 -9.75
C GLU B 166 -29.12 11.79 -9.18
N GLU B 167 -28.53 10.89 -9.96
CA GLU B 167 -27.52 9.95 -9.47
C GLU B 167 -26.12 10.56 -9.38
N THR B 168 -25.72 11.41 -10.32
CA THR B 168 -24.29 11.64 -10.49
C THR B 168 -23.92 13.12 -10.57
N THR B 169 -22.63 13.38 -10.31
CA THR B 169 -22.14 14.75 -10.17
C THR B 169 -22.50 15.61 -11.38
N THR B 170 -22.31 15.07 -12.59
CA THR B 170 -22.60 15.86 -13.78
C THR B 170 -24.08 16.24 -13.86
N GLY B 171 -24.96 15.32 -13.50
CA GLY B 171 -26.39 15.62 -13.53
C GLY B 171 -26.78 16.64 -12.48
N VAL B 172 -26.15 16.58 -11.30
CA VAL B 172 -26.43 17.57 -10.25
C VAL B 172 -26.04 18.97 -10.72
N HIS B 173 -24.89 19.10 -11.41
CA HIS B 173 -24.50 20.40 -11.92
C HIS B 173 -25.57 20.97 -12.85
N ARG B 174 -26.10 20.13 -13.74
CA ARG B 174 -27.13 20.58 -14.67
C ARG B 174 -28.38 21.00 -13.92
N LEU B 175 -28.76 20.28 -12.87
CA LEU B 175 -29.91 20.70 -12.07
C LEU B 175 -29.67 22.05 -11.41
N LEU B 176 -28.47 22.23 -10.86
CA LEU B 176 -28.16 23.48 -10.18
C LEU B 176 -28.11 24.65 -11.14
N ASP B 177 -27.68 24.41 -12.37
CA ASP B 177 -27.77 25.46 -13.40
C ASP B 177 -29.22 25.89 -13.59
N MET B 178 -30.13 24.92 -13.72
CA MET B 178 -31.53 25.27 -13.94
C MET B 178 -32.12 25.99 -12.72
N LEU B 179 -31.83 25.50 -11.52
CA LEU B 179 -32.30 26.16 -10.31
C LEU B 179 -31.85 27.61 -10.27
N LYS B 180 -30.57 27.86 -10.61
CA LYS B 180 -30.03 29.21 -10.63
C LYS B 180 -30.72 30.08 -11.65
N ASN B 181 -31.05 29.52 -12.81
CA ASN B 181 -31.70 30.27 -13.88
C ASN B 181 -33.21 30.33 -13.70
N GLY B 182 -33.76 29.60 -12.74
CA GLY B 182 -35.21 29.58 -12.56
C GLY B 182 -35.96 28.80 -13.62
N THR B 183 -35.34 27.79 -14.22
CA THR B 183 -35.94 26.96 -15.26
C THR B 183 -36.20 25.53 -14.78
N LEU B 184 -35.82 25.19 -13.57
CA LEU B 184 -36.13 23.88 -12.99
C LEU B 184 -37.60 23.85 -12.60
N LYS B 185 -38.34 22.85 -13.10
CA LYS B 185 -39.78 22.85 -12.91
C LYS B 185 -40.25 22.02 -11.72
N VAL B 186 -39.43 21.06 -11.26
CA VAL B 186 -39.79 20.19 -10.13
C VAL B 186 -38.59 20.03 -9.21
N PRO B 187 -38.84 19.75 -7.94
CA PRO B 187 -37.72 19.62 -6.99
C PRO B 187 -36.93 18.35 -7.27
N ALA B 188 -35.70 18.35 -6.77
CA ALA B 188 -34.79 17.24 -7.00
C ALA B 188 -34.08 16.86 -5.71
N ILE B 189 -33.73 15.58 -5.62
CA ILE B 189 -32.79 15.08 -4.62
C ILE B 189 -31.46 14.83 -5.31
N ASN B 190 -30.41 15.45 -4.77
CA ASN B 190 -29.03 15.19 -5.14
C ASN B 190 -28.62 13.91 -4.42
N VAL B 191 -28.80 12.78 -5.12
CA VAL B 191 -28.42 11.48 -4.55
C VAL B 191 -26.90 11.36 -4.50
N ASN B 192 -26.21 11.99 -5.44
CA ASN B 192 -24.75 11.89 -5.50
C ASN B 192 -24.11 12.21 -4.16
N ASP B 193 -24.60 13.24 -3.47
CA ASP B 193 -23.86 13.75 -2.33
C ASP B 193 -24.22 13.11 -0.99
N SER B 194 -24.99 12.03 -0.98
CA SER B 194 -24.95 11.17 0.20
C SER B 194 -23.52 10.65 0.36
N VAL B 195 -23.05 10.52 1.61
CA VAL B 195 -21.72 9.96 1.80
C VAL B 195 -21.69 8.51 1.34
N THR B 196 -22.77 7.76 1.63
CA THR B 196 -22.88 6.40 1.13
C THR B 196 -23.09 6.33 -0.39
N LYS B 197 -23.03 7.45 -1.09
CA LYS B 197 -22.94 7.44 -2.55
C LYS B 197 -21.60 8.04 -2.98
N SER B 198 -21.43 9.36 -2.86
CA SER B 198 -20.22 10.05 -3.33
C SER B 198 -18.93 9.39 -2.83
N LYS B 199 -18.84 9.12 -1.52
CA LYS B 199 -17.60 8.58 -0.98
C LYS B 199 -17.58 7.06 -0.95
N ASN B 200 -18.42 6.42 -1.77
CA ASN B 200 -18.53 4.97 -1.85
C ASN B 200 -18.50 4.57 -3.32
N ASP B 201 -19.54 4.96 -4.05
CA ASP B 201 -19.64 4.77 -5.49
C ASP B 201 -18.55 5.53 -6.23
N ASN B 202 -18.53 6.86 -6.13
CA ASN B 202 -17.63 7.64 -6.99
C ASN B 202 -16.17 7.28 -6.75
N LYS B 203 -15.79 6.99 -5.50
CA LYS B 203 -14.39 6.74 -5.16
C LYS B 203 -14.06 5.25 -5.20
N TYR B 204 -14.64 4.47 -4.29
CA TYR B 204 -14.27 3.05 -4.22
C TYR B 204 -14.77 2.25 -5.41
N GLY B 205 -15.89 2.68 -6.02
CA GLY B 205 -16.38 1.99 -7.19
C GLY B 205 -15.40 2.06 -8.34
N CYS B 206 -14.86 3.26 -8.61
CA CYS B 206 -13.85 3.40 -9.64
C CYS B 206 -12.56 2.71 -9.25
N ARG B 207 -12.25 2.63 -7.94
CA ARG B 207 -11.09 1.86 -7.51
C ARG B 207 -11.20 0.41 -7.97
N HIS B 208 -12.39 -0.17 -7.80
CA HIS B 208 -12.62 -1.55 -8.22
C HIS B 208 -12.63 -1.69 -9.73
N SER B 209 -13.30 -0.78 -10.44
CA SER B 209 -13.69 -1.07 -11.81
C SER B 209 -12.81 -0.41 -12.86
N LEU B 210 -11.92 0.54 -12.51
CA LEU B 210 -11.09 1.12 -13.55
C LEU B 210 -10.02 0.13 -14.01
N ASN B 211 -9.22 -0.42 -13.09
CA ASN B 211 -8.21 -1.37 -13.54
CA ASN B 211 -8.21 -1.39 -13.51
C ASN B 211 -8.86 -2.63 -14.11
N ASP B 212 -10.06 -2.97 -13.62
CA ASP B 212 -10.87 -4.06 -14.18
C ASP B 212 -11.10 -3.84 -15.67
N ALA B 213 -11.58 -2.65 -16.04
CA ALA B 213 -11.90 -2.41 -17.45
C ALA B 213 -10.65 -2.39 -18.31
N ILE B 214 -9.56 -1.81 -17.80
CA ILE B 214 -8.32 -1.75 -18.57
C ILE B 214 -7.77 -3.15 -18.82
N LYS B 215 -7.80 -4.01 -17.80
CA LYS B 215 -7.36 -5.39 -18.01
C LYS B 215 -8.24 -6.11 -19.02
N ARG B 216 -9.57 -5.93 -18.92
CA ARG B 216 -10.42 -6.65 -19.86
C ARG B 216 -10.19 -6.17 -21.29
N GLY B 217 -9.99 -4.86 -21.46
CA GLY B 217 -9.81 -4.31 -22.79
C GLY B 217 -8.47 -4.61 -23.45
N THR B 218 -7.39 -4.57 -22.67
CA THR B 218 -6.03 -4.68 -23.20
C THR B 218 -5.22 -5.84 -22.65
N ASP B 219 -5.58 -6.36 -21.48
CA ASP B 219 -4.75 -7.32 -20.74
C ASP B 219 -3.31 -6.83 -20.56
N HIS B 220 -3.12 -5.50 -20.51
CA HIS B 220 -1.80 -4.93 -20.27
C HIS B 220 -1.39 -5.07 -18.81
N LEU B 221 -0.15 -5.48 -18.59
CA LEU B 221 0.48 -5.26 -17.29
C LEU B 221 0.42 -3.77 -16.96
N LEU B 222 0.01 -3.43 -15.74
CA LEU B 222 0.05 -2.05 -15.29
C LEU B 222 1.24 -1.76 -14.37
N SER B 223 1.68 -2.74 -13.60
CA SER B 223 2.82 -2.56 -12.70
C SER B 223 4.05 -2.03 -13.43
N GLY B 224 4.69 -1.02 -12.86
CA GLY B 224 5.90 -0.45 -13.40
C GLY B 224 5.72 0.59 -14.49
N LYS B 225 4.51 0.77 -15.00
CA LYS B 225 4.26 1.70 -16.10
C LYS B 225 3.77 3.03 -15.56
N GLN B 226 3.78 4.05 -16.43
CA GLN B 226 3.50 5.43 -16.05
CA GLN B 226 3.50 5.43 -16.03
C GLN B 226 2.08 5.82 -16.41
N ALA B 227 1.34 6.38 -15.44
CA ALA B 227 -0.03 6.82 -15.67
C ALA B 227 -0.17 8.31 -15.39
N LEU B 228 -1.08 8.95 -16.11
CA LEU B 228 -1.46 10.33 -15.83
C LEU B 228 -2.96 10.34 -15.61
N VAL B 229 -3.38 10.73 -14.41
CA VAL B 229 -4.80 10.84 -14.10
C VAL B 229 -5.15 12.32 -14.10
N ILE B 230 -6.11 12.71 -14.93
CA ILE B 230 -6.57 14.10 -15.01
C ILE B 230 -7.75 14.22 -14.06
N GLY B 231 -7.56 14.93 -12.96
CA GLY B 231 -8.58 15.17 -11.96
C GLY B 231 -8.33 14.36 -10.70
N TYR B 232 -8.70 14.95 -9.56
CA TYR B 232 -8.52 14.28 -8.27
C TYR B 232 -9.68 14.62 -7.34
N GLY B 233 -10.90 14.63 -7.89
CA GLY B 233 -12.11 14.63 -7.08
C GLY B 233 -12.37 13.22 -6.62
N ASP B 234 -13.64 12.88 -6.38
CA ASP B 234 -13.93 11.53 -5.88
C ASP B 234 -13.56 10.46 -6.89
N VAL B 235 -13.88 10.67 -8.17
CA VAL B 235 -13.55 9.68 -9.20
C VAL B 235 -12.05 9.63 -9.45
N GLY B 236 -11.40 10.80 -9.46
CA GLY B 236 -9.96 10.84 -9.67
C GLY B 236 -9.19 10.18 -8.52
N LYS B 237 -9.67 10.36 -7.28
CA LYS B 237 -9.05 9.69 -6.13
C LYS B 237 -9.16 8.18 -6.27
N GLY B 238 -10.36 7.69 -6.58
CA GLY B 238 -10.55 6.25 -6.70
C GLY B 238 -9.79 5.67 -7.89
N SER B 239 -9.74 6.43 -8.98
CA SER B 239 -9.02 6.00 -10.17
C SER B 239 -7.52 5.93 -9.92
N SER B 240 -6.99 6.96 -9.26
CA SER B 240 -5.56 6.95 -8.96
C SER B 240 -5.20 5.76 -8.09
N GLN B 241 -6.07 5.42 -7.14
CA GLN B 241 -5.78 4.28 -6.27
C GLN B 241 -5.91 2.97 -7.03
N SER B 242 -6.88 2.88 -7.95
CA SER B 242 -7.02 1.70 -8.81
C SER B 242 -5.71 1.38 -9.52
N LEU B 243 -5.03 2.43 -10.00
CA LEU B 243 -3.79 2.24 -10.73
C LEU B 243 -2.59 2.08 -9.79
N ARG B 244 -2.51 2.88 -8.73
CA ARG B 244 -1.36 2.79 -7.83
C ARG B 244 -1.31 1.43 -7.14
N GLN B 245 -2.46 0.87 -6.78
CA GLN B 245 -2.43 -0.40 -6.05
C GLN B 245 -1.97 -1.54 -6.95
N GLU B 246 -2.04 -1.37 -8.28
CA GLU B 246 -1.49 -2.31 -9.24
C GLU B 246 0.00 -2.11 -9.49
N GLY B 247 0.59 -1.09 -8.88
CA GLY B 247 2.00 -0.79 -9.07
C GLY B 247 2.32 0.22 -10.16
N MET B 248 1.32 0.93 -10.70
CA MET B 248 1.65 2.01 -11.62
C MET B 248 2.32 3.15 -10.88
N ILE B 249 3.17 3.88 -11.60
CA ILE B 249 3.69 5.16 -11.15
C ILE B 249 2.72 6.21 -11.66
N VAL B 250 1.93 6.78 -10.74
CA VAL B 250 0.78 7.62 -11.08
C VAL B 250 1.13 9.08 -10.83
N LYS B 251 0.93 9.91 -11.85
CA LYS B 251 0.96 11.35 -11.71
C LYS B 251 -0.45 11.91 -11.85
N VAL B 252 -0.72 13.03 -11.18
CA VAL B 252 -2.06 13.59 -11.07
C VAL B 252 -2.06 15.03 -11.55
N ALA B 253 -3.05 15.39 -12.37
CA ALA B 253 -3.27 16.78 -12.76
C ALA B 253 -4.54 17.30 -12.10
N GLU B 254 -4.53 18.59 -11.74
CA GLU B 254 -5.70 19.17 -11.10
C GLU B 254 -5.72 20.68 -11.35
N VAL B 255 -6.92 21.24 -11.41
CA VAL B 255 -7.09 22.70 -11.38
C VAL B 255 -7.43 23.19 -9.97
N ASP B 256 -7.82 22.29 -9.06
CA ASP B 256 -8.22 22.69 -7.73
C ASP B 256 -7.05 22.49 -6.79
N PRO B 257 -6.47 23.56 -6.22
CA PRO B 257 -5.28 23.39 -5.37
C PRO B 257 -5.53 22.52 -4.14
N ILE B 258 -6.74 22.50 -3.61
CA ILE B 258 -7.03 21.66 -2.44
C ILE B 258 -6.98 20.19 -2.81
N CYS B 259 -7.60 19.82 -3.94
CA CYS B 259 -7.53 18.44 -4.39
C CYS B 259 -6.10 18.05 -4.76
N ALA B 260 -5.35 18.99 -5.35
CA ALA B 260 -3.93 18.76 -5.64
C ALA B 260 -3.13 18.51 -4.37
N MET B 261 -3.44 19.26 -3.31
N MET B 261 -3.43 19.27 -3.31
CA MET B 261 -2.76 19.03 -2.04
CA MET B 261 -2.76 19.03 -2.04
C MET B 261 -3.02 17.63 -1.50
C MET B 261 -3.02 17.62 -1.53
N GLN B 262 -4.26 17.15 -1.64
CA GLN B 262 -4.56 15.79 -1.21
C GLN B 262 -3.75 14.78 -2.02
N ALA B 263 -3.62 15.01 -3.33
CA ALA B 263 -2.85 14.07 -4.14
C ALA B 263 -1.39 14.02 -3.71
N CYS B 264 -0.80 15.17 -3.40
CA CYS B 264 0.59 15.19 -2.90
C CYS B 264 0.69 14.38 -1.61
N MET B 265 -0.18 14.69 -0.65
CA MET B 265 -0.17 13.99 0.64
C MET B 265 -0.46 12.51 0.49
N ASP B 266 -1.21 12.12 -0.55
CA ASP B 266 -1.49 10.72 -0.81
C ASP B 266 -0.36 10.00 -1.51
N GLY B 267 0.74 10.69 -1.80
CA GLY B 267 1.93 10.07 -2.37
C GLY B 267 2.03 10.15 -3.86
N PHE B 268 1.34 11.10 -4.51
CA PHE B 268 1.39 11.26 -5.95
C PHE B 268 2.12 12.55 -6.31
N GLU B 269 2.84 12.50 -7.43
CA GLU B 269 3.44 13.69 -8.04
C GLU B 269 2.36 14.44 -8.81
N VAL B 270 2.23 15.74 -8.56
CA VAL B 270 1.20 16.57 -9.21
C VAL B 270 1.86 17.35 -10.34
N VAL B 271 1.35 17.16 -11.56
CA VAL B 271 1.94 17.73 -12.77
C VAL B 271 0.83 18.32 -13.63
N SER B 272 1.24 19.19 -14.54
CA SER B 272 0.32 19.72 -15.53
C SER B 272 0.72 19.25 -16.93
N PRO B 273 -0.24 18.96 -17.82
CA PRO B 273 0.14 18.73 -19.22
C PRO B 273 0.83 19.91 -19.85
N TYR B 274 0.72 21.11 -19.27
CA TYR B 274 1.13 22.34 -19.90
C TYR B 274 2.26 23.01 -19.12
N LYS B 275 3.17 23.64 -19.84
CA LYS B 275 4.22 24.43 -19.19
C LYS B 275 3.57 25.54 -18.38
N ASN B 276 4.03 25.72 -17.14
CA ASN B 276 3.48 26.69 -16.20
C ASN B 276 2.01 26.44 -15.89
N GLY B 277 1.48 25.28 -16.29
CA GLY B 277 0.05 25.03 -16.17
C GLY B 277 -0.85 25.88 -17.05
N ILE B 278 -0.31 26.58 -18.06
CA ILE B 278 -1.10 27.49 -18.89
C ILE B 278 -1.48 26.78 -20.19
N ASN B 279 -2.78 26.63 -20.40
CA ASN B 279 -3.32 25.88 -21.53
C ASN B 279 -3.68 26.91 -22.62
N ASP B 280 -2.67 27.34 -23.38
CA ASP B 280 -2.89 28.37 -24.39
C ASP B 280 -3.28 27.80 -25.75
N GLY B 281 -3.44 26.47 -25.86
CA GLY B 281 -3.88 25.83 -27.08
C GLY B 281 -2.79 25.52 -28.10
N THR B 282 -1.52 25.77 -27.79
CA THR B 282 -0.44 25.54 -28.74
C THR B 282 0.29 24.26 -28.41
N GLU B 283 0.98 23.71 -29.42
CA GLU B 283 1.86 22.56 -29.17
C GLU B 283 3.00 22.92 -28.22
N ALA B 284 3.50 24.15 -28.30
CA ALA B 284 4.62 24.55 -27.43
C ALA B 284 4.24 24.52 -25.96
N SER B 285 2.96 24.69 -25.64
CA SER B 285 2.55 24.61 -24.23
C SER B 285 2.71 23.20 -23.67
N ILE B 286 2.67 22.17 -24.51
CA ILE B 286 2.66 20.80 -23.98
C ILE B 286 4.02 20.48 -23.40
N ASP B 287 4.03 19.87 -22.21
CA ASP B 287 5.24 19.27 -21.66
C ASP B 287 5.50 17.97 -22.42
N ALA B 288 6.27 18.04 -23.51
CA ALA B 288 6.41 16.88 -24.38
C ALA B 288 7.21 15.78 -23.70
N ALA B 289 8.17 16.14 -22.85
CA ALA B 289 8.92 15.14 -22.12
C ALA B 289 8.00 14.33 -21.21
N LEU B 290 7.08 15.01 -20.52
CA LEU B 290 6.11 14.30 -19.68
C LEU B 290 5.19 13.42 -20.51
N LEU B 291 4.50 14.00 -21.51
CA LEU B 291 3.52 13.21 -22.27
C LEU B 291 4.19 12.03 -22.98
N GLY B 292 5.44 12.20 -23.40
CA GLY B 292 6.19 11.18 -24.11
C GLY B 292 6.60 10.00 -23.24
N LYS B 293 6.40 10.09 -21.93
CA LYS B 293 6.68 9.03 -20.98
C LYS B 293 5.43 8.31 -20.48
N ILE B 294 4.23 8.78 -20.84
CA ILE B 294 3.00 8.30 -20.20
C ILE B 294 2.46 7.10 -20.96
N ASP B 295 2.21 6.00 -20.25
CA ASP B 295 1.66 4.78 -20.84
C ASP B 295 0.14 4.72 -20.79
N LEU B 296 -0.49 5.51 -19.95
CA LEU B 296 -1.92 5.43 -19.74
C LEU B 296 -2.39 6.78 -19.25
N ILE B 297 -3.41 7.34 -19.91
CA ILE B 297 -4.06 8.56 -19.42
C ILE B 297 -5.52 8.26 -19.16
N VAL B 298 -6.03 8.75 -18.02
CA VAL B 298 -7.40 8.56 -17.59
C VAL B 298 -8.00 9.91 -17.21
N THR B 299 -9.15 10.24 -17.78
CA THR B 299 -9.82 11.50 -17.46
C THR B 299 -10.97 11.24 -16.49
N THR B 300 -11.07 12.10 -15.45
CA THR B 300 -12.00 11.88 -14.36
C THR B 300 -12.77 13.14 -13.96
N THR B 301 -12.87 14.13 -14.85
CA THR B 301 -13.18 15.49 -14.39
C THR B 301 -14.64 15.91 -14.48
N GLY B 302 -15.40 15.36 -15.42
CA GLY B 302 -16.67 15.99 -15.70
C GLY B 302 -16.57 17.30 -16.47
N ASN B 303 -15.38 17.64 -16.97
CA ASN B 303 -15.11 18.85 -17.71
C ASN B 303 -14.93 18.51 -19.19
N VAL B 304 -14.66 19.51 -20.01
CA VAL B 304 -14.59 19.31 -21.46
C VAL B 304 -13.13 19.45 -21.91
N ASN B 305 -12.71 18.53 -22.78
CA ASN B 305 -11.44 18.60 -23.48
C ASN B 305 -10.25 18.74 -22.52
N VAL B 306 -10.20 17.87 -21.51
CA VAL B 306 -9.07 17.83 -20.58
C VAL B 306 -7.97 16.87 -21.05
N CYS B 307 -8.24 16.05 -22.06
CA CYS B 307 -7.20 15.33 -22.80
C CYS B 307 -7.37 15.79 -24.25
N ASP B 308 -6.60 16.80 -24.65
CA ASP B 308 -6.89 17.53 -25.86
C ASP B 308 -6.01 17.04 -27.02
N ALA B 309 -6.23 17.65 -28.20
CA ALA B 309 -5.56 17.19 -29.40
C ALA B 309 -4.04 17.26 -29.26
N ASN B 310 -3.51 18.36 -28.70
CA ASN B 310 -2.05 18.43 -28.62
C ASN B 310 -1.49 17.43 -27.62
N MET B 311 -2.23 17.13 -26.55
CA MET B 311 -1.81 16.06 -25.64
C MET B 311 -1.79 14.72 -26.37
N LEU B 312 -2.84 14.43 -27.15
CA LEU B 312 -2.89 13.17 -27.89
C LEU B 312 -1.76 13.05 -28.91
N LYS B 313 -1.37 14.17 -29.53
CA LYS B 313 -0.25 14.14 -30.46
C LYS B 313 1.07 13.87 -29.75
N ALA B 314 1.18 14.29 -28.49
CA ALA B 314 2.42 14.22 -27.73
C ALA B 314 2.58 12.91 -26.96
N LEU B 315 1.51 12.15 -26.76
CA LEU B 315 1.56 10.94 -25.97
C LEU B 315 2.58 9.95 -26.51
N LYS B 316 3.23 9.24 -25.60
CA LYS B 316 4.07 8.09 -25.94
C LYS B 316 3.36 7.14 -26.89
N LYS B 317 4.10 6.59 -27.85
CA LYS B 317 3.52 5.59 -28.75
C LYS B 317 2.93 4.44 -27.97
N ARG B 318 1.76 3.97 -28.42
CA ARG B 318 1.05 2.81 -27.86
C ARG B 318 0.50 3.07 -26.45
N ALA B 319 0.39 4.32 -26.03
CA ALA B 319 -0.33 4.65 -24.80
C ALA B 319 -1.81 4.28 -24.91
N VAL B 320 -2.40 3.94 -23.76
CA VAL B 320 -3.84 3.73 -23.60
C VAL B 320 -4.48 5.04 -23.14
N VAL B 321 -5.64 5.37 -23.73
CA VAL B 321 -6.39 6.58 -23.44
C VAL B 321 -7.80 6.16 -23.07
N CYS B 322 -8.30 6.64 -21.94
CA CYS B 322 -9.67 6.31 -21.58
C CYS B 322 -10.24 7.39 -20.67
N ASN B 323 -11.56 7.34 -20.53
CA ASN B 323 -12.33 8.33 -19.78
C ASN B 323 -13.27 7.60 -18.85
N ILE B 324 -13.32 8.03 -17.59
CA ILE B 324 -14.25 7.45 -16.63
C ILE B 324 -15.17 8.52 -16.04
N GLY B 325 -15.11 9.76 -16.57
CA GLY B 325 -16.14 10.74 -16.31
C GLY B 325 -17.39 10.44 -17.13
N HIS B 326 -18.47 11.18 -16.84
CA HIS B 326 -19.78 10.78 -17.35
C HIS B 326 -19.88 10.87 -18.88
N PHE B 327 -19.26 11.86 -19.51
CA PHE B 327 -19.47 12.15 -20.92
C PHE B 327 -18.16 12.03 -21.68
N ASP B 328 -18.26 11.67 -22.97
CA ASP B 328 -17.04 11.39 -23.74
C ASP B 328 -16.33 12.63 -24.25
N ASN B 329 -16.81 13.82 -23.96
CA ASN B 329 -16.11 15.02 -24.44
C ASN B 329 -14.93 15.42 -23.56
N GLU B 330 -14.60 14.64 -22.53
CA GLU B 330 -13.36 14.85 -21.79
C GLU B 330 -12.15 14.66 -22.70
N ILE B 331 -12.24 13.73 -23.65
CA ILE B 331 -11.19 13.45 -24.61
C ILE B 331 -11.63 13.99 -25.95
N ASP B 332 -10.70 14.61 -26.69
CA ASP B 332 -11.03 15.14 -28.01
C ASP B 332 -10.99 13.99 -29.03
N THR B 333 -11.99 13.10 -28.89
CA THR B 333 -12.12 12.03 -29.88
C THR B 333 -12.56 12.55 -31.24
N ALA B 334 -13.26 13.70 -31.29
CA ALA B 334 -13.62 14.27 -32.59
C ALA B 334 -12.38 14.55 -33.43
N PHE B 335 -11.33 15.09 -32.79
CA PHE B 335 -10.07 15.31 -33.49
C PHE B 335 -9.49 14.00 -34.01
N MET B 336 -9.58 12.95 -33.21
CA MET B 336 -9.01 11.68 -33.65
C MET B 336 -9.84 11.06 -34.78
N ARG B 337 -11.16 11.25 -34.76
CA ARG B 337 -11.98 10.77 -35.86
C ARG B 337 -11.67 11.50 -37.16
N LYS B 338 -11.35 12.80 -37.07
CA LYS B 338 -11.15 13.59 -38.28
C LYS B 338 -9.81 13.31 -38.94
N ASN B 339 -8.79 12.96 -38.15
CA ASN B 339 -7.42 12.98 -38.61
C ASN B 339 -6.73 11.63 -38.67
N TRP B 340 -7.17 10.64 -37.87
CA TRP B 340 -6.44 9.41 -37.67
C TRP B 340 -7.31 8.20 -38.00
N ALA B 341 -6.68 7.10 -38.39
CA ALA B 341 -7.38 5.90 -38.84
C ALA B 341 -7.64 4.98 -37.66
N TRP B 342 -8.89 4.53 -37.52
CA TRP B 342 -9.27 3.69 -36.39
C TRP B 342 -9.28 2.23 -36.81
N GLU B 343 -8.57 1.40 -36.07
CA GLU B 343 -8.54 -0.04 -36.31
C GLU B 343 -9.19 -0.72 -35.11
N GLU B 344 -10.30 -1.41 -35.33
CA GLU B 344 -10.94 -2.09 -34.20
C GLU B 344 -10.16 -3.34 -33.86
N VAL B 345 -9.74 -3.45 -32.61
CA VAL B 345 -9.15 -4.68 -32.10
C VAL B 345 -10.24 -5.69 -31.78
N LYS B 346 -11.21 -5.25 -30.98
CA LYS B 346 -12.41 -5.97 -30.60
C LYS B 346 -13.41 -4.92 -30.13
N PRO B 347 -14.66 -5.28 -29.84
CA PRO B 347 -15.62 -4.25 -29.44
C PRO B 347 -15.10 -3.40 -28.29
N GLN B 348 -15.27 -2.09 -28.43
CA GLN B 348 -14.87 -1.10 -27.45
C GLN B 348 -13.36 -1.02 -27.25
N VAL B 349 -12.56 -1.49 -28.21
CA VAL B 349 -11.11 -1.33 -28.16
C VAL B 349 -10.65 -0.98 -29.57
N HIS B 350 -10.09 0.23 -29.75
CA HIS B 350 -9.63 0.68 -31.04
C HIS B 350 -8.19 1.14 -30.95
N LYS B 351 -7.38 0.72 -31.93
CA LYS B 351 -6.09 1.36 -32.18
C LYS B 351 -6.32 2.56 -33.08
N ILE B 352 -5.77 3.70 -32.67
CA ILE B 352 -5.88 4.96 -33.41
C ILE B 352 -4.51 5.23 -33.99
N HIS B 353 -4.39 5.17 -35.32
CA HIS B 353 -3.09 5.25 -35.98
C HIS B 353 -2.80 6.71 -36.31
N ARG B 354 -1.77 7.27 -35.69
CA ARG B 354 -1.43 8.69 -35.87
C ARG B 354 -0.67 8.97 -37.16
N THR B 355 -0.56 7.99 -38.04
CA THR B 355 0.08 8.16 -39.35
C THR B 355 -0.83 8.83 -40.37
N GLY B 356 -2.12 8.92 -40.13
CA GLY B 356 -3.01 9.57 -41.07
C GLY B 356 -4.38 8.93 -41.04
N LYS B 357 -5.25 9.47 -41.89
CA LYS B 357 -6.64 9.03 -42.01
C LYS B 357 -6.82 8.00 -43.12
N ASP B 358 -5.95 8.01 -44.14
CA ASP B 358 -6.09 7.17 -45.33
C ASP B 358 -5.53 5.78 -45.04
N GLY B 359 -6.31 5.00 -44.29
CA GLY B 359 -5.88 3.65 -43.96
C GLY B 359 -4.67 3.63 -43.04
N PHE B 360 -4.21 2.41 -42.77
CA PHE B 360 -3.11 2.22 -41.82
C PHE B 360 -2.31 0.99 -42.21
N ASP B 361 -1.03 0.98 -41.81
CA ASP B 361 -0.21 -0.21 -41.86
C ASP B 361 -0.54 -1.10 -40.67
N ALA B 362 -0.88 -2.37 -40.92
CA ALA B 362 -1.24 -3.28 -39.84
C ALA B 362 -0.12 -3.43 -38.81
N HIS B 363 1.13 -3.17 -39.19
CA HIS B 363 2.27 -3.27 -38.30
C HIS B 363 2.81 -1.91 -37.89
N ASN B 364 2.03 -0.85 -38.08
CA ASN B 364 2.44 0.48 -37.62
C ASN B 364 2.66 0.46 -36.12
N ASP B 365 3.73 1.13 -35.67
CA ASP B 365 4.01 1.21 -34.24
C ASP B 365 3.47 2.47 -33.61
N ASP B 366 3.02 3.44 -34.41
CA ASP B 366 2.64 4.76 -33.91
C ASP B 366 1.11 4.84 -33.83
N TYR B 367 0.58 4.26 -32.76
CA TYR B 367 -0.86 4.28 -32.49
C TYR B 367 -1.11 4.49 -31.00
N LEU B 368 -2.34 4.90 -30.69
CA LEU B 368 -2.85 4.90 -29.33
C LEU B 368 -3.94 3.84 -29.24
N ILE B 369 -4.21 3.35 -28.03
CA ILE B 369 -5.35 2.46 -27.83
C ILE B 369 -6.41 3.23 -27.05
N LEU B 370 -7.59 3.38 -27.66
CA LEU B 370 -8.73 4.06 -27.04
C LEU B 370 -9.73 3.02 -26.58
N LEU B 371 -10.19 3.14 -25.34
CA LEU B 371 -11.17 2.22 -24.78
C LEU B 371 -12.57 2.84 -24.83
N ALA B 372 -13.55 2.03 -25.23
CA ALA B 372 -14.98 2.41 -25.25
C ALA B 372 -15.24 3.69 -26.03
N GLU B 373 -14.39 3.99 -27.01
CA GLU B 373 -14.53 5.18 -27.84
C GLU B 373 -14.62 6.47 -27.00
N GLY B 374 -13.96 6.48 -25.85
CA GLY B 374 -13.97 7.62 -24.96
C GLY B 374 -15.14 7.68 -23.98
N ARG B 375 -16.10 6.75 -24.05
CA ARG B 375 -17.22 6.71 -23.11
C ARG B 375 -16.78 6.08 -21.80
N LEU B 376 -17.62 6.23 -20.76
CA LEU B 376 -17.35 5.68 -19.42
C LEU B 376 -16.68 4.31 -19.50
N VAL B 377 -15.39 4.22 -19.15
CA VAL B 377 -14.63 3.02 -19.48
C VAL B 377 -14.98 1.85 -18.55
N ASN B 378 -15.31 2.12 -17.27
CA ASN B 378 -15.58 1.02 -16.36
C ASN B 378 -16.85 0.28 -16.77
N LEU B 379 -17.87 1.01 -17.25
CA LEU B 379 -19.09 0.37 -17.72
C LEU B 379 -18.97 -0.11 -19.17
N GLY B 380 -18.12 0.54 -19.97
CA GLY B 380 -18.02 0.20 -21.37
C GLY B 380 -17.17 -1.03 -21.63
N ASN B 381 -16.06 -1.15 -20.91
CA ASN B 381 -15.17 -2.30 -21.09
C ASN B 381 -15.27 -3.33 -19.98
N ALA B 382 -16.02 -3.06 -18.90
CA ALA B 382 -16.25 -4.09 -17.89
C ALA B 382 -17.71 -4.02 -17.49
N THR B 383 -18.03 -4.06 -16.18
CA THR B 383 -19.42 -4.06 -15.74
C THR B 383 -19.69 -2.95 -14.73
N GLY B 384 -18.90 -1.88 -14.75
CA GLY B 384 -19.03 -0.83 -13.76
C GLY B 384 -18.80 -1.33 -12.33
N HIS B 385 -19.40 -0.60 -11.39
CA HIS B 385 -19.18 -0.88 -9.99
C HIS B 385 -19.81 -2.20 -9.57
N PRO B 386 -19.25 -2.86 -8.56
CA PRO B 386 -19.83 -4.12 -8.07
C PRO B 386 -21.10 -3.90 -7.25
N SER B 387 -21.90 -4.96 -7.19
CA SER B 387 -23.20 -4.90 -6.51
C SER B 387 -23.08 -4.34 -5.10
N ARG B 388 -22.09 -4.78 -4.32
CA ARG B 388 -22.02 -4.36 -2.92
C ARG B 388 -21.73 -2.87 -2.79
N ILE B 389 -21.09 -2.25 -3.79
CA ILE B 389 -20.95 -0.80 -3.78
C ILE B 389 -22.24 -0.13 -4.25
N MET B 390 -22.83 -0.63 -5.34
CA MET B 390 -24.04 0.01 -5.85
C MET B 390 -25.22 -0.11 -4.88
N ASP B 391 -25.15 -1.08 -3.97
CA ASP B 391 -26.11 -1.19 -2.87
C ASP B 391 -26.33 0.16 -2.17
N GLY B 392 -25.23 0.85 -1.83
CA GLY B 392 -25.36 2.14 -1.18
C GLY B 392 -26.05 3.18 -2.06
N SER B 393 -25.56 3.33 -3.29
CA SER B 393 -26.13 4.30 -4.21
C SER B 393 -27.62 4.08 -4.40
N PHE B 394 -28.01 2.82 -4.59
CA PHE B 394 -29.38 2.53 -4.97
C PHE B 394 -30.31 2.48 -3.77
N ALA B 395 -29.79 2.16 -2.58
CA ALA B 395 -30.62 2.34 -1.40
C ALA B 395 -31.00 3.82 -1.24
N ASN B 396 -30.02 4.73 -1.46
CA ASN B 396 -30.32 6.16 -1.48
C ASN B 396 -31.35 6.51 -2.54
N GLN B 397 -31.22 5.97 -3.76
CA GLN B 397 -32.21 6.26 -4.81
C GLN B 397 -33.62 5.89 -4.36
N VAL B 398 -33.77 4.71 -3.74
CA VAL B 398 -35.10 4.29 -3.32
C VAL B 398 -35.65 5.24 -2.27
N LEU B 399 -34.81 5.59 -1.28
CA LEU B 399 -35.27 6.49 -0.23
C LEU B 399 -35.57 7.88 -0.79
N ALA B 400 -34.80 8.32 -1.79
CA ALA B 400 -35.07 9.61 -2.41
C ALA B 400 -36.38 9.59 -3.19
N GLN B 401 -36.66 8.50 -3.91
CA GLN B 401 -37.94 8.38 -4.60
C GLN B 401 -39.11 8.43 -3.61
N ILE B 402 -38.99 7.70 -2.50
CA ILE B 402 -40.06 7.73 -1.48
C ILE B 402 -40.20 9.15 -0.94
N HIS B 403 -39.08 9.76 -0.59
CA HIS B 403 -39.04 11.11 0.00
C HIS B 403 -39.79 12.12 -0.86
N LEU B 404 -39.46 12.19 -2.15
CA LEU B 404 -40.14 13.18 -2.99
C LEU B 404 -41.56 12.77 -3.33
N PHE B 405 -41.80 11.47 -3.56
CA PHE B 405 -43.13 11.04 -3.94
C PHE B 405 -44.14 11.30 -2.82
N GLU B 406 -43.74 11.09 -1.56
CA GLU B 406 -44.65 11.31 -0.43
C GLU B 406 -44.93 12.79 -0.21
N GLN B 407 -44.11 13.70 -0.73
CA GLN B 407 -44.32 15.13 -0.54
CA GLN B 407 -44.34 15.12 -0.53
C GLN B 407 -45.25 15.74 -1.58
N LYS B 408 -45.49 15.06 -2.71
CA LYS B 408 -46.53 15.43 -3.68
C LYS B 408 -46.44 16.89 -4.11
N TYR B 409 -45.26 17.30 -4.58
CA TYR B 409 -45.06 18.66 -5.05
C TYR B 409 -46.02 19.02 -6.17
N ALA B 410 -46.28 18.09 -7.10
CA ALA B 410 -47.10 18.43 -8.25
C ALA B 410 -48.53 18.82 -7.88
N ASP B 411 -49.00 18.46 -6.69
CA ASP B 411 -50.35 18.79 -6.26
C ASP B 411 -50.44 20.17 -5.61
N LEU B 412 -49.32 20.86 -5.42
CA LEU B 412 -49.30 22.16 -4.78
C LEU B 412 -49.69 23.27 -5.77
N PRO B 413 -50.26 24.35 -5.27
CA PRO B 413 -50.43 25.55 -6.10
C PRO B 413 -49.07 26.21 -6.34
N ALA B 414 -49.05 27.08 -7.36
CA ALA B 414 -47.77 27.62 -7.85
C ALA B 414 -47.01 28.36 -6.76
N ALA B 415 -47.71 29.16 -5.95
CA ALA B 415 -47.01 29.91 -4.89
C ALA B 415 -46.36 28.97 -3.89
N GLU B 416 -47.03 27.86 -3.58
CA GLU B 416 -46.43 26.87 -2.68
C GLU B 416 -45.32 26.10 -3.37
N LYS B 417 -45.48 25.81 -4.67
CA LYS B 417 -44.41 25.14 -5.40
C LYS B 417 -43.13 25.96 -5.34
N ALA B 418 -43.23 27.27 -5.50
CA ALA B 418 -42.05 28.12 -5.50
C ALA B 418 -41.27 27.99 -4.19
N LYS B 419 -41.98 27.92 -3.05
CA LYS B 419 -41.33 27.76 -1.76
C LYS B 419 -40.72 26.38 -1.60
N ARG B 420 -41.27 25.38 -2.29
CA ARG B 420 -40.84 24.00 -2.13
C ARG B 420 -39.73 23.60 -3.12
N LEU B 421 -39.51 24.40 -4.15
CA LEU B 421 -38.58 24.05 -5.22
C LEU B 421 -37.15 24.13 -4.70
N SER B 422 -36.42 23.02 -4.80
CA SER B 422 -35.08 22.97 -4.24
C SER B 422 -34.36 21.79 -4.86
N VAL B 423 -33.04 21.79 -4.69
CA VAL B 423 -32.19 20.64 -4.94
C VAL B 423 -31.51 20.34 -3.61
N GLU B 424 -31.94 19.25 -2.97
CA GLU B 424 -31.47 18.93 -1.62
C GLU B 424 -30.83 17.54 -1.60
N VAL B 425 -30.05 17.30 -0.56
CA VAL B 425 -29.55 15.97 -0.26
C VAL B 425 -30.47 15.32 0.75
N LEU B 426 -30.35 14.00 0.90
CA LEU B 426 -31.10 13.28 1.91
C LEU B 426 -30.56 13.63 3.30
N PRO B 427 -31.42 13.67 4.32
CA PRO B 427 -30.93 13.94 5.67
C PRO B 427 -29.90 12.90 6.11
N LYS B 428 -29.01 13.34 6.99
CA LYS B 428 -27.91 12.49 7.45
C LYS B 428 -28.42 11.22 8.12
N LYS B 429 -29.58 11.27 8.78
CA LYS B 429 -30.11 10.06 9.41
C LYS B 429 -30.31 8.93 8.39
N LEU B 430 -30.74 9.27 7.17
CA LEU B 430 -30.92 8.23 6.16
C LEU B 430 -29.59 7.74 5.61
N ASP B 431 -28.64 8.65 5.39
CA ASP B 431 -27.28 8.29 5.02
C ASP B 431 -26.70 7.30 6.02
N GLU B 432 -26.84 7.59 7.32
CA GLU B 432 -26.34 6.68 8.35
C GLU B 432 -27.09 5.34 8.32
N GLU B 433 -28.40 5.37 8.06
CA GLU B 433 -29.17 4.13 7.99
C GLU B 433 -28.66 3.22 6.87
N VAL B 434 -28.40 3.79 5.69
CA VAL B 434 -27.81 3.03 4.59
C VAL B 434 -26.47 2.46 5.01
N ALA B 435 -25.65 3.30 5.63
CA ALA B 435 -24.28 2.90 5.98
C ALA B 435 -24.28 1.73 6.96
N LEU B 436 -25.18 1.77 7.94
CA LEU B 436 -25.22 0.68 8.91
C LEU B 436 -25.54 -0.64 8.22
N GLU B 437 -26.41 -0.63 7.23
CA GLU B 437 -26.75 -1.88 6.55
C GLU B 437 -25.57 -2.37 5.71
N MET B 438 -24.85 -1.43 5.10
CA MET B 438 -23.64 -1.81 4.39
C MET B 438 -22.61 -2.42 5.34
N VAL B 439 -22.40 -1.81 6.50
CA VAL B 439 -21.41 -2.31 7.45
C VAL B 439 -21.78 -3.72 7.91
N LYS B 440 -23.05 -3.96 8.23
CA LYS B 440 -23.46 -5.29 8.63
C LYS B 440 -23.24 -6.30 7.53
N GLY B 441 -23.34 -5.87 6.26
CA GLY B 441 -23.11 -6.78 5.16
C GLY B 441 -21.68 -7.29 5.12
N PHE B 442 -20.74 -6.49 5.63
CA PHE B 442 -19.35 -6.92 5.79
C PHE B 442 -19.13 -7.72 7.06
N GLY B 443 -20.18 -7.89 7.88
CA GLY B 443 -19.98 -8.47 9.19
C GLY B 443 -19.40 -7.53 10.21
N GLY B 444 -19.37 -6.22 9.92
CA GLY B 444 -18.86 -5.26 10.87
C GLY B 444 -19.81 -5.07 12.03
N VAL B 445 -19.25 -4.72 13.19
CA VAL B 445 -20.03 -4.50 14.41
C VAL B 445 -19.82 -3.06 14.86
N VAL B 446 -20.86 -2.25 14.78
CA VAL B 446 -20.79 -0.86 15.23
C VAL B 446 -21.02 -0.80 16.73
N THR B 447 -20.23 0.02 17.44
CA THR B 447 -20.37 0.17 18.88
C THR B 447 -21.48 1.17 19.19
N GLN B 448 -22.20 0.90 20.27
CA GLN B 448 -23.25 1.79 20.75
C GLN B 448 -22.71 2.70 21.86
N LEU B 449 -22.92 4.01 21.71
CA LEU B 449 -22.52 4.95 22.75
C LEU B 449 -23.29 4.71 24.05
N THR B 450 -22.62 4.88 25.18
CA THR B 450 -23.32 4.95 26.45
C THR B 450 -24.05 6.28 26.53
N PRO B 451 -25.05 6.40 27.40
CA PRO B 451 -25.69 7.71 27.59
C PRO B 451 -24.71 8.82 27.95
N LYS B 452 -23.77 8.54 28.86
CA LYS B 452 -22.79 9.54 29.27
C LYS B 452 -21.90 9.97 28.10
N GLN B 453 -21.53 9.02 27.24
CA GLN B 453 -20.69 9.33 26.09
C GLN B 453 -21.45 10.17 25.06
N ALA B 454 -22.70 9.78 24.78
CA ALA B 454 -23.52 10.57 23.87
C ALA B 454 -23.67 12.01 24.36
N GLU B 455 -23.91 12.18 25.65
CA GLU B 455 -23.99 13.53 26.23
C GLU B 455 -22.65 14.24 26.12
N TYR B 456 -21.55 13.51 26.29
CA TYR B 456 -20.22 14.11 26.28
C TYR B 456 -19.90 14.76 24.93
N ILE B 457 -20.28 14.11 23.82
CA ILE B 457 -20.01 14.66 22.50
C ILE B 457 -21.22 15.33 21.89
N GLY B 458 -22.34 15.38 22.61
CA GLY B 458 -23.50 16.16 22.19
C GLY B 458 -24.31 15.54 21.07
N VAL B 459 -24.53 14.23 21.09
CA VAL B 459 -25.32 13.56 20.08
C VAL B 459 -26.32 12.62 20.76
N SER B 460 -27.30 12.19 19.98
CA SER B 460 -28.18 11.10 20.38
C SER B 460 -27.47 9.76 20.20
N VAL B 461 -27.80 8.82 21.09
CA VAL B 461 -27.29 7.46 20.93
C VAL B 461 -27.69 6.89 19.58
N GLU B 462 -28.83 7.34 19.04
CA GLU B 462 -29.31 6.90 17.74
C GLU B 462 -28.78 7.73 16.59
N GLY B 463 -27.94 8.74 16.85
CA GLY B 463 -27.46 9.59 15.79
C GLY B 463 -28.49 10.64 15.43
N PRO B 464 -28.16 11.54 14.48
CA PRO B 464 -26.93 11.61 13.69
C PRO B 464 -25.70 11.87 14.55
N PHE B 465 -24.58 11.33 14.12
CA PHE B 465 -23.36 11.38 14.92
C PHE B 465 -22.45 12.54 14.55
N LYS B 466 -22.75 13.26 13.46
CA LYS B 466 -21.90 14.32 12.97
C LYS B 466 -22.74 15.54 12.61
N PRO B 467 -22.20 16.74 12.76
CA PRO B 467 -22.89 17.93 12.23
C PRO B 467 -22.94 17.89 10.71
N ASP B 468 -23.90 18.63 10.16
CA ASP B 468 -24.06 18.66 8.71
C ASP B 468 -22.82 19.21 8.00
N THR B 469 -21.99 19.97 8.70
CA THR B 469 -20.75 20.49 8.12
C THR B 469 -19.68 19.41 7.91
N TYR B 470 -19.85 18.22 8.46
CA TYR B 470 -18.75 17.25 8.50
C TYR B 470 -18.46 16.67 7.13
N ARG B 471 -17.16 16.50 6.83
CA ARG B 471 -16.73 16.10 5.49
C ARG B 471 -16.31 14.64 5.38
N TYR B 472 -16.13 13.94 6.50
CA TYR B 472 -15.70 12.54 6.46
C TYR B 472 -14.39 12.39 5.69
N PRO C 10 17.12 36.26 27.80
CA PRO C 10 18.38 36.99 27.98
C PRO C 10 18.23 38.49 27.74
N ALA C 11 19.07 39.30 28.40
CA ALA C 11 18.92 40.74 28.60
C ALA C 11 17.93 41.00 29.71
N GLY C 12 17.48 42.25 29.88
CA GLY C 12 16.52 42.58 30.92
C GLY C 12 15.26 41.75 30.87
N PHE C 13 15.02 41.08 29.75
CA PHE C 13 13.80 40.29 29.54
C PHE C 13 13.80 39.08 30.48
N THR C 14 12.88 39.07 31.44
CA THR C 14 12.66 37.93 32.32
C THR C 14 11.23 37.42 32.26
N ASP C 15 10.44 37.87 31.29
CA ASP C 15 9.01 37.61 31.26
C ASP C 15 8.72 36.27 30.57
N TYR C 16 9.24 35.19 31.14
CA TYR C 16 9.10 33.86 30.54
C TYR C 16 9.45 32.80 31.57
N LYS C 17 9.07 31.55 31.28
CA LYS C 17 9.58 30.41 32.03
C LYS C 17 9.69 29.22 31.09
N VAL C 18 10.92 28.73 30.91
CA VAL C 18 11.21 27.60 30.05
C VAL C 18 12.18 26.69 30.80
N ALA C 19 12.36 25.48 30.28
CA ALA C 19 13.20 24.50 30.97
C ALA C 19 14.66 24.93 31.01
N ASP C 20 15.19 25.40 29.88
CA ASP C 20 16.62 25.64 29.77
C ASP C 20 16.83 26.64 28.63
N ILE C 21 17.06 27.91 28.98
CA ILE C 21 17.26 28.94 27.98
C ILE C 21 18.47 28.68 27.11
N THR C 22 19.44 27.89 27.59
CA THR C 22 20.63 27.64 26.78
C THR C 22 20.36 26.71 25.60
N LEU C 23 19.16 26.15 25.49
CA LEU C 23 18.77 25.40 24.30
C LEU C 23 18.37 26.30 23.14
N ALA C 24 18.47 27.62 23.31
CA ALA C 24 17.89 28.56 22.34
C ALA C 24 18.58 28.46 20.98
N ALA C 25 19.92 28.36 20.95
CA ALA C 25 20.63 28.30 19.68
C ALA C 25 20.20 27.07 18.87
N TRP C 26 20.12 25.92 19.53
CA TRP C 26 19.63 24.71 18.86
C TRP C 26 18.21 24.93 18.35
N GLY C 27 17.35 25.54 19.16
CA GLY C 27 16.01 25.85 18.70
C GLY C 27 16.01 26.74 17.48
N ARG C 28 16.89 27.76 17.47
CA ARG C 28 16.97 28.66 16.31
C ARG C 28 17.39 27.90 15.06
N ARG C 29 18.35 26.97 15.19
CA ARG C 29 18.76 26.18 14.02
C ARG C 29 17.58 25.42 13.45
N GLU C 30 16.77 24.81 14.31
CA GLU C 30 15.63 24.04 13.82
C GLU C 30 14.52 24.94 13.29
N LEU C 31 14.39 26.16 13.83
CA LEU C 31 13.40 27.08 13.29
C LEU C 31 13.76 27.49 11.86
N ILE C 32 15.05 27.72 11.60
CA ILE C 32 15.49 28.11 10.26
C ILE C 32 15.20 26.99 9.27
N ILE C 33 15.40 25.74 9.68
CA ILE C 33 15.03 24.59 8.84
C ILE C 33 13.51 24.55 8.63
N ALA C 34 12.75 24.74 9.72
CA ALA C 34 11.29 24.64 9.61
C ALA C 34 10.73 25.70 8.68
N GLU C 35 11.31 26.89 8.70
CA GLU C 35 10.87 27.95 7.78
C GLU C 35 10.94 27.47 6.33
N SER C 36 11.99 26.75 5.97
CA SER C 36 12.09 26.22 4.61
C SER C 36 11.05 25.14 4.33
N GLU C 37 10.44 24.58 5.36
CA GLU C 37 9.43 23.54 5.21
C GLU C 37 8.01 24.08 5.26
N MET C 38 7.83 25.39 5.40
CA MET C 38 6.52 25.99 5.65
C MET C 38 6.28 27.15 4.68
N PRO C 39 6.11 26.85 3.38
CA PRO C 39 6.01 27.93 2.39
C PRO C 39 4.74 28.74 2.47
N ALA C 40 3.62 28.14 2.88
CA ALA C 40 2.40 28.94 3.00
C ALA C 40 2.53 29.95 4.12
N LEU C 41 3.07 29.51 5.26
CA LEU C 41 3.23 30.42 6.39
C LEU C 41 4.25 31.50 6.09
N MET C 42 5.41 31.10 5.55
N MET C 42 5.40 31.13 5.52
CA MET C 42 6.41 32.07 5.09
CA MET C 42 6.38 32.15 5.16
C MET C 42 5.83 32.99 4.05
C MET C 42 5.91 32.99 3.98
N GLY C 43 5.04 32.45 3.12
CA GLY C 43 4.44 33.27 2.08
C GLY C 43 3.58 34.38 2.66
N LEU C 44 2.84 34.07 3.73
CA LEU C 44 2.03 35.11 4.39
C LEU C 44 2.91 36.12 5.10
N ARG C 45 4.02 35.65 5.68
CA ARG C 45 4.96 36.55 6.32
C ARG C 45 5.48 37.59 5.32
N ARG C 46 5.87 37.15 4.13
CA ARG C 46 6.39 38.08 3.13
C ARG C 46 5.28 38.96 2.56
N LYS C 47 4.08 38.40 2.38
CA LYS C 47 3.00 39.13 1.74
C LYS C 47 2.53 40.30 2.59
N TYR C 48 2.45 40.10 3.91
CA TYR C 48 1.81 41.05 4.81
C TYR C 48 2.78 41.84 5.68
N ALA C 49 4.08 41.58 5.57
CA ALA C 49 5.04 42.27 6.43
C ALA C 49 4.93 43.78 6.30
N GLY C 50 4.80 44.26 5.06
CA GLY C 50 4.74 45.70 4.84
C GLY C 50 3.49 46.34 5.40
N GLN C 51 2.33 45.69 5.26
CA GLN C 51 1.06 46.26 5.70
CA GLN C 51 1.11 46.35 5.72
C GLN C 51 0.87 46.16 7.21
N GLN C 52 1.61 45.30 7.89
CA GLN C 52 1.50 45.10 9.33
C GLN C 52 0.04 44.98 9.79
N PRO C 53 -0.68 43.96 9.29
CA PRO C 53 -2.12 43.88 9.60
C PRO C 53 -2.42 43.56 11.03
N LEU C 54 -1.44 43.05 11.79
CA LEU C 54 -1.64 42.75 13.20
C LEU C 54 -1.02 43.80 14.11
N LYS C 55 -0.70 44.99 13.57
CA LYS C 55 -0.22 46.09 14.40
C LYS C 55 -1.27 46.42 15.46
N GLY C 56 -0.88 46.34 16.73
CA GLY C 56 -1.78 46.59 17.82
C GLY C 56 -2.48 45.37 18.37
N ALA C 57 -2.36 44.23 17.70
CA ALA C 57 -2.92 43.00 18.23
C ALA C 57 -2.11 42.52 19.43
N LYS C 58 -2.82 42.04 20.45
CA LYS C 58 -2.19 41.47 21.64
C LYS C 58 -2.81 40.08 21.83
N ILE C 59 -2.07 39.02 21.44
CA ILE C 59 -2.65 37.68 21.31
C ILE C 59 -2.24 36.82 22.50
N LEU C 60 -3.23 36.29 23.21
CA LEU C 60 -3.01 35.19 24.13
C LEU C 60 -3.01 33.90 23.32
N GLY C 61 -1.91 33.14 23.38
CA GLY C 61 -1.86 31.92 22.58
C GLY C 61 -1.68 30.71 23.46
N CYS C 62 -2.43 29.63 23.21
CA CYS C 62 -2.29 28.40 24.00
C CYS C 62 -2.31 27.23 23.01
N ILE C 63 -1.13 26.76 22.63
CA ILE C 63 -1.02 25.62 21.71
C ILE C 63 0.40 25.05 21.83
N HIS C 64 0.49 23.72 21.71
CA HIS C 64 1.73 22.95 21.81
C HIS C 64 2.97 23.74 21.41
N MET C 65 3.91 23.96 22.33
CA MET C 65 5.04 24.85 22.09
C MET C 65 6.18 24.07 21.40
N THR C 66 5.92 23.75 20.13
CA THR C 66 6.80 23.02 19.23
C THR C 66 7.59 23.99 18.35
N ILE C 67 8.54 23.43 17.60
CA ILE C 67 9.22 24.21 16.58
C ILE C 67 8.22 24.80 15.57
N GLN C 68 7.19 24.03 15.19
CA GLN C 68 6.19 24.52 14.24
C GLN C 68 5.43 25.71 14.81
N THR C 69 5.02 25.62 16.08
CA THR C 69 4.38 26.76 16.73
C THR C 69 5.33 27.95 16.82
N GLY C 70 6.63 27.71 16.96
CA GLY C 70 7.58 28.80 16.94
C GLY C 70 7.49 29.60 15.65
N VAL C 71 7.38 28.92 14.51
CA VAL C 71 7.28 29.63 13.24
C VAL C 71 5.97 30.41 13.18
N LEU C 72 4.89 29.82 13.68
CA LEU C 72 3.62 30.54 13.79
C LEU C 72 3.75 31.80 14.63
N ILE C 73 4.34 31.65 15.82
CA ILE C 73 4.49 32.80 16.72
C ILE C 73 5.26 33.92 16.03
N GLU C 74 6.39 33.58 15.40
CA GLU C 74 7.22 34.63 14.79
C GLU C 74 6.59 35.20 13.52
N THR C 75 5.67 34.47 12.88
CA THR C 75 4.90 35.07 11.79
C THR C 75 3.94 36.12 12.33
N LEU C 76 3.22 35.81 13.41
CA LEU C 76 2.30 36.79 13.98
C LEU C 76 3.04 38.04 14.45
N VAL C 77 4.19 37.86 15.09
CA VAL C 77 5.01 38.98 15.55
C VAL C 77 5.54 39.78 14.35
N ALA C 78 5.98 39.07 13.31
CA ALA C 78 6.50 39.76 12.13
C ALA C 78 5.42 40.61 11.46
N LEU C 79 4.15 40.25 11.64
CA LEU C 79 3.05 41.01 11.08
C LEU C 79 2.55 42.10 12.00
N GLY C 80 3.16 42.26 13.19
CA GLY C 80 2.88 43.39 14.06
C GLY C 80 2.34 43.05 15.43
N ALA C 81 1.98 41.78 15.69
CA ALA C 81 1.37 41.41 16.96
C ALA C 81 2.39 41.33 18.09
N GLU C 82 1.91 41.58 19.30
CA GLU C 82 2.52 41.11 20.54
C GLU C 82 1.76 39.88 21.01
N VAL C 83 2.49 38.94 21.63
CA VAL C 83 1.88 37.69 22.07
C VAL C 83 2.38 37.33 23.46
N ARG C 84 1.61 36.47 24.13
CA ARG C 84 2.03 35.79 25.36
C ARG C 84 1.55 34.36 25.24
N TRP C 85 2.45 33.38 25.44
CA TRP C 85 2.21 32.03 24.98
C TRP C 85 2.36 31.00 26.08
N SER C 86 1.54 29.95 25.98
CA SER C 86 1.69 28.74 26.77
C SER C 86 1.38 27.54 25.88
N SER C 87 1.75 26.35 26.35
CA SER C 87 1.38 25.12 25.65
C SER C 87 0.01 24.65 26.12
N CYS C 88 -0.68 23.89 25.26
CA CYS C 88 -1.97 23.33 25.63
C CYS C 88 -1.88 21.88 26.10
N ASN C 89 -0.67 21.38 26.35
CA ASN C 89 -0.50 20.03 26.89
C ASN C 89 0.78 19.96 27.70
N ILE C 90 0.75 19.17 28.78
CA ILE C 90 1.88 19.10 29.70
C ILE C 90 3.12 18.44 29.08
N PHE C 91 2.95 17.60 28.06
CA PHE C 91 4.07 16.85 27.48
C PHE C 91 4.44 17.29 26.07
N SER C 92 3.78 18.28 25.49
CA SER C 92 3.96 18.51 24.06
C SER C 92 5.03 19.56 23.74
N THR C 93 5.51 20.31 24.72
CA THR C 93 6.51 21.33 24.44
C THR C 93 7.82 20.68 23.98
N GLN C 94 8.45 21.29 22.98
CA GLN C 94 9.84 21.02 22.65
C GLN C 94 10.67 22.10 23.33
N ASP C 95 11.51 21.71 24.29
CA ASP C 95 12.15 22.72 25.11
C ASP C 95 13.05 23.65 24.30
N GLN C 96 13.65 23.15 23.22
CA GLN C 96 14.49 24.03 22.44
C GLN C 96 13.67 25.04 21.66
N ALA C 97 12.43 24.70 21.32
CA ALA C 97 11.55 25.68 20.69
C ALA C 97 11.17 26.77 21.68
N ALA C 98 10.78 26.38 22.89
CA ALA C 98 10.43 27.37 23.90
C ALA C 98 11.62 28.27 24.20
N ALA C 99 12.83 27.70 24.26
CA ALA C 99 14.01 28.51 24.58
C ALA C 99 14.27 29.53 23.48
N ALA C 100 14.15 29.12 22.21
CA ALA C 100 14.38 30.04 21.11
C ALA C 100 13.38 31.20 21.12
N ILE C 101 12.12 30.92 21.44
CA ILE C 101 11.11 31.98 21.49
C ILE C 101 11.39 32.94 22.65
N ALA C 102 11.67 32.41 23.84
CA ALA C 102 12.00 33.28 24.96
C ALA C 102 13.24 34.12 24.67
N ALA C 103 14.24 33.51 24.03
CA ALA C 103 15.46 34.25 23.70
C ALA C 103 15.22 35.37 22.69
N ALA C 104 14.13 35.28 21.92
CA ALA C 104 13.74 36.33 20.99
C ALA C 104 12.97 37.46 21.66
N GLY C 105 12.82 37.41 22.99
CA GLY C 105 12.11 38.45 23.71
C GLY C 105 10.60 38.29 23.74
N ILE C 106 10.11 37.07 23.56
CA ILE C 106 8.68 36.79 23.46
C ILE C 106 8.25 36.07 24.73
N PRO C 107 7.24 36.56 25.46
CA PRO C 107 6.81 35.86 26.69
C PRO C 107 6.22 34.49 26.37
N VAL C 108 6.85 33.45 26.94
CA VAL C 108 6.41 32.07 26.75
C VAL C 108 6.62 31.32 28.05
N PHE C 109 5.61 30.56 28.47
CA PHE C 109 5.67 29.79 29.72
C PHE C 109 5.31 28.35 29.36
N ALA C 110 6.34 27.51 29.20
CA ALA C 110 6.14 26.17 28.66
C ALA C 110 7.40 25.33 28.79
N TRP C 111 7.22 24.08 29.21
CA TRP C 111 8.31 23.10 29.16
C TRP C 111 7.70 21.70 29.07
N LYS C 112 8.52 20.77 28.60
CA LYS C 112 8.07 19.38 28.50
C LYS C 112 8.05 18.75 29.89
N GLY C 113 6.92 18.15 30.25
CA GLY C 113 6.80 17.50 31.55
C GLY C 113 6.27 18.37 32.67
N GLU C 114 5.35 19.27 32.38
CA GLU C 114 4.70 20.06 33.42
C GLU C 114 3.81 19.18 34.28
N THR C 115 3.65 19.58 35.55
CA THR C 115 2.55 19.05 36.34
C THR C 115 1.25 19.75 35.95
N GLU C 116 0.12 19.20 36.39
CA GLU C 116 -1.17 19.84 36.13
C GLU C 116 -1.21 21.23 36.75
N GLU C 117 -0.68 21.37 37.97
CA GLU C 117 -0.65 22.69 38.60
C GLU C 117 0.20 23.66 37.79
N GLU C 118 1.37 23.20 37.30
CA GLU C 118 2.21 24.07 36.49
C GLU C 118 1.55 24.41 35.17
N TYR C 119 0.81 23.46 34.57
CA TYR C 119 0.09 23.74 33.34
C TYR C 119 -0.88 24.90 33.53
N GLU C 120 -1.66 24.87 34.60
CA GLU C 120 -2.58 25.97 34.88
C GLU C 120 -1.83 27.26 35.15
N TRP C 121 -0.74 27.19 35.91
CA TRP C 121 0.05 28.38 36.21
C TRP C 121 0.56 29.04 34.94
N CYS C 122 1.02 28.23 33.97
CA CYS C 122 1.55 28.78 32.73
C CYS C 122 0.50 29.55 31.94
N ILE C 123 -0.72 29.01 31.85
CA ILE C 123 -1.79 29.74 31.17
C ILE C 123 -2.05 31.06 31.87
N GLU C 124 -2.09 31.05 33.22
CA GLU C 124 -2.32 32.27 33.98
CA GLU C 124 -2.32 32.28 33.97
C GLU C 124 -1.21 33.29 33.78
N GLN C 125 0.02 32.82 33.53
CA GLN C 125 1.13 33.76 33.32
C GLN C 125 1.00 34.48 31.99
N THR C 126 0.31 33.90 31.02
CA THR C 126 0.02 34.64 29.80
C THR C 126 -1.10 35.63 30.04
N ILE C 127 -2.12 35.23 30.80
CA ILE C 127 -3.25 36.13 31.07
C ILE C 127 -2.81 37.33 31.90
N LEU C 128 -1.93 37.09 32.88
CA LEU C 128 -1.50 38.13 33.79
C LEU C 128 -0.13 38.66 33.38
N LYS C 129 0.03 39.96 33.42
CA LYS C 129 1.35 40.58 33.29
C LYS C 129 1.55 41.47 34.51
N ASP C 130 2.54 41.14 35.34
CA ASP C 130 2.81 41.89 36.57
C ASP C 130 1.60 41.89 37.50
N GLY C 131 1.00 40.70 37.66
CA GLY C 131 -0.06 40.52 38.63
C GLY C 131 -1.41 41.05 38.24
N GLN C 132 -1.55 41.65 37.06
CA GLN C 132 -2.81 42.22 36.60
C GLN C 132 -3.08 41.72 35.19
N PRO C 133 -4.35 41.68 34.78
CA PRO C 133 -4.67 41.21 33.43
C PRO C 133 -3.93 42.02 32.37
N TRP C 134 -3.31 41.30 31.44
CA TRP C 134 -2.76 41.92 30.25
C TRP C 134 -3.88 42.54 29.42
N ASP C 135 -3.55 43.59 28.65
CA ASP C 135 -4.55 44.17 27.74
C ASP C 135 -4.64 43.36 26.45
N ALA C 136 -4.99 42.09 26.60
CA ALA C 136 -5.19 41.21 25.45
C ALA C 136 -6.38 41.65 24.60
N ASN C 137 -6.31 41.36 23.30
CA ASN C 137 -7.45 41.64 22.44
C ASN C 137 -7.66 40.56 21.37
N MET C 138 -6.91 39.46 21.43
CA MET C 138 -7.07 38.33 20.52
C MET C 138 -6.71 37.06 21.28
N VAL C 139 -7.31 35.93 20.87
CA VAL C 139 -7.05 34.63 21.49
C VAL C 139 -6.80 33.59 20.41
N LEU C 140 -5.72 32.82 20.56
CA LEU C 140 -5.45 31.66 19.71
C LEU C 140 -5.38 30.45 20.63
N ASP C 141 -6.19 29.44 20.38
CA ASP C 141 -6.37 28.37 21.34
C ASP C 141 -6.37 27.03 20.62
N ASP C 142 -6.05 25.99 21.38
CA ASP C 142 -6.01 24.64 20.83
C ASP C 142 -6.55 23.73 21.94
N GLY C 143 -7.85 23.44 21.88
CA GLY C 143 -8.52 22.59 22.84
C GLY C 143 -9.50 23.31 23.74
N GLY C 144 -9.46 24.64 23.82
CA GLY C 144 -10.44 25.39 24.58
C GLY C 144 -10.10 25.66 26.04
N ASP C 145 -8.93 25.23 26.52
CA ASP C 145 -8.58 25.45 27.93
C ASP C 145 -8.44 26.92 28.26
N LEU C 146 -7.72 27.68 27.42
CA LEU C 146 -7.55 29.11 27.65
C LEU C 146 -8.87 29.85 27.47
N THR C 147 -9.65 29.47 26.45
CA THR C 147 -10.97 30.04 26.26
C THR C 147 -11.83 29.87 27.49
N GLU C 148 -11.80 28.66 28.09
CA GLU C 148 -12.62 28.40 29.27
C GLU C 148 -12.15 29.21 30.48
N ILE C 149 -10.84 29.31 30.68
CA ILE C 149 -10.33 30.09 31.80
C ILE C 149 -10.73 31.56 31.66
N LEU C 150 -10.68 32.09 30.43
CA LEU C 150 -11.08 33.48 30.24
C LEU C 150 -12.56 33.66 30.57
N HIS C 151 -13.42 32.77 30.06
CA HIS C 151 -14.86 32.93 30.26
C HIS C 151 -15.26 32.74 31.72
N LYS C 152 -14.58 31.84 32.44
CA LYS C 152 -14.95 31.52 33.81
C LYS C 152 -14.28 32.43 34.82
N LYS C 153 -12.97 32.62 34.72
CA LYS C 153 -12.20 33.31 35.76
C LYS C 153 -11.88 34.77 35.42
N TYR C 154 -11.80 35.14 34.14
CA TYR C 154 -11.51 36.53 33.75
C TYR C 154 -12.53 37.08 32.76
N PRO C 155 -13.83 37.01 33.05
CA PRO C 155 -14.82 37.46 32.06
C PRO C 155 -14.64 38.90 31.64
N GLN C 156 -14.11 39.77 32.50
CA GLN C 156 -13.95 41.17 32.14
CA GLN C 156 -13.94 41.17 32.15
C GLN C 156 -12.98 41.34 30.98
N MET C 157 -11.97 40.46 30.88
CA MET C 157 -11.01 40.55 29.79
C MET C 157 -11.65 40.32 28.43
N LEU C 158 -12.74 39.56 28.36
CA LEU C 158 -13.33 39.30 27.06
C LEU C 158 -14.02 40.54 26.49
N GLU C 159 -14.28 41.55 27.32
CA GLU C 159 -14.87 42.79 26.80
C GLU C 159 -13.96 43.45 25.77
N ARG C 160 -12.66 43.23 25.83
CA ARG C 160 -11.73 43.90 24.91
C ARG C 160 -11.22 42.98 23.82
N ILE C 161 -11.68 41.74 23.76
CA ILE C 161 -11.13 40.74 22.86
C ILE C 161 -12.00 40.64 21.62
N HIS C 162 -11.37 40.69 20.44
CA HIS C 162 -12.09 40.71 19.18
C HIS C 162 -12.44 39.33 18.65
N GLY C 163 -11.77 38.26 19.10
CA GLY C 163 -12.12 36.94 18.58
C GLY C 163 -11.19 35.87 19.10
N ILE C 164 -11.62 34.63 18.89
CA ILE C 164 -10.84 33.43 19.19
C ILE C 164 -10.61 32.68 17.89
N THR C 165 -9.39 32.23 17.66
CA THR C 165 -9.09 31.33 16.55
C THR C 165 -8.71 29.97 17.13
N GLU C 166 -9.58 28.98 16.93
CA GLU C 166 -9.51 27.70 17.62
C GLU C 166 -9.03 26.60 16.68
N GLU C 167 -8.03 25.84 17.13
CA GLU C 167 -7.27 24.92 16.27
C GLU C 167 -7.96 23.58 16.04
N THR C 168 -8.61 23.01 17.05
CA THR C 168 -8.84 21.57 16.99
C THR C 168 -10.30 21.20 17.26
N THR C 169 -10.65 20.00 16.79
CA THR C 169 -12.03 19.51 16.84
C THR C 169 -12.65 19.64 18.23
N THR C 170 -11.92 19.20 19.26
CA THR C 170 -12.47 19.27 20.62
C THR C 170 -12.75 20.72 21.03
N GLY C 171 -11.83 21.63 20.72
CA GLY C 171 -12.07 23.03 21.05
C GLY C 171 -13.28 23.62 20.33
N VAL C 172 -13.47 23.24 19.06
CA VAL C 172 -14.63 23.74 18.31
C VAL C 172 -15.92 23.25 18.93
N HIS C 173 -15.95 21.98 19.34
CA HIS C 173 -17.14 21.46 20.00
C HIS C 173 -17.49 22.30 21.23
N ARG C 174 -16.48 22.66 22.03
CA ARG C 174 -16.76 23.43 23.24
C ARG C 174 -17.29 24.82 22.88
N LEU C 175 -16.76 25.44 21.83
CA LEU C 175 -17.24 26.74 21.36
C LEU C 175 -18.69 26.67 20.89
N LEU C 176 -19.04 25.64 20.12
CA LEU C 176 -20.42 25.53 19.65
C LEU C 176 -21.39 25.31 20.81
N ASP C 177 -20.98 24.60 21.85
CA ASP C 177 -21.85 24.45 23.01
C ASP C 177 -22.07 25.79 23.71
N MET C 178 -21.02 26.58 23.85
CA MET C 178 -21.16 27.90 24.46
C MET C 178 -22.05 28.81 23.62
N LEU C 179 -21.90 28.76 22.30
CA LEU C 179 -22.73 29.59 21.43
C LEU C 179 -24.20 29.21 21.57
N LYS C 180 -24.49 27.90 21.59
CA LYS C 180 -25.87 27.45 21.74
C LYS C 180 -26.43 27.89 23.10
N ASN C 181 -25.61 27.86 24.14
CA ASN C 181 -26.02 28.27 25.48
C ASN C 181 -26.03 29.77 25.68
N GLY C 182 -25.52 30.53 24.70
CA GLY C 182 -25.44 31.98 24.87
C GLY C 182 -24.35 32.45 25.80
N THR C 183 -23.37 31.60 26.10
CA THR C 183 -22.28 31.94 27.00
C THR C 183 -20.98 32.31 26.28
N LEU C 184 -20.93 32.20 24.96
CA LEU C 184 -19.75 32.63 24.22
C LEU C 184 -19.77 34.15 24.10
N LYS C 185 -18.69 34.81 24.54
CA LYS C 185 -18.70 36.26 24.65
C LYS C 185 -18.07 36.97 23.45
N VAL C 186 -17.28 36.26 22.65
CA VAL C 186 -16.61 36.84 21.49
C VAL C 186 -16.72 35.86 20.33
N PRO C 187 -16.71 36.37 19.09
CA PRO C 187 -16.78 35.47 17.92
C PRO C 187 -15.53 34.61 17.78
N ALA C 188 -15.67 33.51 17.06
CA ALA C 188 -14.56 32.59 16.86
C ALA C 188 -14.47 32.16 15.40
N ILE C 189 -13.26 31.82 14.96
CA ILE C 189 -13.08 31.13 13.69
C ILE C 189 -12.68 29.69 14.00
N ASN C 190 -13.46 28.77 13.45
CA ASN C 190 -13.15 27.36 13.46
C ASN C 190 -12.04 27.10 12.45
N VAL C 191 -10.78 27.10 12.90
CA VAL C 191 -9.65 26.85 12.01
C VAL C 191 -9.62 25.37 11.63
N ASN C 192 -10.14 24.50 12.49
CA ASN C 192 -10.04 23.06 12.29
C ASN C 192 -10.66 22.63 10.96
N ASP C 193 -11.78 23.25 10.57
CA ASP C 193 -12.54 22.76 9.43
C ASP C 193 -12.17 23.44 8.10
N SER C 194 -11.09 24.20 8.04
CA SER C 194 -10.47 24.41 6.74
C SER C 194 -10.00 23.06 6.20
N VAL C 195 -10.13 22.86 4.89
CA VAL C 195 -9.69 21.58 4.33
C VAL C 195 -8.19 21.42 4.47
N THR C 196 -7.45 22.53 4.31
CA THR C 196 -6.00 22.50 4.52
C THR C 196 -5.61 22.37 5.99
N LYS C 197 -6.59 22.20 6.87
CA LYS C 197 -6.34 21.83 8.27
C LYS C 197 -6.89 20.44 8.52
N SER C 198 -8.22 20.28 8.58
CA SER C 198 -8.83 19.00 8.95
C SER C 198 -8.31 17.84 8.11
N LYS C 199 -8.33 17.98 6.79
CA LYS C 199 -7.97 16.88 5.91
C LYS C 199 -6.49 16.88 5.56
N ASN C 200 -5.67 17.53 6.38
CA ASN C 200 -4.23 17.59 6.21
C ASN C 200 -3.57 17.27 7.56
N ASP C 201 -3.75 18.19 8.51
CA ASP C 201 -3.28 18.02 9.88
C ASP C 201 -3.90 16.79 10.54
N ASN C 202 -5.24 16.77 10.69
CA ASN C 202 -5.87 15.74 11.51
C ASN C 202 -5.61 14.34 10.95
N LYS C 203 -5.61 14.20 9.62
CA LYS C 203 -5.42 12.88 9.00
C LYS C 203 -3.94 12.60 8.72
N TYR C 204 -3.33 13.33 7.78
CA TYR C 204 -1.97 12.99 7.37
C TYR C 204 -0.95 13.27 8.48
N GLY C 205 -1.21 14.24 9.34
CA GLY C 205 -0.30 14.46 10.46
C GLY C 205 -0.21 13.26 11.37
N CYS C 206 -1.36 12.66 11.71
CA CYS C 206 -1.32 11.48 12.55
C CYS C 206 -0.71 10.29 11.80
N ARG C 207 -0.88 10.24 10.48
CA ARG C 207 -0.24 9.18 9.70
CA ARG C 207 -0.24 9.18 9.70
C ARG C 207 1.27 9.23 9.86
N HIS C 208 1.84 10.43 9.81
CA HIS C 208 3.28 10.61 10.00
C HIS C 208 3.70 10.32 11.43
N SER C 209 2.95 10.82 12.42
CA SER C 209 3.50 10.94 13.77
C SER C 209 3.02 9.86 14.75
N LEU C 210 1.99 9.08 14.43
CA LEU C 210 1.58 8.02 15.36
C LEU C 210 2.63 6.91 15.42
N ASN C 211 2.94 6.29 14.28
CA ASN C 211 3.94 5.23 14.32
CA ASN C 211 3.96 5.24 14.30
C ASN C 211 5.30 5.79 14.74
N ASP C 212 5.55 7.08 14.46
CA ASP C 212 6.76 7.75 14.92
C ASP C 212 6.87 7.68 16.44
N ALA C 213 5.81 8.11 17.14
CA ALA C 213 5.85 8.12 18.60
C ALA C 213 5.93 6.71 19.18
N ILE C 214 5.24 5.75 18.57
CA ILE C 214 5.28 4.40 19.13
C ILE C 214 6.69 3.82 18.99
N LYS C 215 7.36 4.09 17.87
CA LYS C 215 8.74 3.61 17.73
C LYS C 215 9.67 4.27 18.73
N ARG C 216 9.58 5.59 18.90
CA ARG C 216 10.49 6.24 19.84
C ARG C 216 10.28 5.73 21.26
N GLY C 217 9.03 5.49 21.65
CA GLY C 217 8.73 5.08 23.01
C GLY C 217 9.11 3.65 23.33
N THR C 218 8.87 2.74 22.38
CA THR C 218 9.01 1.31 22.61
C THR C 218 10.03 0.63 21.72
N ASP C 219 10.33 1.19 20.55
CA ASP C 219 11.12 0.54 19.49
C ASP C 219 10.54 -0.84 19.13
N HIS C 220 9.23 -1.00 19.29
CA HIS C 220 8.57 -2.25 18.92
C HIS C 220 8.44 -2.39 17.42
N LEU C 221 8.75 -3.58 16.91
CA LEU C 221 8.27 -3.97 15.59
C LEU C 221 6.75 -3.88 15.55
N LEU C 222 6.21 -3.22 14.53
CA LEU C 222 4.76 -3.19 14.34
C LEU C 222 4.27 -4.20 13.31
N SER C 223 5.06 -4.50 12.27
CA SER C 223 4.63 -5.42 11.22
C SER C 223 4.21 -6.75 11.83
N GLY C 224 3.07 -7.27 11.37
CA GLY C 224 2.62 -8.59 11.75
C GLY C 224 1.82 -8.64 13.04
N LYS C 225 1.76 -7.55 13.77
CA LYS C 225 1.06 -7.48 15.05
C LYS C 225 -0.34 -6.92 14.86
N GLN C 226 -1.19 -7.13 15.88
CA GLN C 226 -2.59 -6.77 15.82
C GLN C 226 -2.85 -5.45 16.54
N ALA C 227 -3.54 -4.53 15.86
CA ALA C 227 -3.88 -3.24 16.43
C ALA C 227 -5.39 -3.05 16.44
N LEU C 228 -5.87 -2.32 17.45
CA LEU C 228 -7.25 -1.89 17.51
C LEU C 228 -7.26 -0.38 17.62
N VAL C 229 -7.82 0.28 16.61
CA VAL C 229 -7.95 1.73 16.60
C VAL C 229 -9.39 2.06 16.96
N ILE C 230 -9.58 2.84 18.03
CA ILE C 230 -10.92 3.24 18.46
C ILE C 230 -11.21 4.58 17.78
N GLY C 231 -12.13 4.58 16.83
CA GLY C 231 -12.48 5.78 16.10
C GLY C 231 -11.94 5.76 14.68
N TYR C 232 -12.70 6.37 13.77
CA TYR C 232 -12.34 6.45 12.34
C TYR C 232 -12.81 7.77 11.74
N GLY C 233 -12.71 8.85 12.52
CA GLY C 233 -12.79 10.21 12.01
C GLY C 233 -11.49 10.57 11.35
N ASP C 234 -11.15 11.88 11.32
CA ASP C 234 -9.93 12.23 10.60
C ASP C 234 -8.69 11.68 11.28
N VAL C 235 -8.63 11.77 12.61
CA VAL C 235 -7.48 11.25 13.35
C VAL C 235 -7.43 9.73 13.28
N GLY C 236 -8.59 9.07 13.42
CA GLY C 236 -8.60 7.62 13.32
C GLY C 236 -8.26 7.11 11.93
N LYS C 237 -8.67 7.84 10.89
CA LYS C 237 -8.25 7.48 9.53
C LYS C 237 -6.74 7.56 9.40
N GLY C 238 -6.13 8.67 9.81
CA GLY C 238 -4.69 8.80 9.69
C GLY C 238 -3.94 7.83 10.57
N SER C 239 -4.45 7.60 11.78
CA SER C 239 -3.82 6.65 12.70
C SER C 239 -3.89 5.23 12.16
N SER C 240 -5.05 4.83 11.63
CA SER C 240 -5.16 3.49 11.04
C SER C 240 -4.17 3.29 9.91
N GLN C 241 -4.00 4.32 9.06
CA GLN C 241 -3.04 4.21 7.97
CA GLN C 241 -3.05 4.22 7.97
C GLN C 241 -1.61 4.18 8.50
N SER C 242 -1.32 4.99 9.53
CA SER C 242 0.02 4.97 10.14
C SER C 242 0.43 3.55 10.52
N LEU C 243 -0.52 2.77 11.04
CA LEU C 243 -0.22 1.42 11.49
C LEU C 243 -0.28 0.41 10.35
N ARG C 244 -1.30 0.51 9.48
CA ARG C 244 -1.42 -0.45 8.39
C ARG C 244 -0.23 -0.35 7.43
N GLN C 245 0.28 0.86 7.18
CA GLN C 245 1.39 1.00 6.25
C GLN C 245 2.66 0.39 6.81
N GLU C 246 2.75 0.22 8.13
CA GLU C 246 3.84 -0.50 8.79
C GLU C 246 3.65 -2.01 8.77
N GLY C 247 2.54 -2.51 8.22
CA GLY C 247 2.26 -3.93 8.22
C GLY C 247 1.48 -4.45 9.41
N MET C 248 0.87 -3.57 10.21
CA MET C 248 0.02 -4.09 11.28
C MET C 248 -1.28 -4.63 10.69
N ILE C 249 -1.86 -5.61 11.37
CA ILE C 249 -3.23 -6.06 11.10
C ILE C 249 -4.14 -5.18 11.96
N VAL C 250 -4.82 -4.23 11.33
CA VAL C 250 -5.55 -3.17 12.03
C VAL C 250 -7.04 -3.50 12.03
N LYS C 251 -7.65 -3.49 13.20
CA LYS C 251 -9.11 -3.51 13.34
C LYS C 251 -9.59 -2.15 13.85
N VAL C 252 -10.79 -1.75 13.45
CA VAL C 252 -11.31 -0.41 13.72
C VAL C 252 -12.63 -0.51 14.45
N ALA C 253 -12.82 0.30 15.48
CA ALA C 253 -14.10 0.43 16.16
C ALA C 253 -14.70 1.80 15.86
N GLU C 254 -16.03 1.86 15.72
CA GLU C 254 -16.72 3.12 15.47
C GLU C 254 -18.13 3.07 16.05
N VAL C 255 -18.64 4.24 16.39
CA VAL C 255 -20.07 4.40 16.67
C VAL C 255 -20.82 5.00 15.49
N ASP C 256 -20.10 5.60 14.53
CA ASP C 256 -20.72 6.25 13.38
C ASP C 256 -20.73 5.26 12.22
N PRO C 257 -21.90 4.80 11.75
CA PRO C 257 -21.91 3.79 10.69
C PRO C 257 -21.33 4.30 9.38
N ILE C 258 -21.39 5.61 9.11
CA ILE C 258 -20.77 6.11 7.89
C ILE C 258 -19.25 6.00 7.97
N CYS C 259 -18.67 6.40 9.10
CA CYS C 259 -17.22 6.21 9.28
C CYS C 259 -16.84 4.73 9.28
N ALA C 260 -17.69 3.89 9.87
CA ALA C 260 -17.45 2.44 9.84
C ALA C 260 -17.48 1.91 8.41
N MET C 261 -18.38 2.44 7.58
N MET C 261 -18.38 2.44 7.58
CA MET C 261 -18.42 2.02 6.18
CA MET C 261 -18.41 2.02 6.19
C MET C 261 -17.11 2.37 5.48
C MET C 261 -17.10 2.36 5.48
N GLN C 262 -16.56 3.55 5.75
CA GLN C 262 -15.30 3.94 5.14
C GLN C 262 -14.18 3.00 5.57
N ALA C 263 -14.14 2.62 6.85
CA ALA C 263 -13.11 1.70 7.30
C ALA C 263 -13.20 0.36 6.58
N CYS C 264 -14.42 -0.16 6.38
CA CYS C 264 -14.56 -1.42 5.64
C CYS C 264 -14.01 -1.28 4.23
N MET C 265 -14.44 -0.23 3.51
CA MET C 265 -14.00 -0.03 2.14
C MET C 265 -12.50 0.22 2.07
N ASP C 266 -11.92 0.76 3.13
CA ASP C 266 -10.49 1.01 3.18
C ASP C 266 -9.69 -0.25 3.52
N GLY C 267 -10.37 -1.36 3.77
CA GLY C 267 -9.71 -2.62 3.97
C GLY C 267 -9.49 -3.04 5.41
N PHE C 268 -10.27 -2.50 6.35
CA PHE C 268 -10.16 -2.87 7.75
C PHE C 268 -11.38 -3.65 8.18
N GLU C 269 -11.17 -4.55 9.13
CA GLU C 269 -12.25 -5.24 9.82
C GLU C 269 -12.80 -4.33 10.91
N VAL C 270 -14.11 -4.15 10.94
CA VAL C 270 -14.76 -3.27 11.92
C VAL C 270 -15.32 -4.12 13.05
N VAL C 271 -14.83 -3.87 14.27
CA VAL C 271 -15.16 -4.68 15.44
C VAL C 271 -15.53 -3.75 16.58
N SER C 272 -16.17 -4.34 17.59
CA SER C 272 -16.44 -3.62 18.82
C SER C 272 -15.76 -4.31 20.00
N PRO C 273 -15.20 -3.55 20.95
CA PRO C 273 -14.73 -4.16 22.20
C PRO C 273 -15.83 -4.90 22.96
N TYR C 274 -17.10 -4.58 22.72
CA TYR C 274 -18.23 -5.14 23.46
C TYR C 274 -19.02 -6.09 22.59
N LYS C 275 -19.52 -7.15 23.20
CA LYS C 275 -20.34 -8.14 22.49
C LYS C 275 -21.57 -7.46 21.90
N ASN C 276 -21.76 -7.64 20.60
CA ASN C 276 -22.83 -6.99 19.85
C ASN C 276 -22.79 -5.47 19.95
N GLY C 277 -21.65 -4.92 20.36
CA GLY C 277 -21.50 -3.48 20.47
C GLY C 277 -22.13 -2.85 21.69
N ILE C 278 -22.62 -3.64 22.64
CA ILE C 278 -23.41 -3.13 23.76
C ILE C 278 -22.51 -2.97 24.98
N ASN C 279 -22.27 -1.72 25.37
CA ASN C 279 -21.41 -1.33 26.48
C ASN C 279 -22.31 -1.10 27.71
N ASP C 280 -22.62 -2.19 28.43
CA ASP C 280 -23.48 -2.13 29.58
C ASP C 280 -22.72 -1.99 30.90
N GLY C 281 -21.41 -1.79 30.85
CA GLY C 281 -20.63 -1.61 32.07
C GLY C 281 -20.19 -2.88 32.78
N THR C 282 -20.57 -4.06 32.29
CA THR C 282 -20.22 -5.33 32.91
C THR C 282 -18.97 -5.92 32.25
N GLU C 283 -18.22 -6.70 33.02
CA GLU C 283 -17.12 -7.45 32.43
C GLU C 283 -17.62 -8.48 31.43
N ALA C 284 -18.81 -9.03 31.66
CA ALA C 284 -19.36 -10.02 30.75
C ALA C 284 -19.56 -9.46 29.36
N SER C 285 -19.73 -8.15 29.24
CA SER C 285 -19.93 -7.53 27.94
C SER C 285 -18.66 -7.41 27.12
N ILE C 286 -17.48 -7.58 27.72
CA ILE C 286 -16.22 -7.43 26.99
C ILE C 286 -16.00 -8.65 26.11
N ASP C 287 -15.64 -8.40 24.84
CA ASP C 287 -15.19 -9.46 23.92
C ASP C 287 -13.76 -9.80 24.31
N ALA C 288 -13.62 -10.69 25.28
CA ALA C 288 -12.31 -11.02 25.82
C ALA C 288 -11.45 -11.74 24.78
N ALA C 289 -12.07 -12.56 23.91
CA ALA C 289 -11.29 -13.25 22.88
C ALA C 289 -10.66 -12.26 21.92
N LEU C 290 -11.39 -11.21 21.55
CA LEU C 290 -10.85 -10.16 20.69
C LEU C 290 -9.76 -9.35 21.39
N LEU C 291 -10.05 -8.85 22.59
CA LEU C 291 -9.07 -8.01 23.28
C LEU C 291 -7.82 -8.79 23.67
N GLY C 292 -7.96 -10.09 23.90
CA GLY C 292 -6.80 -10.89 24.24
C GLY C 292 -5.84 -11.13 23.09
N LYS C 293 -6.18 -10.64 21.89
CA LYS C 293 -5.33 -10.77 20.72
C LYS C 293 -4.69 -9.47 20.30
N ILE C 294 -5.00 -8.37 20.99
CA ILE C 294 -4.61 -7.03 20.53
C ILE C 294 -3.27 -6.66 21.14
N ASP C 295 -2.30 -6.32 20.28
CA ASP C 295 -0.98 -5.90 20.74
C ASP C 295 -0.87 -4.40 20.94
N LEU C 296 -1.79 -3.61 20.38
CA LEU C 296 -1.70 -2.16 20.41
C LEU C 296 -3.12 -1.61 20.29
N ILE C 297 -3.50 -0.74 21.22
CA ILE C 297 -4.77 -0.03 21.11
C ILE C 297 -4.49 1.47 21.11
N VAL C 298 -5.15 2.18 20.21
CA VAL C 298 -4.99 3.63 20.04
C VAL C 298 -6.37 4.27 20.07
N THR C 299 -6.57 5.27 20.92
CA THR C 299 -7.83 5.99 20.98
C THR C 299 -7.72 7.31 20.21
N THR C 300 -8.77 7.61 19.42
CA THR C 300 -8.73 8.73 18.48
C THR C 300 -10.04 9.53 18.47
N THR C 301 -10.85 9.47 19.53
CA THR C 301 -12.26 9.83 19.42
C THR C 301 -12.62 11.26 19.84
N GLY C 302 -11.89 11.87 20.77
CA GLY C 302 -12.41 13.06 21.43
C GLY C 302 -13.56 12.81 22.39
N ASN C 303 -13.85 11.54 22.70
CA ASN C 303 -14.90 11.12 23.61
C ASN C 303 -14.26 10.64 24.91
N VAL C 304 -15.10 10.22 25.86
CA VAL C 304 -14.62 9.88 27.20
C VAL C 304 -14.73 8.37 27.40
N ASN C 305 -13.67 7.77 27.96
CA ASN C 305 -13.66 6.39 28.43
C ASN C 305 -13.99 5.41 27.32
N VAL C 306 -13.29 5.56 26.18
CA VAL C 306 -13.47 4.63 25.07
C VAL C 306 -12.48 3.48 25.12
N CYS C 307 -11.47 3.56 26.00
CA CYS C 307 -10.66 2.41 26.42
C CYS C 307 -10.83 2.30 27.94
N ASP C 308 -11.82 1.51 28.38
CA ASP C 308 -12.28 1.55 29.77
C ASP C 308 -11.57 0.49 30.63
N ALA C 309 -11.92 0.46 31.92
CA ALA C 309 -11.25 -0.44 32.85
C ALA C 309 -11.36 -1.89 32.41
N ASN C 310 -12.56 -2.31 31.99
CA ASN C 310 -12.76 -3.71 31.64
C ASN C 310 -12.01 -4.08 30.36
N MET C 311 -11.87 -3.13 29.43
CA MET C 311 -11.02 -3.37 28.27
C MET C 311 -9.57 -3.51 28.71
N LEU C 312 -9.10 -2.63 29.58
CA LEU C 312 -7.73 -2.70 30.07
C LEU C 312 -7.45 -4.02 30.76
N LYS C 313 -8.41 -4.53 31.53
CA LYS C 313 -8.24 -5.81 32.20
C LYS C 313 -8.14 -6.95 31.20
N ALA C 314 -8.80 -6.83 30.05
CA ALA C 314 -8.91 -7.94 29.11
C ALA C 314 -7.83 -7.93 28.04
N LEU C 315 -7.06 -6.85 27.92
CA LEU C 315 -6.05 -6.76 26.87
C LEU C 315 -4.97 -7.83 27.03
N LYS C 316 -4.47 -8.30 25.87
CA LYS C 316 -3.32 -9.19 25.81
C LYS C 316 -2.17 -8.66 26.67
N LYS C 317 -1.48 -9.57 27.34
CA LYS C 317 -0.29 -9.18 28.11
C LYS C 317 0.71 -8.46 27.23
N ARG C 318 1.31 -7.40 27.78
CA ARG C 318 2.36 -6.59 27.16
C ARG C 318 1.86 -5.75 25.99
N ALA C 319 0.54 -5.60 25.86
CA ALA C 319 -0.02 -4.67 24.88
C ALA C 319 0.40 -3.24 25.18
N VAL C 320 0.53 -2.45 24.12
CA VAL C 320 0.77 -1.01 24.20
C VAL C 320 -0.58 -0.30 24.14
N VAL C 321 -0.72 0.73 24.97
CA VAL C 321 -1.95 1.50 25.11
C VAL C 321 -1.57 2.96 24.93
N CYS C 322 -2.23 3.65 24.00
CA CYS C 322 -1.95 5.08 23.87
C CYS C 322 -3.17 5.80 23.33
N ASN C 323 -3.09 7.13 23.40
CA ASN C 323 -4.18 8.01 23.02
C ASN C 323 -3.63 9.13 22.15
N ILE C 324 -4.31 9.42 21.04
CA ILE C 324 -3.92 10.50 20.16
C ILE C 324 -5.04 11.52 19.99
N GLY C 325 -6.14 11.37 20.75
CA GLY C 325 -7.12 12.43 20.89
C GLY C 325 -6.63 13.52 21.84
N HIS C 326 -7.39 14.61 21.93
CA HIS C 326 -6.84 15.80 22.60
C HIS C 326 -6.65 15.60 24.10
N PHE C 327 -7.55 14.86 24.77
CA PHE C 327 -7.55 14.76 26.21
C PHE C 327 -7.30 13.32 26.64
N ASP C 328 -6.68 13.15 27.82
CA ASP C 328 -6.29 11.83 28.30
C ASP C 328 -7.44 11.01 28.85
N ASN C 329 -8.62 11.59 29.04
CA ASN C 329 -9.74 10.82 29.58
C ASN C 329 -10.33 9.84 28.57
N GLU C 330 -9.75 9.72 27.37
CA GLU C 330 -10.18 8.66 26.47
C GLU C 330 -9.87 7.29 27.03
N ILE C 331 -8.82 7.18 27.83
CA ILE C 331 -8.39 5.94 28.48
C ILE C 331 -8.65 6.12 29.96
N ASP C 332 -9.14 5.06 30.64
CA ASP C 332 -9.35 5.13 32.08
C ASP C 332 -8.02 4.93 32.80
N THR C 333 -7.17 5.96 32.73
CA THR C 333 -5.90 5.88 33.44
C THR C 333 -6.09 6.03 34.94
N ALA C 334 -7.17 6.70 35.36
CA ALA C 334 -7.45 6.79 36.80
C ALA C 334 -7.64 5.42 37.40
N PHE C 335 -8.34 4.53 36.68
CA PHE C 335 -8.46 3.16 37.15
C PHE C 335 -7.10 2.51 37.34
N MET C 336 -6.19 2.75 36.39
CA MET C 336 -4.87 2.13 36.46
C MET C 336 -4.02 2.72 37.58
N ARG C 337 -4.17 4.02 37.84
CA ARG C 337 -3.44 4.61 38.97
C ARG C 337 -3.93 4.06 40.29
N LYS C 338 -5.23 3.79 40.39
CA LYS C 338 -5.81 3.35 41.65
C LYS C 338 -5.47 1.90 41.96
N ASN C 339 -5.28 1.06 40.94
CA ASN C 339 -5.26 -0.38 41.13
C ASN C 339 -3.95 -1.06 40.78
N TRP C 340 -3.12 -0.48 39.92
CA TRP C 340 -1.97 -1.18 39.36
C TRP C 340 -0.69 -0.39 39.63
N ALA C 341 0.43 -1.11 39.67
CA ALA C 341 1.72 -0.49 39.98
C ALA C 341 2.35 0.01 38.68
N TRP C 342 2.84 1.24 38.70
CA TRP C 342 3.46 1.85 37.52
C TRP C 342 4.98 1.78 37.65
N GLU C 343 5.63 1.26 36.60
CA GLU C 343 7.08 1.20 36.51
C GLU C 343 7.52 2.07 35.33
N GLU C 344 8.23 3.16 35.62
CA GLU C 344 8.71 4.02 34.54
C GLU C 344 9.85 3.31 33.81
N VAL C 345 9.69 3.11 32.50
CA VAL C 345 10.79 2.61 31.69
C VAL C 345 11.76 3.74 31.39
N LYS C 346 11.21 4.85 30.93
CA LYS C 346 11.90 6.10 30.65
C LYS C 346 10.83 7.17 30.56
N PRO C 347 11.19 8.44 30.44
CA PRO C 347 10.17 9.49 30.42
C PRO C 347 9.07 9.21 29.40
N GLN C 348 7.82 9.36 29.85
CA GLN C 348 6.61 9.13 29.07
C GLN C 348 6.42 7.68 28.62
N VAL C 349 7.06 6.71 29.29
CA VAL C 349 6.85 5.30 28.99
C VAL C 349 6.76 4.55 30.32
N HIS C 350 5.59 4.01 30.62
CA HIS C 350 5.37 3.27 31.86
C HIS C 350 4.88 1.86 31.58
N LYS C 351 5.44 0.90 32.31
CA LYS C 351 4.88 -0.43 32.40
C LYS C 351 3.86 -0.41 33.54
N ILE C 352 2.67 -0.94 33.27
CA ILE C 352 1.59 -0.93 34.24
C ILE C 352 1.32 -2.38 34.61
N HIS C 353 1.72 -2.76 35.83
CA HIS C 353 1.70 -4.15 36.26
C HIS C 353 0.32 -4.49 36.82
N ARG C 354 -0.39 -5.38 36.14
CA ARG C 354 -1.75 -5.75 36.54
C ARG C 354 -1.79 -6.74 37.70
N THR C 355 -0.64 -7.07 38.28
CA THR C 355 -0.57 -7.99 39.41
C THR C 355 -0.95 -7.36 40.74
N GLY C 356 -1.03 -6.04 40.84
CA GLY C 356 -1.37 -5.39 42.08
C GLY C 356 -0.83 -3.97 42.14
N LYS C 357 -1.13 -3.32 43.25
CA LYS C 357 -0.86 -1.90 43.47
C LYS C 357 0.49 -1.64 44.15
N ASP C 358 0.87 -2.44 45.15
CA ASP C 358 2.07 -2.19 45.95
C ASP C 358 3.22 -3.02 45.40
N GLY C 359 4.12 -2.37 44.68
CA GLY C 359 5.29 -3.07 44.20
C GLY C 359 5.00 -4.03 43.07
N PHE C 360 6.05 -4.51 42.43
CA PHE C 360 5.90 -5.40 41.29
C PHE C 360 7.12 -6.30 41.22
N ASP C 361 6.95 -7.44 40.60
CA ASP C 361 8.11 -8.24 40.22
C ASP C 361 8.74 -7.60 38.99
N ALA C 362 10.05 -7.32 39.07
CA ALA C 362 10.73 -6.70 37.94
C ALA C 362 10.67 -7.57 36.69
N HIS C 363 10.45 -8.87 36.85
CA HIS C 363 10.35 -9.79 35.72
C HIS C 363 8.91 -10.25 35.51
N ASN C 364 7.95 -9.50 36.05
CA ASN C 364 6.54 -9.81 35.81
C ASN C 364 6.22 -9.72 34.32
N ASP C 365 5.41 -10.67 33.84
CA ASP C 365 5.02 -10.69 32.44
C ASP C 365 3.65 -10.07 32.20
N ASP C 366 2.88 -9.82 33.26
CA ASP C 366 1.51 -9.33 33.10
C ASP C 366 1.51 -7.82 33.32
N TYR C 367 1.91 -7.10 32.27
CA TYR C 367 1.88 -5.65 32.28
C TYR C 367 1.40 -5.13 30.93
N LEU C 368 0.97 -3.87 30.93
CA LEU C 368 0.71 -3.08 29.73
C LEU C 368 1.77 -1.99 29.64
N ILE C 369 2.00 -1.48 28.44
CA ILE C 369 2.88 -0.32 28.28
C ILE C 369 2.01 0.87 27.88
N LEU C 370 1.97 1.89 28.74
CA LEU C 370 1.22 3.11 28.49
C LEU C 370 2.18 4.19 28.02
N LEU C 371 1.83 4.87 26.93
CA LEU C 371 2.65 5.95 26.40
C LEU C 371 2.09 7.30 26.83
N ALA C 372 2.99 8.21 27.22
CA ALA C 372 2.66 9.60 27.54
C ALA C 372 1.60 9.74 28.63
N GLU C 373 1.47 8.73 29.49
CA GLU C 373 0.47 8.72 30.56
C GLU C 373 -0.94 8.97 30.01
N GLY C 374 -1.18 8.51 28.78
CA GLY C 374 -2.46 8.70 28.13
C GLY C 374 -2.67 10.04 27.46
N ARG C 375 -1.70 10.96 27.52
CA ARG C 375 -1.81 12.24 26.83
C ARG C 375 -1.45 12.06 25.36
N LEU C 376 -1.85 13.04 24.52
CA LEU C 376 -1.56 13.01 23.08
C LEU C 376 -0.23 12.36 22.77
N VAL C 377 -0.22 11.17 22.15
CA VAL C 377 1.02 10.38 22.11
C VAL C 377 2.00 10.92 21.08
N ASN C 378 1.50 11.43 19.94
CA ASN C 378 2.42 11.94 18.91
C ASN C 378 3.26 13.10 19.42
N LEU C 379 2.65 13.99 20.21
CA LEU C 379 3.40 15.08 20.78
C LEU C 379 4.15 14.68 22.05
N GLY C 380 3.61 13.73 22.82
CA GLY C 380 4.21 13.31 24.07
C GLY C 380 5.47 12.47 23.89
N ASN C 381 5.47 11.55 22.92
CA ASN C 381 6.58 10.62 22.74
C ASN C 381 7.39 10.91 21.48
N ALA C 382 6.97 11.87 20.67
CA ALA C 382 7.76 12.32 19.54
C ALA C 382 7.65 13.84 19.44
N THR C 383 7.42 14.38 18.23
CA THR C 383 7.40 15.84 18.04
C THR C 383 6.14 16.29 17.33
N GLY C 384 5.08 15.48 17.37
CA GLY C 384 3.85 15.87 16.70
C GLY C 384 4.02 15.87 15.18
N HIS C 385 3.12 16.62 14.53
CA HIS C 385 3.09 16.67 13.08
C HIS C 385 4.32 17.38 12.54
N PRO C 386 4.76 17.03 11.32
CA PRO C 386 5.93 17.71 10.73
C PRO C 386 5.58 19.10 10.23
N SER C 387 6.64 19.93 10.11
CA SER C 387 6.48 21.32 9.72
C SER C 387 5.66 21.47 8.45
N ARG C 388 5.93 20.63 7.43
CA ARG C 388 5.27 20.86 6.14
C ARG C 388 3.77 20.59 6.22
N ILE C 389 3.32 19.77 7.17
CA ILE C 389 1.89 19.61 7.41
C ILE C 389 1.36 20.79 8.23
N MET C 390 2.06 21.15 9.31
CA MET C 390 1.59 22.27 10.14
C MET C 390 1.57 23.59 9.38
N ASP C 391 2.31 23.67 8.27
CA ASP C 391 2.25 24.83 7.40
C ASP C 391 0.81 25.20 7.06
N GLY C 392 0.00 24.19 6.69
CA GLY C 392 -1.38 24.47 6.34
C GLY C 392 -2.18 24.97 7.52
N SER C 393 -2.13 24.22 8.63
CA SER C 393 -2.88 24.62 9.83
C SER C 393 -2.55 26.05 10.23
N PHE C 394 -1.27 26.37 10.24
CA PHE C 394 -0.87 27.65 10.81
C PHE C 394 -0.98 28.80 9.83
N ALA C 395 -0.97 28.54 8.52
CA ALA C 395 -1.36 29.60 7.59
C ALA C 395 -2.81 29.99 7.81
N ASN C 396 -3.68 29.01 8.03
CA ASN C 396 -5.07 29.30 8.37
C ASN C 396 -5.17 30.11 9.66
N GLN C 397 -4.37 29.75 10.69
CA GLN C 397 -4.39 30.50 11.95
C GLN C 397 -4.07 31.97 11.71
N VAL C 398 -3.01 32.25 10.94
CA VAL C 398 -2.63 33.64 10.68
C VAL C 398 -3.74 34.37 9.94
N LEU C 399 -4.31 33.72 8.92
CA LEU C 399 -5.39 34.37 8.19
C LEU C 399 -6.59 34.61 9.10
N ALA C 400 -6.87 33.68 10.01
CA ALA C 400 -8.00 33.83 10.92
C ALA C 400 -7.76 34.96 11.91
N GLN C 401 -6.54 35.06 12.44
CA GLN C 401 -6.18 36.16 13.34
C GLN C 401 -6.33 37.50 12.63
N ILE C 402 -5.87 37.59 11.38
CA ILE C 402 -6.01 38.83 10.62
C ILE C 402 -7.49 39.19 10.45
N HIS C 403 -8.32 38.20 10.07
CA HIS C 403 -9.71 38.51 9.78
C HIS C 403 -10.43 39.06 11.03
N LEU C 404 -10.30 38.36 12.15
CA LEU C 404 -11.05 38.75 13.34
C LEU C 404 -10.48 40.03 13.96
N PHE C 405 -9.15 40.19 13.92
CA PHE C 405 -8.56 41.43 14.44
C PHE C 405 -9.03 42.64 13.64
N GLU C 406 -9.07 42.51 12.32
CA GLU C 406 -9.50 43.64 11.50
C GLU C 406 -11.00 43.90 11.65
N GLN C 407 -11.79 42.87 11.98
CA GLN C 407 -13.22 43.05 12.19
C GLN C 407 -13.52 43.91 13.43
N LYS C 408 -12.65 43.84 14.45
CA LYS C 408 -12.75 44.70 15.64
C LYS C 408 -14.08 44.54 16.36
N TYR C 409 -14.45 43.29 16.61
CA TYR C 409 -15.73 42.99 17.25
C TYR C 409 -15.94 43.76 18.55
N ALA C 410 -14.90 43.87 19.38
CA ALA C 410 -15.11 44.48 20.70
C ALA C 410 -15.45 45.97 20.61
N ASP C 411 -15.21 46.60 19.47
CA ASP C 411 -15.49 48.01 19.31
C ASP C 411 -16.78 48.28 18.53
N LEU C 412 -17.51 47.24 18.18
CA LEU C 412 -18.68 47.46 17.33
C LEU C 412 -19.91 47.79 18.18
N PRO C 413 -20.89 48.48 17.60
CA PRO C 413 -22.15 48.70 18.31
C PRO C 413 -22.86 47.38 18.56
N ALA C 414 -23.78 47.40 19.53
CA ALA C 414 -24.39 46.16 19.99
C ALA C 414 -25.10 45.40 18.88
N ALA C 415 -25.80 46.13 17.99
CA ALA C 415 -26.52 45.47 16.91
C ALA C 415 -25.55 44.76 15.98
N GLU C 416 -24.40 45.37 15.72
CA GLU C 416 -23.40 44.74 14.87
C GLU C 416 -22.75 43.56 15.57
N LYS C 417 -22.50 43.68 16.88
CA LYS C 417 -21.99 42.54 17.64
C LYS C 417 -22.93 41.34 17.51
N ALA C 418 -24.23 41.57 17.68
CA ALA C 418 -25.18 40.47 17.64
C ALA C 418 -25.17 39.75 16.29
N LYS C 419 -24.94 40.50 15.19
CA LYS C 419 -24.86 39.89 13.87
C LYS C 419 -23.59 39.11 13.65
N ARG C 420 -22.51 39.42 14.35
CA ARG C 420 -21.22 38.79 14.10
C ARG C 420 -20.80 37.83 15.20
N LEU C 421 -21.61 37.65 16.24
CA LEU C 421 -21.26 36.71 17.32
C LEU C 421 -21.58 35.30 16.84
N SER C 422 -20.57 34.63 16.29
CA SER C 422 -20.77 33.33 15.66
C SER C 422 -19.46 32.56 15.65
N VAL C 423 -19.54 31.32 15.20
CA VAL C 423 -18.38 30.46 14.98
C VAL C 423 -18.38 30.13 13.49
N GLU C 424 -17.38 30.65 12.77
CA GLU C 424 -17.33 30.58 11.32
C GLU C 424 -16.04 29.93 10.86
N VAL C 425 -16.06 29.44 9.64
CA VAL C 425 -14.84 28.98 8.97
C VAL C 425 -14.35 30.08 8.03
N LEU C 426 -13.10 29.97 7.60
CA LEU C 426 -12.56 30.85 6.59
C LEU C 426 -13.21 30.57 5.23
N PRO C 427 -13.30 31.59 4.38
CA PRO C 427 -13.85 31.38 3.04
C PRO C 427 -13.02 30.41 2.24
N LYS C 428 -13.69 29.69 1.34
CA LYS C 428 -13.03 28.64 0.56
C LYS C 428 -11.90 29.21 -0.29
N LYS C 429 -12.03 30.45 -0.76
CA LYS C 429 -10.97 31.06 -1.56
C LYS C 429 -9.65 31.07 -0.79
N LEU C 430 -9.68 31.37 0.51
CA LEU C 430 -8.44 31.37 1.28
C LEU C 430 -7.91 29.96 1.53
N ASP C 431 -8.81 29.00 1.80
CA ASP C 431 -8.41 27.58 1.88
C ASP C 431 -7.63 27.17 0.65
N GLU C 432 -8.15 27.53 -0.54
CA GLU C 432 -7.49 27.18 -1.79
C GLU C 432 -6.14 27.88 -1.93
N GLU C 433 -6.06 29.13 -1.48
CA GLU C 433 -4.79 29.85 -1.60
C GLU C 433 -3.73 29.24 -0.69
N VAL C 434 -4.12 28.77 0.50
CA VAL C 434 -3.15 28.05 1.35
C VAL C 434 -2.71 26.75 0.66
N ALA C 435 -3.68 26.01 0.12
CA ALA C 435 -3.38 24.75 -0.55
C ALA C 435 -2.42 24.96 -1.72
N LEU C 436 -2.63 26.03 -2.50
CA LEU C 436 -1.77 26.25 -3.66
C LEU C 436 -0.31 26.40 -3.25
N GLU C 437 -0.06 27.13 -2.16
CA GLU C 437 1.32 27.27 -1.68
C GLU C 437 1.86 25.95 -1.18
N MET C 438 1.02 25.13 -0.53
CA MET C 438 1.48 23.80 -0.12
C MET C 438 1.87 22.96 -1.32
N VAL C 439 1.06 22.99 -2.38
CA VAL C 439 1.36 22.18 -3.57
C VAL C 439 2.66 22.65 -4.22
N LYS C 440 2.83 23.97 -4.34
CA LYS C 440 4.09 24.48 -4.88
C LYS C 440 5.28 24.05 -4.05
N GLY C 441 5.10 23.91 -2.73
CA GLY C 441 6.18 23.46 -1.87
C GLY C 441 6.65 22.07 -2.20
N PHE C 442 5.76 21.22 -2.72
CA PHE C 442 6.14 19.90 -3.22
C PHE C 442 6.69 19.94 -4.63
N GLY C 443 6.73 21.11 -5.27
CA GLY C 443 7.04 21.15 -6.68
C GLY C 443 5.90 20.78 -7.58
N GLY C 444 4.69 20.66 -7.05
CA GLY C 444 3.55 20.35 -7.90
C GLY C 444 3.14 21.55 -8.74
N VAL C 445 2.48 21.29 -9.87
CA VAL C 445 2.02 22.35 -10.77
C VAL C 445 0.51 22.18 -10.95
N VAL C 446 -0.24 23.22 -10.56
CA VAL C 446 -1.69 23.23 -10.72
C VAL C 446 -2.03 23.81 -12.09
N THR C 447 -2.92 23.13 -12.81
CA THR C 447 -3.33 23.55 -14.15
C THR C 447 -4.36 24.68 -14.05
N GLN C 448 -4.27 25.64 -14.98
CA GLN C 448 -5.24 26.73 -15.08
C GLN C 448 -6.34 26.35 -16.08
N LEU C 449 -7.61 26.49 -15.66
CA LEU C 449 -8.72 26.28 -16.58
C LEU C 449 -8.68 27.29 -17.71
N THR C 450 -9.10 26.86 -18.90
CA THR C 450 -9.38 27.82 -19.96
C THR C 450 -10.69 28.54 -19.65
N PRO C 451 -10.93 29.71 -20.25
CA PRO C 451 -12.22 30.36 -20.04
C PRO C 451 -13.40 29.45 -20.35
N LYS C 452 -13.33 28.68 -21.43
CA LYS C 452 -14.43 27.80 -21.79
C LYS C 452 -14.62 26.68 -20.76
N GLN C 453 -13.52 26.11 -20.27
CA GLN C 453 -13.64 25.07 -19.25
C GLN C 453 -14.23 25.62 -17.96
N ALA C 454 -13.79 26.81 -17.54
CA ALA C 454 -14.37 27.42 -16.35
C ALA C 454 -15.86 27.65 -16.51
N GLU C 455 -16.26 28.14 -17.69
CA GLU C 455 -17.68 28.34 -17.98
C GLU C 455 -18.43 27.01 -17.94
N TYR C 456 -17.81 25.95 -18.46
CA TYR C 456 -18.47 24.66 -18.58
C TYR C 456 -18.83 24.07 -17.22
N ILE C 457 -17.95 24.25 -16.22
CA ILE C 457 -18.24 23.73 -14.89
C ILE C 457 -18.74 24.82 -13.94
N GLY C 458 -18.94 26.03 -14.44
CA GLY C 458 -19.59 27.08 -13.68
C GLY C 458 -18.74 27.64 -12.56
N VAL C 459 -17.45 27.84 -12.80
CA VAL C 459 -16.55 28.45 -11.82
C VAL C 459 -15.76 29.57 -12.49
N SER C 460 -15.17 30.43 -11.66
CA SER C 460 -14.19 31.39 -12.13
CA SER C 460 -14.19 31.40 -12.10
C SER C 460 -12.84 30.71 -12.34
N VAL C 461 -12.08 31.22 -13.31
CA VAL C 461 -10.74 30.67 -13.53
C VAL C 461 -9.91 30.78 -12.26
N GLU C 462 -10.16 31.81 -11.46
CA GLU C 462 -9.40 32.01 -10.23
C GLU C 462 -9.94 31.20 -9.06
N GLY C 463 -11.03 30.47 -9.25
CA GLY C 463 -11.70 29.82 -8.15
C GLY C 463 -12.63 30.77 -7.41
N PRO C 464 -13.33 30.25 -6.38
CA PRO C 464 -13.32 28.89 -5.87
C PRO C 464 -13.83 27.86 -6.86
N PHE C 465 -13.30 26.64 -6.75
CA PHE C 465 -13.53 25.58 -7.72
C PHE C 465 -14.63 24.61 -7.31
N LYS C 466 -15.08 24.67 -6.06
CA LYS C 466 -16.06 23.73 -5.52
C LYS C 466 -17.14 24.51 -4.78
N PRO C 467 -18.38 24.01 -4.77
CA PRO C 467 -19.40 24.58 -3.88
C PRO C 467 -19.03 24.34 -2.42
N ASP C 468 -19.63 25.15 -1.54
CA ASP C 468 -19.36 25.01 -0.11
C ASP C 468 -19.80 23.64 0.43
N THR C 469 -20.76 22.98 -0.25
CA THR C 469 -21.17 21.65 0.16
C THR C 469 -20.09 20.58 -0.04
N TYR C 470 -19.01 20.88 -0.75
CA TYR C 470 -18.12 19.81 -1.21
C TYR C 470 -17.31 19.24 -0.05
N ARG C 471 -17.15 17.90 -0.03
CA ARG C 471 -16.49 17.24 1.08
C ARG C 471 -15.05 16.83 0.80
N TYR C 472 -14.57 16.90 -0.44
CA TYR C 472 -13.23 16.43 -0.81
C TYR C 472 -12.97 15.00 -0.34
N GLY D 12 34.75 -5.59 42.52
CA GLY D 12 35.02 -4.28 41.95
C GLY D 12 35.33 -4.34 40.47
N PHE D 13 34.33 -4.68 39.67
CA PHE D 13 34.54 -4.89 38.24
C PHE D 13 34.80 -3.54 37.55
N THR D 14 35.93 -3.45 36.84
CA THR D 14 36.25 -2.22 36.11
C THR D 14 36.76 -2.51 34.70
N ASP D 15 36.65 -3.75 34.21
CA ASP D 15 37.16 -4.13 32.89
C ASP D 15 36.12 -3.75 31.82
N TYR D 16 35.95 -2.44 31.63
CA TYR D 16 35.00 -1.94 30.64
C TYR D 16 35.28 -0.47 30.37
N LYS D 17 34.57 0.07 29.38
CA LYS D 17 34.55 1.52 29.15
C LYS D 17 33.24 1.86 28.44
N VAL D 18 32.37 2.61 29.12
CA VAL D 18 31.08 3.00 28.59
C VAL D 18 30.89 4.49 28.88
N ALA D 19 29.84 5.07 28.28
CA ALA D 19 29.63 6.50 28.46
C ALA D 19 29.24 6.84 29.91
N ASP D 20 28.37 6.02 30.50
CA ASP D 20 27.74 6.41 31.77
C ASP D 20 27.14 5.15 32.38
N ILE D 21 27.84 4.60 33.38
CA ILE D 21 27.39 3.37 34.04
C ILE D 21 26.06 3.56 34.75
N THR D 22 25.69 4.79 35.10
CA THR D 22 24.44 5.02 35.81
C THR D 22 23.21 4.78 34.94
N LEU D 23 23.39 4.61 33.63
CA LEU D 23 22.29 4.26 32.75
C LEU D 23 21.93 2.77 32.81
N ALA D 24 22.59 2.01 33.68
CA ALA D 24 22.45 0.56 33.62
C ALA D 24 21.05 0.11 33.98
N ALA D 25 20.43 0.73 34.99
CA ALA D 25 19.08 0.34 35.39
C ALA D 25 18.10 0.52 34.24
N TRP D 26 18.23 1.63 33.51
CA TRP D 26 17.41 1.86 32.33
C TRP D 26 17.68 0.79 31.26
N GLY D 27 18.95 0.51 30.99
CA GLY D 27 19.26 -0.55 30.04
C GLY D 27 18.66 -1.89 30.42
N ARG D 28 18.65 -2.21 31.72
CA ARG D 28 18.13 -3.51 32.16
C ARG D 28 16.62 -3.58 31.99
N ARG D 29 15.91 -2.49 32.28
CA ARG D 29 14.48 -2.43 32.00
C ARG D 29 14.20 -2.69 30.52
N GLU D 30 15.01 -2.13 29.64
CA GLU D 30 14.77 -2.34 28.21
C GLU D 30 15.19 -3.74 27.77
N LEU D 31 16.20 -4.32 28.40
CA LEU D 31 16.54 -5.71 28.09
C LEU D 31 15.42 -6.67 28.48
N ILE D 32 14.78 -6.43 29.63
CA ILE D 32 13.69 -7.31 30.06
C ILE D 32 12.53 -7.24 29.07
N ILE D 33 12.19 -6.03 28.60
CA ILE D 33 11.23 -5.88 27.52
C ILE D 33 11.69 -6.63 26.27
N ALA D 34 12.95 -6.39 25.86
CA ALA D 34 13.45 -7.00 24.63
C ALA D 34 13.37 -8.52 24.69
N GLU D 35 13.64 -9.11 25.85
CA GLU D 35 13.57 -10.57 25.96
C GLU D 35 12.18 -11.08 25.58
N SER D 36 11.12 -10.34 25.93
CA SER D 36 9.78 -10.73 25.56
C SER D 36 9.51 -10.56 24.07
N GLU D 37 10.34 -9.80 23.37
CA GLU D 37 10.22 -9.61 21.93
C GLU D 37 11.09 -10.56 21.12
N MET D 38 11.84 -11.46 21.76
CA MET D 38 12.86 -12.26 21.07
C MET D 38 12.67 -13.74 21.42
N PRO D 39 11.57 -14.34 20.96
CA PRO D 39 11.26 -15.72 21.39
C PRO D 39 12.20 -16.77 20.82
N ALA D 40 12.73 -16.59 19.61
CA ALA D 40 13.66 -17.59 19.06
C ALA D 40 14.96 -17.59 19.84
N LEU D 41 15.50 -16.40 20.09
CA LEU D 41 16.76 -16.29 20.83
C LEU D 41 16.60 -16.73 22.28
N MET D 42 15.53 -16.25 22.94
N MET D 42 15.52 -16.28 22.94
CA MET D 42 15.22 -16.68 24.30
CA MET D 42 15.31 -16.70 24.32
C MET D 42 15.01 -18.18 24.36
C MET D 42 14.95 -18.19 24.40
N GLY D 43 14.31 -18.74 23.37
CA GLY D 43 14.07 -20.17 23.35
C GLY D 43 15.36 -20.96 23.26
N LEU D 44 16.34 -20.47 22.49
CA LEU D 44 17.63 -21.14 22.48
C LEU D 44 18.33 -21.00 23.83
N ARG D 45 18.19 -19.84 24.47
CA ARG D 45 18.82 -19.64 25.78
C ARG D 45 18.29 -20.69 26.75
N ARG D 46 16.96 -20.88 26.79
CA ARG D 46 16.38 -21.86 27.69
C ARG D 46 16.71 -23.29 27.25
N LYS D 47 16.74 -23.53 25.94
CA LYS D 47 16.95 -24.87 25.43
C LYS D 47 18.35 -25.40 25.76
N TYR D 48 19.37 -24.57 25.62
CA TYR D 48 20.75 -25.04 25.72
C TYR D 48 21.39 -24.75 27.07
N ALA D 49 20.66 -24.13 27.99
CA ALA D 49 21.25 -23.78 29.29
C ALA D 49 21.77 -25.01 30.01
N GLY D 50 21.02 -26.12 29.98
CA GLY D 50 21.46 -27.32 30.69
C GLY D 50 22.72 -27.92 30.09
N GLN D 51 22.83 -27.93 28.77
CA GLN D 51 23.99 -28.54 28.12
C GLN D 51 25.25 -27.70 28.27
N GLN D 52 25.11 -26.38 28.39
CA GLN D 52 26.25 -25.46 28.38
C GLN D 52 27.16 -25.73 27.18
N PRO D 53 26.63 -25.64 25.95
CA PRO D 53 27.45 -25.98 24.78
C PRO D 53 28.59 -25.02 24.53
N LEU D 54 28.56 -23.82 25.08
CA LEU D 54 29.65 -22.86 24.91
C LEU D 54 30.57 -22.79 26.15
N LYS D 55 30.49 -23.76 27.04
CA LYS D 55 31.44 -23.82 28.15
C LYS D 55 32.86 -23.95 27.61
N GLY D 56 33.73 -23.02 28.03
CA GLY D 56 35.08 -22.95 27.50
C GLY D 56 35.24 -22.03 26.31
N ALA D 57 34.15 -21.58 25.71
CA ALA D 57 34.24 -20.63 24.62
C ALA D 57 34.66 -19.26 25.15
N LYS D 58 35.56 -18.61 24.42
CA LYS D 58 36.05 -17.28 24.75
C LYS D 58 35.89 -16.45 23.48
N ILE D 59 34.81 -15.67 23.41
CA ILE D 59 34.33 -15.05 22.17
C ILE D 59 34.72 -13.59 22.15
N LEU D 60 35.49 -13.18 21.14
CA LEU D 60 35.64 -11.77 20.81
C LEU D 60 34.44 -11.38 19.96
N GLY D 61 33.68 -10.38 20.41
N GLY D 61 33.68 -10.38 20.40
CA GLY D 61 32.51 -9.93 19.69
CA GLY D 61 32.50 -9.93 19.68
C GLY D 61 32.59 -8.48 19.25
C GLY D 61 32.63 -8.48 19.24
N CYS D 62 32.25 -8.21 18.00
CA CYS D 62 32.29 -6.85 17.44
C CYS D 62 31.00 -6.62 16.65
N ILE D 63 30.01 -6.01 17.29
CA ILE D 63 28.73 -5.72 16.65
C ILE D 63 28.01 -4.67 17.46
N HIS D 64 27.29 -3.78 16.76
CA HIS D 64 26.55 -2.66 17.33
C HIS D 64 26.03 -2.93 18.75
N MET D 65 26.48 -2.15 19.72
CA MET D 65 26.17 -2.43 21.13
C MET D 65 24.80 -1.84 21.47
N THR D 66 23.77 -2.49 20.94
CA THR D 66 22.36 -2.15 21.14
C THR D 66 21.75 -3.02 22.22
N ILE D 67 20.51 -2.68 22.59
CA ILE D 67 19.72 -3.53 23.49
C ILE D 67 19.60 -4.94 22.91
N GLN D 68 19.37 -5.04 21.59
CA GLN D 68 19.24 -6.35 20.95
C GLN D 68 20.54 -7.15 21.08
N THR D 69 21.67 -6.49 20.86
CA THR D 69 22.96 -7.17 21.04
C THR D 69 23.17 -7.57 22.50
N GLY D 70 22.63 -6.79 23.43
CA GLY D 70 22.71 -7.17 24.82
C GLY D 70 22.06 -8.50 25.11
N VAL D 71 20.91 -8.77 24.46
CA VAL D 71 20.23 -10.04 24.70
C VAL D 71 21.04 -11.19 24.08
N LEU D 72 21.67 -10.94 22.93
CA LEU D 72 22.57 -11.93 22.34
C LEU D 72 23.75 -12.21 23.27
N ILE D 73 24.39 -11.15 23.79
CA ILE D 73 25.55 -11.33 24.66
C ILE D 73 25.18 -12.19 25.86
N GLU D 74 24.07 -11.87 26.53
CA GLU D 74 23.72 -12.61 27.74
C GLU D 74 23.25 -14.03 27.44
N THR D 75 22.75 -14.28 26.22
CA THR D 75 22.47 -15.66 25.80
C THR D 75 23.77 -16.46 25.67
N LEU D 76 24.78 -15.87 25.01
CA LEU D 76 26.07 -16.55 24.89
C LEU D 76 26.67 -16.88 26.26
N VAL D 77 26.63 -15.90 27.19
CA VAL D 77 27.16 -16.12 28.53
C VAL D 77 26.33 -17.18 29.26
N ALA D 78 25.01 -17.16 29.06
CA ALA D 78 24.14 -18.13 29.72
C ALA D 78 24.39 -19.56 29.23
N LEU D 79 24.91 -19.72 28.02
CA LEU D 79 25.26 -21.02 27.47
C LEU D 79 26.69 -21.42 27.80
N GLY D 80 27.42 -20.60 28.54
CA GLY D 80 28.72 -20.97 29.08
C GLY D 80 29.90 -20.13 28.61
N ALA D 81 29.71 -19.23 27.66
CA ALA D 81 30.83 -18.48 27.11
C ALA D 81 31.32 -17.37 28.04
N GLU D 82 32.60 -17.05 27.90
CA GLU D 82 33.14 -15.75 28.28
C GLU D 82 33.25 -14.91 27.01
N VAL D 83 32.99 -13.60 27.14
CA VAL D 83 33.05 -12.70 25.99
C VAL D 83 33.79 -11.41 26.35
N ARG D 84 34.30 -10.75 25.32
CA ARG D 84 34.79 -9.37 25.42
C ARG D 84 34.30 -8.63 24.18
N TRP D 85 33.63 -7.49 24.38
CA TRP D 85 32.75 -6.94 23.35
C TRP D 85 33.09 -5.49 22.97
N SER D 86 32.88 -5.17 21.69
CA SER D 86 32.96 -3.80 21.20
C SER D 86 31.87 -3.59 20.16
N SER D 87 31.59 -2.34 19.83
CA SER D 87 30.66 -2.06 18.75
C SER D 87 31.38 -2.08 17.41
N CYS D 88 30.64 -2.34 16.33
CA CYS D 88 31.26 -2.26 15.01
C CYS D 88 30.96 -0.96 14.29
N ASN D 89 30.46 0.06 15.00
CA ASN D 89 30.28 1.38 14.39
C ASN D 89 30.38 2.44 15.48
N ILE D 90 30.93 3.61 15.13
CA ILE D 90 31.15 4.65 16.13
C ILE D 90 29.85 5.27 16.64
N PHE D 91 28.73 5.12 15.93
CA PHE D 91 27.49 5.81 16.31
C PHE D 91 26.38 4.86 16.72
N SER D 92 26.61 3.55 16.68
CA SER D 92 25.50 2.61 16.78
C SER D 92 25.20 2.15 18.20
N THR D 93 26.10 2.38 19.15
CA THR D 93 25.88 1.96 20.53
C THR D 93 24.70 2.70 21.14
N GLN D 94 23.86 1.96 21.87
CA GLN D 94 22.93 2.53 22.83
C GLN D 94 23.61 2.52 24.19
N ASP D 95 23.87 3.71 24.74
CA ASP D 95 24.69 3.79 25.96
C ASP D 95 24.04 3.06 27.13
N GLN D 96 22.70 3.00 27.19
CA GLN D 96 22.08 2.29 28.30
C GLN D 96 22.24 0.77 28.14
N ALA D 97 22.37 0.29 26.90
CA ALA D 97 22.64 -1.13 26.69
C ALA D 97 24.06 -1.48 27.10
N ALA D 98 25.03 -0.66 26.67
CA ALA D 98 26.42 -0.90 27.08
C ALA D 98 26.55 -0.87 28.60
N ALA D 99 25.91 0.11 29.25
CA ALA D 99 26.01 0.22 30.71
C ALA D 99 25.44 -1.02 31.40
N ALA D 100 24.29 -1.52 30.94
CA ALA D 100 23.70 -2.69 31.56
C ALA D 100 24.62 -3.89 31.42
N ILE D 101 25.26 -4.04 30.26
CA ILE D 101 26.17 -5.17 30.05
C ILE D 101 27.39 -5.06 30.95
N ALA D 102 27.98 -3.86 31.04
CA ALA D 102 29.11 -3.64 31.94
C ALA D 102 28.72 -3.87 33.40
N ALA D 103 27.56 -3.37 33.81
CA ALA D 103 27.13 -3.55 35.19
C ALA D 103 26.80 -5.00 35.50
N ALA D 104 26.61 -5.84 34.48
CA ALA D 104 26.49 -7.27 34.67
C ALA D 104 27.83 -7.97 34.80
N GLY D 105 28.94 -7.23 34.77
CA GLY D 105 30.25 -7.82 34.92
C GLY D 105 30.83 -8.38 33.64
N ILE D 106 30.39 -7.87 32.49
CA ILE D 106 30.82 -8.36 31.18
C ILE D 106 31.69 -7.27 30.55
N PRO D 107 32.90 -7.60 30.07
CA PRO D 107 33.76 -6.60 29.44
C PRO D 107 33.15 -6.08 28.13
N VAL D 108 32.90 -4.77 28.09
CA VAL D 108 32.36 -4.12 26.91
C VAL D 108 33.03 -2.77 26.79
N PHE D 109 33.43 -2.41 25.58
CA PHE D 109 34.09 -1.15 25.30
C PHE D 109 33.34 -0.52 24.14
N ALA D 110 32.46 0.44 24.46
CA ALA D 110 31.54 0.96 23.46
C ALA D 110 30.76 2.17 23.98
N TRP D 111 30.67 3.23 23.17
CA TRP D 111 29.78 4.34 23.46
C TRP D 111 29.35 4.97 22.14
N LYS D 112 28.23 5.70 22.20
CA LYS D 112 27.74 6.41 21.02
C LYS D 112 28.58 7.65 20.79
N GLY D 113 29.08 7.82 19.57
CA GLY D 113 29.90 8.97 19.25
C GLY D 113 31.39 8.79 19.49
N GLU D 114 31.92 7.58 19.28
CA GLU D 114 33.35 7.39 19.35
C GLU D 114 34.05 8.13 18.21
N THR D 115 35.27 8.57 18.47
CA THR D 115 36.15 8.94 17.37
C THR D 115 36.67 7.67 16.70
N GLU D 116 37.30 7.84 15.53
CA GLU D 116 37.91 6.68 14.86
C GLU D 116 39.01 6.07 15.71
N GLU D 117 39.82 6.90 16.35
CA GLU D 117 40.88 6.40 17.22
C GLU D 117 40.29 5.63 18.40
N GLU D 118 39.20 6.14 18.98
CA GLU D 118 38.56 5.41 20.07
C GLU D 118 37.95 4.10 19.59
N TYR D 119 37.41 4.08 18.36
CA TYR D 119 36.83 2.87 17.79
C TYR D 119 37.85 1.74 17.76
N GLU D 120 39.06 2.03 17.25
CA GLU D 120 40.12 1.03 17.21
CA GLU D 120 40.11 1.02 17.21
C GLU D 120 40.55 0.64 18.62
N TRP D 121 40.64 1.62 19.52
CA TRP D 121 40.97 1.35 20.91
C TRP D 121 39.99 0.36 21.54
N CYS D 122 38.70 0.51 21.26
CA CYS D 122 37.72 -0.39 21.84
C CYS D 122 37.91 -1.83 21.35
N ILE D 123 38.18 -2.01 20.05
CA ILE D 123 38.41 -3.36 19.56
C ILE D 123 39.65 -3.95 20.21
N GLU D 124 40.74 -3.18 20.25
CA GLU D 124 41.96 -3.70 20.86
C GLU D 124 41.76 -4.01 22.34
N GLN D 125 40.84 -3.32 23.01
CA GLN D 125 40.58 -3.64 24.42
C GLN D 125 39.90 -5.00 24.57
N THR D 126 39.15 -5.45 23.56
CA THR D 126 38.60 -6.80 23.62
C THR D 126 39.68 -7.84 23.33
N ILE D 127 40.58 -7.53 22.40
CA ILE D 127 41.64 -8.46 22.00
C ILE D 127 42.65 -8.66 23.14
N LEU D 128 42.95 -7.60 23.88
CA LEU D 128 43.97 -7.65 24.92
C LEU D 128 43.29 -7.72 26.28
N LYS D 129 43.86 -8.54 27.16
CA LYS D 129 43.48 -8.59 28.56
C LYS D 129 44.76 -8.44 29.37
N ASP D 130 44.82 -7.40 30.19
CA ASP D 130 46.01 -7.11 31.00
C ASP D 130 47.23 -6.85 30.11
N GLY D 131 47.01 -6.24 28.95
CA GLY D 131 48.12 -5.87 28.07
C GLY D 131 48.68 -7.00 27.23
N GLN D 132 48.07 -8.18 27.23
CA GLN D 132 48.51 -9.31 26.45
C GLN D 132 47.31 -9.92 25.73
N PRO D 133 47.53 -10.61 24.61
CA PRO D 133 46.41 -11.21 23.89
C PRO D 133 45.61 -12.16 24.77
N TRP D 134 44.29 -11.95 24.79
CA TRP D 134 43.37 -12.86 25.47
C TRP D 134 43.43 -14.22 24.81
N ASP D 135 43.16 -15.27 25.58
CA ASP D 135 43.15 -16.62 25.02
C ASP D 135 41.79 -16.89 24.36
N ALA D 136 41.45 -16.02 23.40
CA ALA D 136 40.22 -16.15 22.63
C ALA D 136 40.22 -17.43 21.80
N ASN D 137 39.04 -18.01 21.60
CA ASN D 137 38.92 -19.13 20.69
C ASN D 137 37.71 -19.06 19.76
N MET D 138 36.98 -17.94 19.74
CA MET D 138 35.84 -17.76 18.86
C MET D 138 35.70 -16.27 18.52
N VAL D 139 35.17 -15.99 17.34
CA VAL D 139 34.96 -14.62 16.88
C VAL D 139 33.53 -14.44 16.41
N LEU D 140 32.88 -13.37 16.87
CA LEU D 140 31.60 -12.95 16.32
C LEU D 140 31.76 -11.54 15.81
N ASP D 141 31.47 -11.34 14.53
CA ASP D 141 31.82 -10.10 13.84
C ASP D 141 30.65 -9.63 12.98
N ASP D 142 30.63 -8.33 12.75
CA ASP D 142 29.60 -7.67 11.94
C ASP D 142 30.33 -6.65 11.08
N GLY D 143 30.67 -7.03 9.85
CA GLY D 143 31.34 -6.16 8.90
C GLY D 143 32.81 -6.49 8.66
N GLY D 144 33.40 -7.35 9.49
CA GLY D 144 34.74 -7.84 9.27
C GLY D 144 35.89 -7.02 9.87
N ASP D 145 35.60 -5.96 10.63
CA ASP D 145 36.71 -5.14 11.14
C ASP D 145 37.55 -5.93 12.16
N LEU D 146 36.89 -6.64 13.07
CA LEU D 146 37.63 -7.44 14.05
C LEU D 146 38.38 -8.58 13.36
N THR D 147 37.72 -9.27 12.44
CA THR D 147 38.36 -10.32 11.64
C THR D 147 39.63 -9.82 10.98
N GLU D 148 39.57 -8.60 10.41
CA GLU D 148 40.74 -8.07 9.70
C GLU D 148 41.86 -7.72 10.66
N ILE D 149 41.54 -7.08 11.79
CA ILE D 149 42.57 -6.76 12.77
C ILE D 149 43.26 -8.03 13.27
N LEU D 150 42.49 -9.09 13.52
CA LEU D 150 43.10 -10.34 13.96
C LEU D 150 44.06 -10.89 12.91
N HIS D 151 43.62 -10.93 11.64
CA HIS D 151 44.45 -11.50 10.58
C HIS D 151 45.68 -10.65 10.32
N LYS D 152 45.56 -9.33 10.41
CA LYS D 152 46.69 -8.49 10.01
C LYS D 152 47.60 -8.12 11.19
N LYS D 153 47.04 -7.88 12.37
CA LYS D 153 47.85 -7.43 13.51
C LYS D 153 48.11 -8.51 14.55
N TYR D 154 47.21 -9.48 14.71
CA TYR D 154 47.37 -10.52 15.74
C TYR D 154 47.25 -11.93 15.15
N PRO D 155 48.00 -12.25 14.08
CA PRO D 155 47.80 -13.55 13.43
C PRO D 155 48.01 -14.74 14.34
N GLN D 156 48.91 -14.65 15.32
CA GLN D 156 49.15 -15.80 16.18
C GLN D 156 47.90 -16.19 16.96
N MET D 157 47.03 -15.22 17.26
CA MET D 157 45.80 -15.54 17.99
C MET D 157 44.89 -16.47 17.20
N LEU D 158 44.91 -16.39 15.87
CA LEU D 158 44.04 -17.23 15.06
C LEU D 158 44.42 -18.70 15.14
N GLU D 159 45.64 -19.02 15.55
CA GLU D 159 46.03 -20.41 15.75
C GLU D 159 45.14 -21.11 16.79
N ARG D 160 44.54 -20.35 17.71
CA ARG D 160 43.70 -20.90 18.77
C ARG D 160 42.21 -20.75 18.51
N ILE D 161 41.81 -20.06 17.45
CA ILE D 161 40.42 -19.71 17.22
C ILE D 161 39.76 -20.76 16.34
N HIS D 162 38.58 -21.23 16.75
CA HIS D 162 37.88 -22.29 16.04
C HIS D 162 37.01 -21.79 14.89
N GLY D 163 36.62 -20.52 14.87
CA GLY D 163 35.76 -20.06 13.81
C GLY D 163 35.30 -18.62 14.01
N ILE D 164 34.74 -18.07 12.93
CA ILE D 164 34.17 -16.74 12.88
C ILE D 164 32.70 -16.88 12.49
N THR D 165 31.81 -16.17 13.18
CA THR D 165 30.41 -16.13 12.72
C THR D 165 30.11 -14.68 12.32
N GLU D 166 29.87 -14.47 11.02
CA GLU D 166 29.81 -13.12 10.44
C GLU D 166 28.38 -12.73 10.12
N GLU D 167 28.03 -11.52 10.54
CA GLU D 167 26.64 -11.05 10.57
C GLU D 167 26.16 -10.53 9.21
N THR D 168 27.01 -9.86 8.45
CA THR D 168 26.45 -8.97 7.43
C THR D 168 27.12 -9.15 6.07
N THR D 169 26.38 -8.72 5.04
CA THR D 169 26.76 -8.95 3.65
C THR D 169 28.19 -8.49 3.37
N THR D 170 28.52 -7.28 3.83
CA THR D 170 29.86 -6.74 3.61
C THR D 170 30.95 -7.60 4.25
N GLY D 171 30.71 -8.10 5.46
CA GLY D 171 31.71 -8.97 6.09
C GLY D 171 31.85 -10.30 5.39
N VAL D 172 30.73 -10.86 4.89
CA VAL D 172 30.79 -12.09 4.13
C VAL D 172 31.63 -11.90 2.87
N HIS D 173 31.42 -10.78 2.17
CA HIS D 173 32.26 -10.52 0.99
C HIS D 173 33.74 -10.52 1.35
N ARG D 174 34.09 -9.90 2.48
CA ARG D 174 35.51 -9.84 2.85
C ARG D 174 36.04 -11.22 3.19
N LEU D 175 35.22 -12.06 3.86
CA LEU D 175 35.65 -13.43 4.11
C LEU D 175 35.86 -14.20 2.81
N LEU D 176 34.95 -14.04 1.85
CA LEU D 176 35.09 -14.79 0.61
C LEU D 176 36.29 -14.31 -0.19
N ASP D 177 36.61 -13.02 -0.13
CA ASP D 177 37.82 -12.54 -0.77
CA ASP D 177 37.83 -12.52 -0.76
C ASP D 177 39.06 -13.16 -0.13
N MET D 178 39.08 -13.23 1.21
CA MET D 178 40.22 -13.85 1.88
C MET D 178 40.35 -15.32 1.51
N LEU D 179 39.23 -16.04 1.49
CA LEU D 179 39.26 -17.45 1.12
C LEU D 179 39.78 -17.62 -0.31
N LYS D 180 39.24 -16.83 -1.24
CA LYS D 180 39.71 -16.88 -2.62
C LYS D 180 41.21 -16.62 -2.72
N ASN D 181 41.75 -15.74 -1.87
CA ASN D 181 43.16 -15.41 -1.90
C ASN D 181 44.02 -16.28 -0.99
N GLY D 182 43.42 -17.26 -0.31
CA GLY D 182 44.19 -18.14 0.56
C GLY D 182 44.65 -17.53 1.87
N THR D 183 44.06 -16.40 2.30
CA THR D 183 44.50 -15.70 3.50
C THR D 183 43.55 -15.88 4.69
N LEU D 184 42.43 -16.57 4.50
CA LEU D 184 41.51 -16.83 5.61
C LEU D 184 42.09 -17.95 6.47
N LYS D 185 42.28 -17.70 7.76
CA LYS D 185 42.99 -18.63 8.62
C LYS D 185 42.09 -19.57 9.41
N VAL D 186 40.80 -19.24 9.53
CA VAL D 186 39.86 -20.06 10.31
C VAL D 186 38.54 -20.10 9.56
N PRO D 187 37.74 -21.15 9.77
CA PRO D 187 36.48 -21.27 9.04
C PRO D 187 35.44 -20.28 9.56
N ALA D 188 34.41 -20.06 8.74
CA ALA D 188 33.39 -19.08 9.08
C ALA D 188 32.01 -19.63 8.75
N ILE D 189 31.02 -19.16 9.49
CA ILE D 189 29.63 -19.31 9.11
C ILE D 189 29.10 -17.95 8.68
N ASN D 190 28.55 -17.92 7.48
CA ASN D 190 27.87 -16.79 6.87
C ASN D 190 26.46 -16.77 7.48
N VAL D 191 26.32 -16.05 8.60
CA VAL D 191 25.02 -15.90 9.27
C VAL D 191 24.07 -15.06 8.40
N ASN D 192 24.63 -14.15 7.61
CA ASN D 192 23.80 -13.26 6.80
C ASN D 192 22.82 -14.02 5.93
N ASP D 193 23.23 -15.17 5.38
CA ASP D 193 22.44 -15.82 4.35
C ASP D 193 21.50 -16.90 4.86
N SER D 194 21.30 -17.01 6.17
CA SER D 194 20.08 -17.65 6.63
C SER D 194 18.89 -16.83 6.13
N VAL D 195 17.79 -17.51 5.76
CA VAL D 195 16.63 -16.74 5.27
C VAL D 195 16.05 -15.91 6.41
N THR D 196 16.03 -16.46 7.63
CA THR D 196 15.58 -15.72 8.80
C THR D 196 16.57 -14.63 9.22
N LYS D 197 17.63 -14.40 8.46
CA LYS D 197 18.47 -13.23 8.63
C LYS D 197 18.33 -12.34 7.39
N SER D 198 18.87 -12.75 6.24
CA SER D 198 18.91 -11.90 5.05
C SER D 198 17.54 -11.36 4.69
N LYS D 199 16.51 -12.23 4.63
CA LYS D 199 15.21 -11.81 4.14
C LYS D 199 14.28 -11.41 5.25
N ASN D 200 14.83 -11.05 6.40
CA ASN D 200 14.14 -10.61 7.59
C ASN D 200 14.81 -9.32 8.06
N ASP D 201 16.03 -9.47 8.58
CA ASP D 201 16.85 -8.35 9.05
C ASP D 201 17.16 -7.36 7.93
N ASN D 202 17.83 -7.83 6.87
CA ASN D 202 18.32 -6.90 5.86
C ASN D 202 17.17 -6.13 5.18
N LYS D 203 16.05 -6.81 4.93
CA LYS D 203 14.90 -6.17 4.27
C LYS D 203 13.96 -5.50 5.27
N TYR D 204 13.21 -6.31 6.05
CA TYR D 204 12.20 -5.75 6.95
C TYR D 204 12.80 -4.89 8.05
N GLY D 205 14.04 -5.17 8.47
CA GLY D 205 14.65 -4.31 9.47
C GLY D 205 14.82 -2.89 8.96
N CYS D 206 15.28 -2.74 7.72
CA CYS D 206 15.44 -1.41 7.15
C CYS D 206 14.09 -0.78 6.83
N ARG D 207 13.08 -1.58 6.49
CA ARG D 207 11.73 -1.03 6.32
C ARG D 207 11.26 -0.34 7.59
N HIS D 208 11.53 -0.96 8.75
CA HIS D 208 11.15 -0.38 10.03
C HIS D 208 12.00 0.84 10.38
N SER D 209 13.31 0.75 10.20
CA SER D 209 14.21 1.69 10.86
C SER D 209 14.74 2.81 9.95
N LEU D 210 14.63 2.71 8.63
CA LEU D 210 15.08 3.82 7.80
C LEU D 210 14.21 5.05 8.00
N ASN D 211 12.89 4.95 7.78
CA ASN D 211 12.07 6.14 7.99
CA ASN D 211 12.03 6.11 8.00
C ASN D 211 12.07 6.55 9.46
N ASP D 212 12.25 5.59 10.38
CA ASP D 212 12.40 5.92 11.80
C ASP D 212 13.55 6.90 12.01
N ALA D 213 14.71 6.59 11.42
CA ALA D 213 15.90 7.42 11.63
C ALA D 213 15.77 8.79 10.94
N ILE D 214 15.18 8.83 9.75
CA ILE D 214 15.02 10.11 9.05
C ILE D 214 14.09 11.03 9.84
N LYS D 215 13.01 10.47 10.39
CA LYS D 215 12.11 11.26 11.23
C LYS D 215 12.82 11.78 12.47
N ARG D 216 13.61 10.94 13.15
CA ARG D 216 14.25 11.39 14.39
C ARG D 216 15.26 12.47 14.12
N GLY D 217 15.97 12.38 12.99
CA GLY D 217 17.03 13.31 12.66
C GLY D 217 16.53 14.67 12.17
N THR D 218 15.48 14.65 11.35
CA THR D 218 15.02 15.84 10.64
C THR D 218 13.57 16.21 10.93
N ASP D 219 12.74 15.26 11.36
CA ASP D 219 11.29 15.45 11.51
C ASP D 219 10.65 15.97 10.22
N HIS D 220 11.26 15.64 9.07
CA HIS D 220 10.71 16.01 7.77
C HIS D 220 9.50 15.18 7.42
N LEU D 221 8.46 15.84 6.91
CA LEU D 221 7.43 15.11 6.18
C LEU D 221 8.07 14.38 5.01
N LEU D 222 7.70 13.11 4.84
CA LEU D 222 8.18 12.35 3.69
C LEU D 222 7.13 12.22 2.59
N SER D 223 5.85 12.14 2.96
CA SER D 223 4.78 12.01 1.97
C SER D 223 4.89 13.11 0.91
N GLY D 224 4.76 12.70 -0.35
CA GLY D 224 4.71 13.64 -1.46
C GLY D 224 6.04 14.14 -1.96
N LYS D 225 7.15 13.79 -1.29
CA LYS D 225 8.48 14.23 -1.67
C LYS D 225 9.16 13.14 -2.51
N GLN D 226 10.26 13.52 -3.17
CA GLN D 226 10.93 12.65 -4.12
C GLN D 226 12.16 12.01 -3.47
N ALA D 227 12.26 10.69 -3.55
CA ALA D 227 13.42 9.99 -3.03
C ALA D 227 14.12 9.22 -4.15
N LEU D 228 15.43 9.08 -4.03
CA LEU D 228 16.21 8.21 -4.88
C LEU D 228 16.93 7.20 -3.99
N VAL D 229 16.63 5.92 -4.17
CA VAL D 229 17.30 4.86 -3.43
C VAL D 229 18.31 4.23 -4.35
N ILE D 230 19.59 4.25 -3.94
CA ILE D 230 20.67 3.66 -4.73
C ILE D 230 20.81 2.22 -4.27
N GLY D 231 20.44 1.28 -5.14
CA GLY D 231 20.49 -0.14 -4.80
C GLY D 231 19.12 -0.71 -4.51
N TYR D 232 18.95 -1.99 -4.85
CA TYR D 232 17.69 -2.70 -4.65
C TYR D 232 17.98 -4.17 -4.37
N GLY D 233 19.03 -4.42 -3.56
CA GLY D 233 19.23 -5.71 -2.92
C GLY D 233 18.30 -5.79 -1.73
N ASP D 234 18.68 -6.60 -0.72
CA ASP D 234 17.74 -6.75 0.40
C ASP D 234 17.57 -5.43 1.16
N VAL D 235 18.66 -4.71 1.40
CA VAL D 235 18.56 -3.43 2.10
C VAL D 235 17.84 -2.39 1.24
N GLY D 236 18.14 -2.36 -0.06
CA GLY D 236 17.46 -1.40 -0.93
C GLY D 236 15.98 -1.70 -1.08
N LYS D 237 15.61 -2.98 -1.11
CA LYS D 237 14.18 -3.34 -1.12
C LYS D 237 13.48 -2.84 0.13
N GLY D 238 14.04 -3.13 1.30
CA GLY D 238 13.42 -2.71 2.55
C GLY D 238 13.39 -1.20 2.67
N SER D 239 14.48 -0.54 2.26
CA SER D 239 14.56 0.92 2.33
C SER D 239 13.52 1.57 1.43
N SER D 240 13.40 1.09 0.19
CA SER D 240 12.43 1.66 -0.74
C SER D 240 11.01 1.52 -0.19
N GLN D 241 10.71 0.38 0.43
CA GLN D 241 9.41 0.21 1.05
C GLN D 241 9.23 1.17 2.22
N SER D 242 10.28 1.36 3.04
CA SER D 242 10.23 2.28 4.18
C SER D 242 9.77 3.66 3.74
N LEU D 243 10.24 4.11 2.57
CA LEU D 243 9.90 5.44 2.07
C LEU D 243 8.57 5.44 1.32
N ARG D 244 8.31 4.40 0.51
CA ARG D 244 7.08 4.35 -0.27
C ARG D 244 5.84 4.23 0.62
N GLN D 245 5.95 3.48 1.72
CA GLN D 245 4.79 3.32 2.61
C GLN D 245 4.46 4.61 3.33
N GLU D 246 5.41 5.53 3.43
CA GLU D 246 5.17 6.88 3.95
C GLU D 246 4.58 7.81 2.90
N GLY D 247 4.52 7.40 1.63
CA GLY D 247 4.00 8.27 0.58
C GLY D 247 5.07 8.99 -0.22
N MET D 248 6.34 8.62 -0.08
CA MET D 248 7.34 9.21 -0.95
C MET D 248 7.15 8.70 -2.38
N ILE D 249 7.51 9.54 -3.35
CA ILE D 249 7.65 9.09 -4.73
C ILE D 249 9.09 8.62 -4.85
N VAL D 250 9.28 7.30 -4.96
CA VAL D 250 10.59 6.66 -4.85
C VAL D 250 11.05 6.22 -6.24
N LYS D 251 12.25 6.65 -6.62
CA LYS D 251 12.98 6.14 -7.77
C LYS D 251 14.14 5.30 -7.28
N VAL D 252 14.47 4.27 -8.06
CA VAL D 252 15.47 3.27 -7.66
C VAL D 252 16.56 3.23 -8.71
N ALA D 253 17.82 3.18 -8.26
CA ALA D 253 18.95 2.96 -9.14
C ALA D 253 19.56 1.59 -8.86
N GLU D 254 20.06 0.93 -9.91
CA GLU D 254 20.65 -0.40 -9.74
C GLU D 254 21.64 -0.64 -10.85
N VAL D 255 22.67 -1.45 -10.54
CA VAL D 255 23.55 -1.99 -11.57
C VAL D 255 23.16 -3.41 -11.95
N ASP D 256 22.36 -4.10 -11.14
CA ASP D 256 21.97 -5.47 -11.39
C ASP D 256 20.62 -5.46 -12.09
N PRO D 257 20.55 -5.89 -13.36
CA PRO D 257 19.26 -5.81 -14.07
C PRO D 257 18.18 -6.68 -13.47
N ILE D 258 18.53 -7.78 -12.78
CA ILE D 258 17.50 -8.59 -12.14
C ILE D 258 16.88 -7.84 -10.97
N CYS D 259 17.71 -7.23 -10.12
CA CYS D 259 17.16 -6.39 -9.06
C CYS D 259 16.38 -5.20 -9.62
N ALA D 260 16.87 -4.62 -10.72
CA ALA D 260 16.12 -3.53 -11.34
C ALA D 260 14.75 -4.00 -11.84
N MET D 261 14.69 -5.21 -12.40
N MET D 261 14.69 -5.20 -12.43
CA MET D 261 13.40 -5.77 -12.83
CA MET D 261 13.40 -5.77 -12.83
C MET D 261 12.43 -5.87 -11.66
C MET D 261 12.44 -5.86 -11.67
N GLN D 262 12.92 -6.32 -10.51
CA GLN D 262 12.07 -6.40 -9.31
C GLN D 262 11.55 -5.03 -8.92
N ALA D 263 12.43 -4.01 -8.96
CA ALA D 263 12.01 -2.65 -8.64
C ALA D 263 10.85 -2.20 -9.54
N CYS D 264 10.96 -2.45 -10.86
CA CYS D 264 9.91 -2.07 -11.78
C CYS D 264 8.59 -2.75 -11.40
N MET D 265 8.65 -4.08 -11.23
CA MET D 265 7.45 -4.85 -10.92
C MET D 265 6.85 -4.46 -9.58
N ASP D 266 7.68 -3.99 -8.65
CA ASP D 266 7.24 -3.53 -7.34
C ASP D 266 6.70 -2.10 -7.39
N GLY D 267 6.73 -1.46 -8.55
CA GLY D 267 6.03 -0.21 -8.75
C GLY D 267 6.89 1.03 -8.66
N PHE D 268 8.21 0.88 -8.84
CA PHE D 268 9.16 1.98 -8.80
C PHE D 268 9.67 2.29 -10.20
N GLU D 269 9.95 3.56 -10.44
CA GLU D 269 10.65 3.98 -11.65
C GLU D 269 12.16 3.76 -11.46
N VAL D 270 12.82 3.10 -12.42
CA VAL D 270 14.25 2.81 -12.32
C VAL D 270 15.03 3.83 -13.15
N VAL D 271 15.94 4.56 -12.49
CA VAL D 271 16.66 5.67 -13.11
C VAL D 271 18.13 5.56 -12.73
N SER D 272 18.96 6.28 -13.48
CA SER D 272 20.38 6.38 -13.15
C SER D 272 20.77 7.81 -12.84
N PRO D 273 21.66 8.04 -11.87
CA PRO D 273 22.22 9.39 -11.68
C PRO D 273 22.96 9.90 -12.89
N TYR D 274 23.35 9.01 -13.81
CA TYR D 274 24.19 9.35 -14.94
C TYR D 274 23.40 9.17 -16.23
N LYS D 275 23.66 10.04 -17.20
CA LYS D 275 23.02 9.94 -18.50
C LYS D 275 23.33 8.60 -19.15
N ASN D 276 22.28 7.89 -19.56
CA ASN D 276 22.38 6.54 -20.12
C ASN D 276 23.08 5.56 -19.18
N GLY D 277 23.15 5.88 -17.89
CA GLY D 277 23.78 5.00 -16.93
C GLY D 277 25.29 4.98 -16.97
N ILE D 278 25.93 5.88 -17.72
CA ILE D 278 27.39 5.85 -17.92
C ILE D 278 28.04 6.95 -17.09
N ASN D 279 28.82 6.52 -16.10
CA ASN D 279 29.54 7.35 -15.14
C ASN D 279 30.94 7.59 -15.70
N ASP D 280 31.15 8.73 -16.36
CA ASP D 280 32.45 9.06 -16.95
C ASP D 280 33.27 9.99 -16.08
N GLY D 281 32.89 10.17 -14.82
CA GLY D 281 33.64 10.99 -13.89
C GLY D 281 33.49 12.49 -14.05
N THR D 282 32.83 12.98 -15.11
CA THR D 282 32.70 14.41 -15.33
C THR D 282 31.29 14.87 -14.95
N GLU D 283 31.15 16.19 -14.76
CA GLU D 283 29.83 16.75 -14.45
C GLU D 283 28.88 16.60 -15.62
N ALA D 284 29.40 16.54 -16.84
CA ALA D 284 28.56 16.41 -18.03
C ALA D 284 27.75 15.12 -18.01
N SER D 285 28.23 14.08 -17.33
CA SER D 285 27.49 12.83 -17.33
C SER D 285 26.37 12.78 -16.30
N ILE D 286 26.25 13.76 -15.41
CA ILE D 286 25.22 13.76 -14.38
C ILE D 286 23.88 14.15 -15.00
N ASP D 287 22.82 13.42 -14.67
CA ASP D 287 21.46 13.83 -15.02
C ASP D 287 21.06 14.91 -14.03
N ALA D 288 21.40 16.16 -14.37
CA ALA D 288 21.18 17.26 -13.44
C ALA D 288 19.70 17.55 -13.25
N ALA D 289 18.90 17.37 -14.30
CA ALA D 289 17.46 17.56 -14.17
C ALA D 289 16.87 16.60 -13.15
N LEU D 290 17.25 15.32 -13.24
CA LEU D 290 16.78 14.33 -12.27
C LEU D 290 17.24 14.66 -10.86
N LEU D 291 18.54 14.86 -10.66
CA LEU D 291 19.05 15.06 -9.30
C LEU D 291 18.53 16.37 -8.70
N GLY D 292 18.24 17.35 -9.55
CA GLY D 292 17.69 18.62 -9.07
C GLY D 292 16.29 18.54 -8.52
N LYS D 293 15.62 17.39 -8.67
CA LYS D 293 14.26 17.21 -8.16
C LYS D 293 14.21 16.26 -6.97
N ILE D 294 15.35 15.82 -6.46
CA ILE D 294 15.40 14.76 -5.46
C ILE D 294 15.52 15.39 -4.08
N ASP D 295 14.59 15.02 -3.18
CA ASP D 295 14.58 15.56 -1.81
C ASP D 295 15.34 14.69 -0.83
N LEU D 296 15.60 13.43 -1.17
CA LEU D 296 16.23 12.48 -0.25
C LEU D 296 16.97 11.44 -1.07
N ILE D 297 18.24 11.19 -0.74
CA ILE D 297 18.98 10.11 -1.38
C ILE D 297 19.48 9.17 -0.30
N VAL D 298 19.30 7.87 -0.52
CA VAL D 298 19.69 6.83 0.42
C VAL D 298 20.52 5.80 -0.33
N THR D 299 21.73 5.54 0.16
CA THR D 299 22.61 4.54 -0.45
C THR D 299 22.50 3.23 0.33
N THR D 300 22.39 2.10 -0.41
CA THR D 300 22.13 0.81 0.20
C THR D 300 23.02 -0.30 -0.36
N THR D 301 24.19 0.02 -0.89
CA THR D 301 24.82 -0.88 -1.85
C THR D 301 25.90 -1.80 -1.29
N GLY D 302 26.62 -1.39 -0.24
CA GLY D 302 27.86 -2.10 0.07
C GLY D 302 29.00 -1.79 -0.89
N ASN D 303 28.82 -0.83 -1.79
CA ASN D 303 29.81 -0.45 -2.80
C ASN D 303 30.41 0.91 -2.43
N VAL D 304 31.31 1.41 -3.28
CA VAL D 304 32.06 2.63 -2.98
C VAL D 304 31.62 3.74 -3.92
N ASN D 305 31.41 4.93 -3.34
CA ASN D 305 31.21 6.16 -4.11
C ASN D 305 30.02 6.09 -5.06
N VAL D 306 28.88 5.62 -4.55
CA VAL D 306 27.66 5.53 -5.34
C VAL D 306 26.79 6.77 -5.18
N CYS D 307 27.13 7.65 -4.25
CA CYS D 307 26.61 9.03 -4.20
C CYS D 307 27.87 9.89 -4.22
N ASP D 308 28.31 10.23 -5.42
CA ASP D 308 29.64 10.80 -5.58
C ASP D 308 29.60 12.34 -5.54
N ALA D 309 30.77 12.94 -5.71
CA ALA D 309 30.91 14.39 -5.58
C ALA D 309 30.05 15.14 -6.59
N ASN D 310 30.01 14.67 -7.83
CA ASN D 310 29.25 15.35 -8.86
C ASN D 310 27.75 15.20 -8.63
N MET D 311 27.32 14.07 -8.07
CA MET D 311 25.93 13.94 -7.66
C MET D 311 25.61 14.90 -6.52
N LEU D 312 26.52 15.03 -5.56
CA LEU D 312 26.28 15.90 -4.42
C LEU D 312 26.18 17.35 -4.86
N LYS D 313 26.94 17.73 -5.89
CA LYS D 313 26.88 19.10 -6.41
C LYS D 313 25.55 19.38 -7.09
N ALA D 314 24.93 18.35 -7.66
CA ALA D 314 23.73 18.51 -8.46
C ALA D 314 22.44 18.34 -7.67
N LEU D 315 22.49 17.81 -6.45
CA LEU D 315 21.26 17.57 -5.70
C LEU D 315 20.50 18.86 -5.48
N LYS D 316 19.18 18.71 -5.44
CA LYS D 316 18.28 19.81 -5.06
C LYS D 316 18.71 20.44 -3.73
N LYS D 317 18.64 21.77 -3.66
CA LYS D 317 18.93 22.44 -2.39
C LYS D 317 18.10 21.85 -1.26
N ARG D 318 18.74 21.66 -0.11
CA ARG D 318 18.15 21.16 1.14
C ARG D 318 17.77 19.69 1.09
N ALA D 319 18.21 18.94 0.08
CA ALA D 319 18.04 17.49 0.08
C ALA D 319 18.72 16.85 1.29
N VAL D 320 18.13 15.77 1.79
CA VAL D 320 18.74 14.94 2.83
C VAL D 320 19.55 13.84 2.17
N VAL D 321 20.74 13.56 2.70
CA VAL D 321 21.65 12.53 2.21
C VAL D 321 21.95 11.57 3.35
N CYS D 322 21.82 10.27 3.09
CA CYS D 322 22.15 9.31 4.14
C CYS D 322 22.52 7.98 3.53
N ASN D 323 23.14 7.15 4.36
CA ASN D 323 23.64 5.86 3.94
C ASN D 323 23.18 4.81 4.95
N ILE D 324 22.66 3.69 4.45
CA ILE D 324 22.25 2.58 5.30
C ILE D 324 23.02 1.31 4.95
N GLY D 325 24.01 1.41 4.06
CA GLY D 325 24.98 0.33 3.91
C GLY D 325 25.98 0.36 5.07
N HIS D 326 26.84 -0.67 5.12
CA HIS D 326 27.66 -0.86 6.31
C HIS D 326 28.69 0.27 6.52
N PHE D 327 29.31 0.77 5.45
CA PHE D 327 30.41 1.72 5.59
C PHE D 327 30.05 3.06 4.97
N ASP D 328 30.65 4.14 5.49
CA ASP D 328 30.32 5.50 5.05
C ASP D 328 30.89 5.87 3.69
N ASN D 329 31.82 5.08 3.12
CA ASN D 329 32.39 5.48 1.84
C ASN D 329 31.39 5.34 0.67
N GLU D 330 30.15 4.90 0.91
CA GLU D 330 29.15 4.91 -0.15
C GLU D 330 28.88 6.33 -0.65
N ILE D 331 29.02 7.31 0.25
CA ILE D 331 28.87 8.73 -0.05
C ILE D 331 30.25 9.36 0.03
N ASP D 332 30.57 10.24 -0.93
CA ASP D 332 31.86 10.94 -0.89
C ASP D 332 31.81 12.06 0.15
N THR D 333 31.84 11.66 1.43
CA THR D 333 31.90 12.66 2.49
C THR D 333 33.27 13.35 2.53
N ALA D 334 34.32 12.67 2.09
CA ALA D 334 35.63 13.30 2.04
C ALA D 334 35.60 14.55 1.17
N PHE D 335 34.96 14.48 0.01
CA PHE D 335 34.82 15.66 -0.83
C PHE D 335 34.11 16.78 -0.07
N MET D 336 33.04 16.45 0.67
CA MET D 336 32.31 17.47 1.39
C MET D 336 33.13 18.06 2.52
N ARG D 337 33.93 17.25 3.22
CA ARG D 337 34.81 17.79 4.25
C ARG D 337 35.85 18.74 3.65
N LYS D 338 36.32 18.44 2.45
CA LYS D 338 37.36 19.27 1.86
C LYS D 338 36.82 20.60 1.34
N ASN D 339 35.60 20.63 0.82
CA ASN D 339 35.14 21.77 0.03
C ASN D 339 34.02 22.58 0.66
N TRP D 340 33.25 22.01 1.57
CA TRP D 340 32.04 22.64 2.05
C TRP D 340 32.06 22.78 3.57
N ALA D 341 31.28 23.74 4.09
CA ALA D 341 31.26 24.06 5.50
C ALA D 341 30.17 23.29 6.22
N TRP D 342 30.50 22.70 7.38
CA TRP D 342 29.62 21.83 8.12
C TRP D 342 29.06 22.58 9.33
N GLU D 343 27.74 22.67 9.41
CA GLU D 343 27.04 23.25 10.54
C GLU D 343 26.30 22.12 11.25
N GLU D 344 26.69 21.83 12.50
CA GLU D 344 25.97 20.83 13.25
C GLU D 344 24.61 21.38 13.68
N VAL D 345 23.55 20.66 13.34
CA VAL D 345 22.21 20.98 13.84
C VAL D 345 22.03 20.43 15.24
N LYS D 346 22.34 19.15 15.38
CA LYS D 346 22.34 18.40 16.63
C LYS D 346 23.18 17.15 16.38
N PRO D 347 23.47 16.35 17.40
CA PRO D 347 24.32 15.18 17.15
C PRO D 347 23.79 14.32 16.01
N GLN D 348 24.71 13.94 15.11
CA GLN D 348 24.45 13.11 13.93
C GLN D 348 23.53 13.78 12.91
N VAL D 349 23.44 15.12 12.94
CA VAL D 349 22.69 15.86 11.92
C VAL D 349 23.49 17.11 11.55
N HIS D 350 24.00 17.17 10.32
CA HIS D 350 24.81 18.29 9.87
C HIS D 350 24.22 18.91 8.61
N LYS D 351 24.16 20.24 8.58
CA LYS D 351 23.92 20.97 7.34
C LYS D 351 25.27 21.19 6.66
N ILE D 352 25.36 20.88 5.37
CA ILE D 352 26.59 21.01 4.61
C ILE D 352 26.38 22.14 3.62
N HIS D 353 27.07 23.27 3.83
CA HIS D 353 26.82 24.48 3.06
C HIS D 353 27.69 24.48 1.81
N ARG D 354 27.05 24.40 0.64
CA ARG D 354 27.76 24.29 -0.62
C ARG D 354 28.29 25.62 -1.13
N THR D 355 28.18 26.67 -0.33
CA THR D 355 28.70 27.98 -0.70
C THR D 355 30.20 28.12 -0.47
N GLY D 356 30.84 27.14 0.13
CA GLY D 356 32.27 27.25 0.32
C GLY D 356 32.76 26.67 1.63
N LYS D 357 34.08 26.68 1.80
CA LYS D 357 34.75 25.96 2.88
C LYS D 357 34.86 26.77 4.16
N ASP D 358 35.18 28.06 4.06
CA ASP D 358 35.48 28.88 5.23
C ASP D 358 34.22 29.60 5.68
N GLY D 359 33.51 28.99 6.63
CA GLY D 359 32.35 29.60 7.23
C GLY D 359 31.12 29.52 6.34
N PHE D 360 29.99 29.91 6.91
CA PHE D 360 28.71 29.83 6.21
C PHE D 360 27.82 30.95 6.73
N ASP D 361 26.83 31.32 5.92
CA ASP D 361 25.75 32.18 6.37
C ASP D 361 24.70 31.32 7.08
N ALA D 362 24.35 31.70 8.30
CA ALA D 362 23.36 30.94 9.06
C ALA D 362 22.01 30.84 8.35
N HIS D 363 21.73 31.77 7.43
CA HIS D 363 20.48 31.76 6.66
C HIS D 363 20.69 31.35 5.20
N ASN D 364 21.86 30.83 4.87
CA ASN D 364 22.10 30.27 3.54
C ASN D 364 21.05 29.20 3.20
N ASP D 365 20.57 29.23 1.96
CA ASP D 365 19.58 28.24 1.53
C ASP D 365 20.21 27.08 0.75
N ASP D 366 21.49 27.17 0.41
CA ASP D 366 22.14 26.16 -0.42
C ASP D 366 22.96 25.23 0.48
N TYR D 367 22.25 24.30 1.11
CA TYR D 367 22.88 23.28 1.94
C TYR D 367 22.20 21.95 1.68
N LEU D 368 22.90 20.88 2.06
CA LEU D 368 22.34 19.55 2.17
C LEU D 368 22.31 19.17 3.65
N ILE D 369 21.41 18.26 4.02
CA ILE D 369 21.42 17.71 5.38
C ILE D 369 21.99 16.31 5.32
N LEU D 370 23.11 16.09 6.00
CA LEU D 370 23.75 14.78 6.09
C LEU D 370 23.43 14.15 7.44
N LEU D 371 22.99 12.89 7.43
CA LEU D 371 22.67 12.19 8.68
C LEU D 371 23.81 11.25 9.08
N ALA D 372 24.14 11.26 10.37
CA ALA D 372 25.11 10.33 10.97
C ALA D 372 26.49 10.41 10.30
N GLU D 373 26.81 11.56 9.68
CA GLU D 373 28.07 11.74 8.95
C GLU D 373 28.30 10.65 7.91
N GLY D 374 27.22 10.16 7.29
CA GLY D 374 27.33 9.12 6.28
C GLY D 374 27.43 7.70 6.81
N ARG D 375 27.47 7.51 8.12
CA ARG D 375 27.49 6.19 8.74
C ARG D 375 26.06 5.62 8.78
N LEU D 376 25.97 4.29 9.00
CA LEU D 376 24.68 3.58 8.99
C LEU D 376 23.60 4.38 9.68
N VAL D 377 22.60 4.83 8.91
CA VAL D 377 21.71 5.89 9.41
C VAL D 377 20.70 5.32 10.38
N ASN D 378 20.23 4.09 10.17
CA ASN D 378 19.21 3.56 11.07
C ASN D 378 19.74 3.39 12.49
N LEU D 379 21.01 2.99 12.63
CA LEU D 379 21.62 2.85 13.94
C LEU D 379 22.17 4.18 14.45
N GLY D 380 22.56 5.07 13.55
CA GLY D 380 23.18 6.32 13.95
C GLY D 380 22.18 7.35 14.43
N ASN D 381 21.03 7.45 13.75
CA ASN D 381 20.02 8.43 14.12
C ASN D 381 18.79 7.83 14.79
N ALA D 382 18.70 6.51 14.89
CA ALA D 382 17.62 5.88 15.65
C ALA D 382 18.21 4.71 16.44
N THR D 383 17.56 3.54 16.47
CA THR D 383 18.08 2.41 17.26
C THR D 383 18.24 1.15 16.43
N GLY D 384 18.42 1.28 15.12
CA GLY D 384 18.52 0.14 14.24
C GLY D 384 17.25 -0.70 14.23
N HIS D 385 17.42 -1.98 13.92
CA HIS D 385 16.26 -2.86 13.77
C HIS D 385 15.61 -3.13 15.13
N PRO D 386 14.32 -3.45 15.15
CA PRO D 386 13.65 -3.78 16.42
C PRO D 386 13.96 -5.20 16.90
N SER D 387 13.75 -5.40 18.20
CA SER D 387 14.07 -6.68 18.83
C SER D 387 13.44 -7.87 18.08
N ARG D 388 12.16 -7.77 17.71
CA ARG D 388 11.51 -8.95 17.15
C ARG D 388 12.05 -9.30 15.76
N ILE D 389 12.71 -8.36 15.07
CA ILE D 389 13.44 -8.70 13.85
C ILE D 389 14.82 -9.27 14.19
N MET D 390 15.57 -8.61 15.08
CA MET D 390 16.92 -9.08 15.40
C MET D 390 16.90 -10.45 16.07
N ASP D 391 15.75 -10.84 16.62
CA ASP D 391 15.55 -12.19 17.13
C ASP D 391 16.01 -13.25 16.14
N GLY D 392 15.63 -13.10 14.87
CA GLY D 392 16.03 -14.08 13.87
C GLY D 392 17.54 -14.10 13.63
N SER D 393 18.12 -12.93 13.40
CA SER D 393 19.56 -12.84 13.17
C SER D 393 20.34 -13.43 14.33
N PHE D 394 19.94 -13.11 15.55
CA PHE D 394 20.78 -13.46 16.68
C PHE D 394 20.58 -14.88 17.14
N ALA D 395 19.38 -15.46 16.90
CA ALA D 395 19.25 -16.91 17.05
C ALA D 395 20.20 -17.65 16.11
N ASN D 396 20.30 -17.18 14.85
CA ASN D 396 21.27 -17.77 13.95
C ASN D 396 22.70 -17.62 14.46
N GLN D 397 23.04 -16.44 15.03
CA GLN D 397 24.37 -16.26 15.58
C GLN D 397 24.68 -17.30 16.65
N VAL D 398 23.74 -17.55 17.56
CA VAL D 398 23.96 -18.51 18.63
C VAL D 398 24.17 -19.91 18.05
N LEU D 399 23.32 -20.31 17.11
CA LEU D 399 23.49 -21.62 16.50
C LEU D 399 24.82 -21.74 15.78
N ALA D 400 25.26 -20.66 15.14
CA ALA D 400 26.53 -20.67 14.42
C ALA D 400 27.70 -20.79 15.38
N GLN D 401 27.67 -20.04 16.48
CA GLN D 401 28.72 -20.14 17.48
C GLN D 401 28.77 -21.56 18.05
N ILE D 402 27.62 -22.15 18.34
CA ILE D 402 27.62 -23.51 18.86
C ILE D 402 28.24 -24.46 17.85
N HIS D 403 27.88 -24.33 16.58
CA HIS D 403 28.36 -25.31 15.60
C HIS D 403 29.88 -25.23 15.44
N LEU D 404 30.43 -24.02 15.29
CA LEU D 404 31.86 -23.92 15.03
C LEU D 404 32.69 -24.23 16.28
N PHE D 405 32.20 -23.81 17.44
CA PHE D 405 32.94 -24.13 18.67
C PHE D 405 32.99 -25.64 18.90
N GLU D 406 31.89 -26.33 18.61
CA GLU D 406 31.88 -27.78 18.80
C GLU D 406 32.75 -28.48 17.76
N GLN D 407 32.90 -27.90 16.56
CA GLN D 407 33.75 -28.52 15.55
C GLN D 407 35.22 -28.49 15.93
N LYS D 408 35.65 -27.50 16.72
CA LYS D 408 37.01 -27.44 17.27
C LYS D 408 38.10 -27.44 16.20
N TYR D 409 37.93 -26.59 15.18
CA TYR D 409 38.87 -26.53 14.06
C TYR D 409 40.32 -26.37 14.52
N ALA D 410 40.56 -25.56 15.55
CA ALA D 410 41.93 -25.27 15.93
C ALA D 410 42.64 -26.49 16.47
N ASP D 411 41.89 -27.51 16.86
CA ASP D 411 42.44 -28.74 17.41
C ASP D 411 42.69 -29.82 16.36
N LEU D 412 42.17 -29.66 15.13
CA LEU D 412 42.19 -30.73 14.15
C LEU D 412 43.56 -30.82 13.47
N PRO D 413 43.97 -32.00 13.02
CA PRO D 413 45.21 -32.11 12.26
C PRO D 413 45.05 -31.44 10.90
N ALA D 414 46.20 -31.08 10.31
CA ALA D 414 46.22 -30.15 9.19
C ALA D 414 45.33 -30.60 8.04
N ALA D 415 45.33 -31.89 7.71
CA ALA D 415 44.53 -32.34 6.58
C ALA D 415 43.03 -32.23 6.87
N GLU D 416 42.62 -32.42 8.13
CA GLU D 416 41.22 -32.24 8.47
C GLU D 416 40.86 -30.76 8.49
N LYS D 417 41.78 -29.91 8.93
CA LYS D 417 41.55 -28.47 8.79
C LYS D 417 41.28 -28.10 7.34
N ALA D 418 42.08 -28.64 6.42
CA ALA D 418 41.94 -28.27 5.02
C ALA D 418 40.56 -28.62 4.49
N LYS D 419 39.98 -29.73 4.97
CA LYS D 419 38.64 -30.10 4.52
C LYS D 419 37.58 -29.11 5.03
N ARG D 420 37.87 -28.42 6.13
CA ARG D 420 36.86 -27.62 6.81
C ARG D 420 37.12 -26.12 6.73
N LEU D 421 38.19 -25.69 6.06
CA LEU D 421 38.46 -24.26 5.91
C LEU D 421 37.56 -23.72 4.81
N SER D 422 36.39 -23.20 5.21
CA SER D 422 35.38 -22.78 4.25
C SER D 422 34.51 -21.71 4.89
N VAL D 423 33.70 -21.07 4.06
CA VAL D 423 32.62 -20.19 4.51
C VAL D 423 31.32 -20.93 4.19
N GLU D 424 30.56 -21.31 5.22
CA GLU D 424 29.33 -22.09 5.07
C GLU D 424 28.15 -21.35 5.68
N VAL D 425 26.95 -21.80 5.33
CA VAL D 425 25.73 -21.34 5.97
C VAL D 425 25.20 -22.45 6.88
N LEU D 426 24.23 -22.08 7.73
CA LEU D 426 23.56 -23.06 8.57
C LEU D 426 22.59 -23.90 7.74
N PRO D 427 22.33 -25.13 8.17
CA PRO D 427 21.39 -26.00 7.45
C PRO D 427 19.98 -25.45 7.45
N LYS D 428 19.24 -25.76 6.38
CA LYS D 428 17.88 -25.24 6.26
C LYS D 428 17.00 -25.69 7.43
N LYS D 429 17.20 -26.90 7.95
CA LYS D 429 16.37 -27.33 9.07
C LYS D 429 16.43 -26.33 10.22
N LEU D 430 17.61 -25.78 10.50
CA LEU D 430 17.74 -24.84 11.61
C LEU D 430 17.11 -23.49 11.28
N ASP D 431 17.28 -23.05 10.03
CA ASP D 431 16.61 -21.85 9.52
C ASP D 431 15.11 -21.94 9.74
N GLU D 432 14.54 -23.12 9.44
CA GLU D 432 13.10 -23.33 9.63
C GLU D 432 12.71 -23.29 11.10
N GLU D 433 13.52 -23.90 11.96
CA GLU D 433 13.19 -23.93 13.38
C GLU D 433 13.24 -22.54 13.99
N VAL D 434 14.20 -21.70 13.56
CA VAL D 434 14.20 -20.29 13.98
C VAL D 434 12.92 -19.61 13.50
N ALA D 435 12.58 -19.81 12.23
CA ALA D 435 11.40 -19.14 11.68
C ALA D 435 10.13 -19.57 12.41
N LEU D 436 10.06 -20.86 12.79
CA LEU D 436 8.86 -21.33 13.46
C LEU D 436 8.66 -20.62 14.79
N GLU D 437 9.73 -20.40 15.55
CA GLU D 437 9.60 -19.68 16.81
C GLU D 437 9.20 -18.22 16.57
N MET D 438 9.70 -17.61 15.49
CA MET D 438 9.30 -16.23 15.16
C MET D 438 7.80 -16.17 14.85
N VAL D 439 7.31 -17.10 14.03
CA VAL D 439 5.89 -17.14 13.66
C VAL D 439 5.01 -17.26 14.88
N LYS D 440 5.36 -18.19 15.78
CA LYS D 440 4.61 -18.34 17.03
C LYS D 440 4.67 -17.07 17.88
N GLY D 441 5.74 -16.29 17.77
CA GLY D 441 5.80 -15.00 18.46
C GLY D 441 4.73 -14.03 18.01
N PHE D 442 4.30 -14.11 16.75
CA PHE D 442 3.16 -13.33 16.27
C PHE D 442 1.82 -13.99 16.57
N GLY D 443 1.81 -15.18 17.17
CA GLY D 443 0.56 -15.90 17.30
C GLY D 443 0.15 -16.64 16.06
N GLY D 444 1.04 -16.76 15.06
CA GLY D 444 0.69 -17.48 13.86
C GLY D 444 0.65 -18.97 14.10
N VAL D 445 -0.17 -19.66 13.32
CA VAL D 445 -0.35 -21.11 13.46
C VAL D 445 0.07 -21.76 12.16
N VAL D 446 1.16 -22.54 12.20
CA VAL D 446 1.62 -23.28 11.04
C VAL D 446 0.84 -24.58 10.93
N THR D 447 0.42 -24.92 9.71
CA THR D 447 -0.31 -26.15 9.47
C THR D 447 0.68 -27.30 9.35
N GLN D 448 0.28 -28.47 9.84
CA GLN D 448 1.09 -29.68 9.74
C GLN D 448 0.61 -30.52 8.55
N LEU D 449 1.55 -30.92 7.70
CA LEU D 449 1.22 -31.80 6.58
C LEU D 449 0.66 -33.13 7.07
N THR D 450 -0.32 -33.68 6.33
CA THR D 450 -0.69 -35.08 6.54
C THR D 450 0.39 -35.97 5.94
N PRO D 451 0.51 -37.21 6.41
CA PRO D 451 1.45 -38.14 5.77
C PRO D 451 1.26 -38.23 4.27
N LYS D 452 0.01 -38.25 3.78
CA LYS D 452 -0.20 -38.34 2.33
C LYS D 452 0.28 -37.07 1.63
N GLN D 453 0.06 -35.91 2.24
CA GLN D 453 0.52 -34.66 1.61
C GLN D 453 2.03 -34.57 1.60
N ALA D 454 2.68 -34.98 2.69
CA ALA D 454 4.15 -34.95 2.71
C ALA D 454 4.72 -35.88 1.65
N GLU D 455 4.13 -37.06 1.50
CA GLU D 455 4.56 -37.97 0.43
C GLU D 455 4.32 -37.36 -0.95
N TYR D 456 3.18 -36.67 -1.12
CA TYR D 456 2.82 -36.11 -2.42
C TYR D 456 3.84 -35.09 -2.92
N ILE D 457 4.33 -34.20 -2.04
CA ILE D 457 5.34 -33.23 -2.44
C ILE D 457 6.76 -33.67 -2.09
N GLY D 458 6.92 -34.85 -1.50
CA GLY D 458 8.25 -35.40 -1.26
C GLY D 458 9.06 -34.78 -0.14
N VAL D 459 8.43 -34.48 1.00
CA VAL D 459 9.14 -33.95 2.14
C VAL D 459 8.77 -34.74 3.39
N SER D 460 9.59 -34.62 4.42
CA SER D 460 9.22 -35.06 5.75
C SER D 460 8.17 -34.13 6.34
N VAL D 461 7.28 -34.68 7.17
CA VAL D 461 6.30 -33.85 7.87
C VAL D 461 7.02 -32.79 8.70
N GLU D 462 8.24 -33.09 9.14
CA GLU D 462 9.01 -32.18 9.98
C GLU D 462 9.86 -31.19 9.19
N GLY D 463 9.88 -31.30 7.86
CA GLY D 463 10.80 -30.50 7.06
C GLY D 463 12.17 -31.14 6.97
N PRO D 464 13.09 -30.54 6.20
CA PRO D 464 12.93 -29.27 5.47
C PRO D 464 11.90 -29.34 4.33
N PHE D 465 11.27 -28.21 4.07
CA PHE D 465 10.13 -28.16 3.16
C PHE D 465 10.53 -27.72 1.77
N LYS D 466 11.74 -27.23 1.58
CA LYS D 466 12.19 -26.66 0.31
C LYS D 466 13.55 -27.23 -0.04
N PRO D 467 13.83 -27.39 -1.33
CA PRO D 467 15.20 -27.72 -1.74
C PRO D 467 16.14 -26.58 -1.42
N ASP D 468 17.44 -26.91 -1.36
CA ASP D 468 18.41 -25.85 -1.05
C ASP D 468 18.45 -24.78 -2.13
N THR D 469 17.99 -25.09 -3.35
CA THR D 469 17.95 -24.10 -4.41
C THR D 469 16.90 -23.02 -4.19
N TYR D 470 16.01 -23.18 -3.22
CA TYR D 470 14.81 -22.34 -3.18
C TYR D 470 15.17 -20.93 -2.69
N ARG D 471 14.54 -19.91 -3.30
CA ARG D 471 14.92 -18.53 -3.06
C ARG D 471 13.94 -17.76 -2.19
N TYR D 472 12.77 -18.31 -1.88
CA TYR D 472 11.72 -17.62 -1.10
C TYR D 472 11.41 -16.25 -1.66
PA NAD E . 6.20 -22.86 -4.14
O1A NAD E . 7.02 -21.63 -4.18
O2A NAD E . 6.94 -24.14 -3.77
O5B NAD E . 4.95 -22.62 -3.18
C5B NAD E . 4.04 -23.66 -2.75
C4B NAD E . 3.85 -23.39 -1.29
O4B NAD E . 2.76 -24.17 -0.77
C3B NAD E . 5.08 -23.74 -0.41
O3B NAD E . 5.59 -22.59 0.23
C2B NAD E . 4.55 -24.81 0.56
O2B NAD E . 5.13 -24.70 1.85
C1B NAD E . 3.06 -24.47 0.57
N9A NAD E . 2.19 -25.57 0.99
C8A NAD E . 2.27 -26.88 0.62
N7A NAD E . 1.36 -27.65 1.15
C5A NAD E . 0.61 -26.77 1.93
C6A NAD E . -0.51 -26.97 2.76
N6A NAD E . -1.06 -28.16 2.98
N1A NAD E . -1.01 -25.89 3.40
C2A NAD E . -0.41 -24.70 3.23
N3A NAD E . 0.66 -24.40 2.48
C4A NAD E . 1.12 -25.49 1.85
O3 NAD E . 5.55 -23.08 -5.58
PN NAD E . 4.93 -21.95 -6.53
O1N NAD E . 5.98 -21.52 -7.47
O2N NAD E . 4.28 -20.96 -5.64
O5D NAD E . 3.83 -22.80 -7.32
C5D NAD E . 2.58 -23.20 -6.71
C4D NAD E . 1.71 -23.87 -7.73
O4D NAD E . 1.22 -22.90 -8.69
C3D NAD E . 2.40 -24.94 -8.57
O3D NAD E . 1.44 -25.94 -8.92
C2D NAD E . 2.83 -24.17 -9.81
O2D NAD E . 3.08 -25.06 -10.90
C1D NAD E . 1.61 -23.27 -9.99
N1N NAD E . 1.80 -22.04 -10.80
C2N NAD E . 0.69 -21.46 -11.28
C3N NAD E . 0.78 -20.28 -11.99
C7N NAD E . -0.45 -19.61 -12.57
O7N NAD E . -0.32 -18.82 -13.51
N7N NAD E . -1.63 -20.04 -12.18
C4N NAD E . 2.03 -19.67 -12.13
C5N NAD E . 3.15 -20.28 -11.60
C6N NAD E . 3.02 -21.49 -10.95
N9 ADE F . 0.93 -19.15 -17.50
C8 ADE F . 0.36 -18.11 -16.82
N7 ADE F . -0.14 -17.16 -17.58
C5 ADE F . 0.13 -17.61 -18.88
C6 ADE F . -0.15 -17.07 -20.14
N6 ADE F . -0.74 -15.89 -20.34
N1 ADE F . 0.24 -17.80 -21.23
C2 ADE F . 0.86 -18.96 -21.02
N3 ADE F . 1.17 -19.56 -19.89
C4 ADE F . 0.77 -18.84 -18.84
K K G . -2.95 -12.51 -20.81
P PO4 H . -22.17 -22.38 7.04
O1 PO4 H . -23.49 -22.30 7.77
O2 PO4 H . -22.28 -21.71 5.70
O3 PO4 H . -21.11 -21.73 7.90
O4 PO4 H . -21.78 -23.82 6.85
P PO4 I . 3.27 -10.35 -36.86
O1 PO4 I . 2.34 -10.14 -38.04
O2 PO4 I . 4.43 -11.22 -37.25
O3 PO4 I . 2.42 -10.99 -35.77
O4 PO4 I . 3.83 -9.01 -36.45
P PO4 J . 3.49 -20.57 -15.70
O1 PO4 J . 2.74 -19.50 -14.96
O2 PO4 J . 4.33 -21.41 -14.74
O3 PO4 J . 4.40 -19.83 -16.68
O4 PO4 J . 2.48 -21.41 -16.46
C02 UHR K . -16.04 -29.68 -29.43
C03 UHR K . -14.86 -28.98 -30.09
C04 UHR K . -14.36 -29.86 -31.21
C05 UHR K . -13.04 -29.35 -31.59
C06 UHR K . -13.09 -27.97 -32.08
C07 UHR K . -14.32 -27.14 -31.67
N01 UHR K . -15.79 -31.12 -29.38
O08 UHR K . -15.15 -27.63 -30.56
C02 UHR L . -13.78 -11.02 -34.58
C03 UHR L . -14.43 -10.61 -33.25
C04 UHR L . -15.07 -11.83 -32.60
C05 UHR L . -15.95 -11.36 -31.54
C06 UHR L . -15.22 -10.65 -30.48
C07 UHR L . -14.08 -9.73 -30.95
N01 UHR L . -13.66 -12.47 -34.68
O08 UHR L . -13.54 -9.92 -32.31
PA NAD M . -15.64 15.98 -8.60
O1A NAD M . -15.53 15.43 -7.23
O2A NAD M . -16.15 17.41 -8.69
O5B NAD M . -14.18 15.92 -9.29
C5B NAD M . -13.85 16.40 -10.60
C4B NAD M . -12.49 17.04 -10.46
O4B NAD M . -11.96 17.40 -11.75
C3B NAD M . -12.47 18.32 -9.61
O3B NAD M . -11.66 18.12 -8.46
C2B NAD M . -11.89 19.39 -10.56
O2B NAD M . -11.00 20.28 -9.89
C1B NAD M . -11.14 18.52 -11.56
N9A NAD M . -10.91 19.14 -12.84
C8A NAD M . -11.79 19.89 -13.57
N7A NAD M . -11.31 20.35 -14.70
C5A NAD M . -10.02 19.85 -14.72
C6A NAD M . -8.96 19.99 -15.65
N6A NAD M . -9.05 20.70 -16.77
N1A NAD M . -7.78 19.40 -15.35
C2A NAD M . -7.67 18.72 -14.20
N3A NAD M . -8.59 18.50 -13.27
C4A NAD M . -9.76 19.11 -13.58
O3 NAD M . -16.55 15.03 -9.48
PN NAD M . -16.60 13.43 -9.37
O1N NAD M . -15.21 12.94 -9.18
O2N NAD M . -17.64 13.05 -8.39
O5D NAD M . -17.12 13.03 -10.81
C5D NAD M . -16.32 13.27 -12.00
C4D NAD M . -17.10 12.78 -13.20
O4D NAD M . -17.24 11.35 -13.14
C3D NAD M . -18.51 13.33 -13.35
O3D NAD M . -18.81 13.38 -14.74
C2D NAD M . -19.36 12.23 -12.69
O2D NAD M . -20.70 12.28 -13.15
C1D NAD M . -18.60 10.99 -13.19
N1N NAD M . -18.79 9.75 -12.40
C2N NAD M . -18.49 8.59 -13.03
C3N NAD M . -18.60 7.39 -12.35
C7N NAD M . -18.27 6.09 -13.02
O7N NAD M . -18.66 5.03 -12.53
N7N NAD M . -17.66 6.13 -14.21
C4N NAD M . -18.99 7.41 -11.01
C5N NAD M . -19.29 8.62 -10.40
C6N NAD M . -19.19 9.78 -11.12
N9 ADE N . -22.58 3.42 -12.16
C8 ADE N . -21.34 2.86 -11.96
N7 ADE N . -21.36 1.54 -11.92
C5 ADE N . -22.70 1.22 -12.10
C6 ADE N . -23.39 0.00 -12.17
N6 ADE N . -22.79 -1.19 -12.04
N1 ADE N . -24.72 0.03 -12.36
C2 ADE N . -25.33 1.23 -12.49
N3 ADE N . -24.78 2.44 -12.45
C4 ADE N . -23.46 2.38 -12.24
K K O . -20.92 -4.77 -11.87
P PO4 P . -35.57 -12.97 -7.40
O1 PO4 P . -36.74 -12.10 -6.98
O2 PO4 P . -34.85 -13.47 -6.17
O3 PO4 P . -34.65 -12.19 -8.31
O4 PO4 P . -36.03 -14.17 -8.20
P PO4 Q . 5.58 10.15 -29.88
O1 PO4 Q . 4.71 11.23 -30.48
O2 PO4 Q . 4.75 8.94 -29.59
O3 PO4 Q . 6.17 10.66 -28.59
O4 PO4 Q . 6.68 9.79 -30.85
P PO4 R . -22.82 6.56 -10.93
O1 PO4 R . -23.32 6.38 -12.33
O2 PO4 R . -21.46 5.93 -10.79
O3 PO4 R . -23.66 5.76 -9.95
O4 PO4 R . -22.76 8.03 -10.52
C02 UHR S . -25.84 19.45 15.07
C03 UHR S . -25.60 17.96 14.75
C04 UHR S . -26.89 17.18 14.96
C05 UHR S . -27.10 16.88 16.38
C06 UHR S . -25.98 16.15 16.97
C07 UHR S . -24.73 16.12 16.10
N01 UHR S . -24.59 20.19 15.04
O08 UHR S . -24.44 17.39 15.42
PA NAD T . -13.76 13.36 14.39
O1A NAD T . -13.56 13.55 12.95
O2A NAD T . -15.14 13.88 14.88
O5B NAD T . -13.58 11.80 14.75
C5B NAD T . -13.80 11.21 16.04
C4B NAD T . -14.50 9.91 15.76
O4B NAD T . -14.64 9.15 16.97
C3B NAD T . -15.91 10.06 15.16
O3B NAD T . -16.00 9.51 13.85
C2B NAD T . -16.81 9.33 16.18
O2B NAD T . -17.87 8.59 15.56
C1B NAD T . -15.82 8.38 16.83
N9A NAD T . -16.21 7.89 18.15
C8A NAD T . -16.75 8.62 19.18
N7A NAD T . -16.99 7.92 20.26
C5A NAD T . -16.59 6.63 19.92
C6A NAD T . -16.60 5.42 20.63
N6A NAD T . -17.11 5.29 21.86
N1A NAD T . -16.10 4.32 20.01
C2A NAD T . -15.63 4.45 18.76
N3A NAD T . -15.59 5.54 17.98
C4A NAD T . -16.09 6.60 18.62
O3 NAD T . -12.62 14.11 15.21
PN NAD T . -11.07 14.23 14.82
O1N NAD T . -10.68 12.92 14.26
O2N NAD T . -10.88 15.44 13.99
O5D NAD T . -10.42 14.47 16.24
C5D NAD T . -10.37 13.42 17.23
C4D NAD T . -9.66 13.94 18.46
O4D NAD T . -8.25 14.10 18.18
C3D NAD T . -10.12 15.29 19.00
O3D NAD T . -9.96 15.29 20.41
C2D NAD T . -9.15 16.26 18.33
O2D NAD T . -9.09 17.53 18.99
C1D NAD T . -7.87 15.43 18.42
N1N NAD T . -6.81 15.79 17.45
C2N NAD T . -5.56 15.38 17.76
C3N NAD T . -4.51 15.61 16.90
C7N NAD T . -3.11 15.16 17.22
O7N NAD T . -2.16 15.65 16.61
N7N NAD T . -2.93 14.35 18.26
C4N NAD T . -4.77 16.25 15.69
C5N NAD T . -6.07 16.67 15.39
C6N NAD T . -7.07 16.44 16.31
N9 ADE U . -0.53 19.57 16.65
C8 ADE U . -0.03 18.39 16.15
N7 ADE U . 1.26 18.43 15.86
C5 ADE U . 1.62 19.73 16.22
C6 ADE U . 2.85 20.41 16.16
N6 ADE U . 3.99 19.85 15.69
N1 ADE U . 2.89 21.70 16.58
C2 ADE U . 1.75 22.26 17.04
N3 ADE U . 0.53 21.72 17.13
C4 ADE U . 0.53 20.44 16.69
S DMS V . -20.69 20.71 4.33
O DMS V . -21.65 21.53 3.54
C1 DMS V . -18.99 20.98 3.72
C2 DMS V . -20.90 18.95 3.92
K K W . 7.39 18.07 14.44
P PO4 X . 15.13 33.29 11.26
O1 PO4 X . 14.22 34.50 11.28
O2 PO4 X . 14.54 32.22 12.17
O3 PO4 X . 16.51 33.61 11.79
O4 PO4 X . 15.26 32.83 9.83
P PO4 Y . -3.84 20.02 16.07
O1 PO4 Y . -5.36 19.95 16.08
O2 PO4 Y . -3.23 18.76 15.54
O3 PO4 Y . -3.35 20.28 17.47
O4 PO4 Y . -3.30 21.11 15.14
P PO4 Z . 0.50 -26.17 33.81
O1 PO4 Z . 0.18 -25.56 32.46
O2 PO4 Z . -0.75 -26.78 34.43
O3 PO4 Z . 1.05 -25.10 34.72
O4 PO4 Z . 1.52 -27.24 33.65
P PO4 AA . -18.65 27.61 -7.24
O1 PO4 AA . -19.15 28.57 -8.30
O2 PO4 AA . -19.64 26.49 -7.04
O3 PO4 AA . -18.47 28.36 -5.94
O4 PO4 AA . -17.32 27.05 -7.66
P PO4 BA . -4.67 -11.45 29.68
O1 PO4 BA . -5.39 -11.77 28.39
O2 PO4 BA . -5.63 -10.68 30.56
O3 PO4 BA . -3.47 -10.61 29.37
O4 PO4 BA . -4.24 -12.73 30.36
PA NAD CA . 22.89 -6.91 -1.60
O1A NAD CA . 24.00 -7.54 -2.37
O2A NAD CA . 21.67 -7.77 -1.46
O5B NAD CA . 22.40 -5.54 -2.30
C5B NAD CA . 23.34 -4.52 -2.67
C4B NAD CA . 22.85 -4.04 -4.01
O4B NAD CA . 23.58 -2.86 -4.41
C3B NAD CA . 23.03 -5.05 -5.15
O3B NAD CA . 21.78 -5.47 -5.66
C2B NAD CA . 23.89 -4.31 -6.18
O2B NAD CA . 23.59 -4.63 -7.52
C1B NAD CA . 23.60 -2.87 -5.81
N9A NAD CA . 24.62 -1.93 -6.26
C8A NAD CA . 25.98 -2.07 -6.21
N7A NAD CA . 26.64 -1.07 -6.73
C5A NAD CA . 25.65 -0.20 -7.16
C6A NAD CA . 25.70 1.05 -7.81
N6A NAD CA . 26.84 1.66 -8.14
N1A NAD CA . 24.52 1.64 -8.11
C2A NAD CA . 23.38 1.02 -7.77
N3A NAD CA . 23.21 -0.15 -7.15
C4A NAD CA . 24.39 -0.71 -6.88
O3 NAD CA . 23.39 -6.48 -0.16
PN NAD CA . 22.48 -6.13 1.10
O1N NAD CA . 22.27 -7.35 1.93
O2N NAD CA . 21.31 -5.37 0.61
O5D NAD CA . 23.42 -5.16 1.92
C5D NAD CA . 23.80 -3.85 1.43
C4D NAD CA . 24.68 -3.20 2.45
O4D NAD CA . 23.92 -2.91 3.65
C3D NAD CA . 25.87 -4.03 2.91
O3D NAD CA . 26.95 -3.15 3.19
C2D NAD CA . 25.33 -4.68 4.20
O2D NAD CA . 26.38 -5.13 5.05
C1D NAD CA . 24.54 -3.50 4.76
N1N NAD CA . 23.51 -3.85 5.76
C2N NAD CA . 23.08 -2.87 6.58
C3N NAD CA . 22.05 -3.11 7.47
C7N NAD CA . 21.53 -2.02 8.38
O7N NAD CA . 20.84 -2.32 9.37
N7N NAD CA . 21.94 -0.78 8.17
C4N NAD CA . 21.45 -4.36 7.48
C5N NAD CA . 21.92 -5.36 6.64
C6N NAD CA . 22.96 -5.09 5.78
N9 ADE DA . 21.86 -4.33 12.89
C8 ADE DA . 20.74 -3.61 12.56
N7 ADE DA . 20.01 -3.25 13.61
C5 ADE DA . 20.69 -3.78 14.68
C6 ADE DA . 20.43 -3.77 16.07
N6 ADE DA . 19.36 -3.17 16.61
N1 ADE DA . 21.32 -4.38 16.89
C2 ADE DA . 22.38 -4.99 16.34
N3 ADE DA . 22.72 -5.07 15.05
C4 ADE DA . 21.83 -4.44 14.27
S DMS EA . 20.52 -20.68 -3.79
O DMS EA . 19.42 -20.86 -2.78
C1 DMS EA . 20.01 -19.48 -5.06
C2 DMS EA . 20.82 -22.16 -4.77
S DMS FA . 37.34 -27.53 0.66
O DMS FA . 37.31 -26.62 1.85
C1 DMS FA . 39.03 -27.53 -0.03
C2 DMS FA . 36.45 -26.77 -0.72
K K GA . 16.20 -1.21 18.14
P PO4 HA . 21.06 23.04 -7.02
O1 PO4 HA . 21.00 24.52 -7.33
O2 PO4 HA . 20.61 22.80 -5.61
O3 PO4 HA . 22.47 22.54 -7.21
O4 PO4 HA . 20.17 22.29 -7.98
P PO4 IA . 17.02 -10.41 32.85
O1 PO4 IA . 15.62 -10.91 32.59
O2 PO4 IA . 17.01 -9.71 34.19
O3 PO4 IA . 17.47 -9.43 31.80
O4 PO4 IA . 18.01 -11.56 32.87
P PO4 JA . 22.93 -6.40 10.49
O1 PO4 JA . 21.75 -5.55 10.12
O2 PO4 JA . 23.53 -7.05 9.26
O3 PO4 JA . 22.34 -7.47 11.40
O4 PO4 JA . 23.93 -5.53 11.21
P PO4 KA . 13.56 -31.36 0.41
O1 PO4 KA . 12.50 -30.46 0.96
O2 PO4 KA . 13.08 -32.80 0.49
O3 PO4 KA . 13.85 -30.97 -1.02
O4 PO4 KA . 14.82 -31.21 1.23
#